data_1FEW
# 
_entry.id   1FEW 
# 
_audit_conform.dict_name       mmcif_pdbx.dic 
_audit_conform.dict_version    5.385 
_audit_conform.dict_location   http://mmcif.pdb.org/dictionaries/ascii/mmcif_pdbx.dic 
# 
loop_
_database_2.database_id 
_database_2.database_code 
_database_2.pdbx_database_accession 
_database_2.pdbx_DOI 
PDB   1FEW         pdb_00001few 10.2210/pdb1few/pdb 
RCSB  RCSB011525   ?            ?                   
WWPDB D_1000011525 ?            ?                   
# 
loop_
_pdbx_audit_revision_history.ordinal 
_pdbx_audit_revision_history.data_content_type 
_pdbx_audit_revision_history.major_revision 
_pdbx_audit_revision_history.minor_revision 
_pdbx_audit_revision_history.revision_date 
1 'Structure model' 1 0 2000-09-13 
2 'Structure model' 1 1 2008-04-27 
3 'Structure model' 1 2 2011-07-13 
4 'Structure model' 1 3 2024-02-07 
# 
_pdbx_audit_revision_details.ordinal             1 
_pdbx_audit_revision_details.revision_ordinal    1 
_pdbx_audit_revision_details.data_content_type   'Structure model' 
_pdbx_audit_revision_details.provider            repository 
_pdbx_audit_revision_details.type                'Initial release' 
_pdbx_audit_revision_details.description         ? 
_pdbx_audit_revision_details.details             ? 
# 
loop_
_pdbx_audit_revision_group.ordinal 
_pdbx_audit_revision_group.revision_ordinal 
_pdbx_audit_revision_group.data_content_type 
_pdbx_audit_revision_group.group 
1 2 'Structure model' 'Version format compliance' 
2 3 'Structure model' 'Derived calculations'      
3 3 'Structure model' 'Version format compliance' 
4 4 'Structure model' 'Data collection'           
5 4 'Structure model' 'Database references'       
# 
loop_
_pdbx_audit_revision_category.ordinal 
_pdbx_audit_revision_category.revision_ordinal 
_pdbx_audit_revision_category.data_content_type 
_pdbx_audit_revision_category.category 
1 4 'Structure model' chem_comp_atom     
2 4 'Structure model' chem_comp_bond     
3 4 'Structure model' database_2         
4 4 'Structure model' struct_ref_seq_dif 
# 
loop_
_pdbx_audit_revision_item.ordinal 
_pdbx_audit_revision_item.revision_ordinal 
_pdbx_audit_revision_item.data_content_type 
_pdbx_audit_revision_item.item 
1 4 'Structure model' '_database_2.pdbx_DOI'                
2 4 'Structure model' '_database_2.pdbx_database_accession' 
3 4 'Structure model' '_struct_ref_seq_dif.details'         
# 
_pdbx_database_status.status_code                     REL 
_pdbx_database_status.entry_id                        1FEW 
_pdbx_database_status.recvd_initial_deposition_date   2000-07-23 
_pdbx_database_status.deposit_site                    RCSB 
_pdbx_database_status.process_site                    RCSB 
_pdbx_database_status.SG_entry                        . 
_pdbx_database_status.pdb_format_compatible           Y 
_pdbx_database_status.status_code_mr                  ? 
_pdbx_database_status.status_code_sf                  ? 
_pdbx_database_status.status_code_cs                  ? 
_pdbx_database_status.status_code_nmr_data            ? 
_pdbx_database_status.methods_development_category    ? 
# 
loop_
_audit_author.name 
_audit_author.pdbx_ordinal 
'Chai, J.' 1 
'Shi, Y.'  2 
# 
_citation.id                        primary 
_citation.title                     'Structural and biochemical basis of apoptotic activation by Smac/DIABLO.' 
_citation.journal_abbrev            Nature 
_citation.journal_volume            406 
_citation.page_first                855 
_citation.page_last                 862 
_citation.year                      2000 
_citation.journal_id_ASTM           NATUAS 
_citation.country                   UK 
_citation.journal_id_ISSN           0028-0836 
_citation.journal_id_CSD            0006 
_citation.book_publisher            ? 
_citation.pdbx_database_id_PubMed   10972280 
_citation.pdbx_database_id_DOI      10.1038/35022514 
# 
loop_
_citation_author.citation_id 
_citation_author.name 
_citation_author.ordinal 
_citation_author.identifier_ORCID 
primary 'Chai, J.' 1 ? 
primary 'Du, C.'   2 ? 
primary 'Wu, J.W.' 3 ? 
primary 'Kyin, S.' 4 ? 
primary 'Wang, X.' 5 ? 
primary 'Shi, Y.'  6 ? 
# 
_entity.id                         1 
_entity.type                       polymer 
_entity.src_method                 man 
_entity.pdbx_description           'SECOND MITOCHONDRIA-DERIVED ACTIVATOR OF CASPASES' 
_entity.formula_weight             20759.084 
_entity.pdbx_number_of_molecules   1 
_entity.pdbx_ec                    ? 
_entity.pdbx_mutation              ? 
_entity.pdbx_fragment              SMAC/DIABLO 
_entity.details                    ? 
# 
_entity_poly.entity_id                      1 
_entity_poly.type                           'polypeptide(L)' 
_entity_poly.nstd_linkage                   no 
_entity_poly.nstd_monomer                   no 
_entity_poly.pdbx_seq_one_letter_code       
;AVPIAQKSEPHSLSSEALMRRAVSLVTDSTSTFLSQTTYALIEAITEYTKAVYTLTSLYRQYTSLLGKMNSEEEDEVWQV
IIGARAEMTSKHQEYLKLETTWMTAVGLSEMAAEAAYQTGADQASITARNHIQLVKLQVEEVHQLSRKAETKLAEAQIEE
LKQKTQEEGEERAESEQEAYLRED
;
_entity_poly.pdbx_seq_one_letter_code_can   
;AVPIAQKSEPHSLSSEALMRRAVSLVTDSTSTFLSQTTYALIEAITEYTKAVYTLTSLYRQYTSLLGKMNSEEEDEVWQV
IIGARAEMTSKHQEYLKLETTWMTAVGLSEMAAEAAYQTGADQASITARNHIQLVKLQVEEVHQLSRKAETKLAEAQIEE
LKQKTQEEGEERAESEQEAYLRED
;
_entity_poly.pdbx_strand_id                 A 
_entity_poly.pdbx_target_identifier         ? 
# 
loop_
_entity_poly_seq.entity_id 
_entity_poly_seq.num 
_entity_poly_seq.mon_id 
_entity_poly_seq.hetero 
1 1   ALA n 
1 2   VAL n 
1 3   PRO n 
1 4   ILE n 
1 5   ALA n 
1 6   GLN n 
1 7   LYS n 
1 8   SER n 
1 9   GLU n 
1 10  PRO n 
1 11  HIS n 
1 12  SER n 
1 13  LEU n 
1 14  SER n 
1 15  SER n 
1 16  GLU n 
1 17  ALA n 
1 18  LEU n 
1 19  MET n 
1 20  ARG n 
1 21  ARG n 
1 22  ALA n 
1 23  VAL n 
1 24  SER n 
1 25  LEU n 
1 26  VAL n 
1 27  THR n 
1 28  ASP n 
1 29  SER n 
1 30  THR n 
1 31  SER n 
1 32  THR n 
1 33  PHE n 
1 34  LEU n 
1 35  SER n 
1 36  GLN n 
1 37  THR n 
1 38  THR n 
1 39  TYR n 
1 40  ALA n 
1 41  LEU n 
1 42  ILE n 
1 43  GLU n 
1 44  ALA n 
1 45  ILE n 
1 46  THR n 
1 47  GLU n 
1 48  TYR n 
1 49  THR n 
1 50  LYS n 
1 51  ALA n 
1 52  VAL n 
1 53  TYR n 
1 54  THR n 
1 55  LEU n 
1 56  THR n 
1 57  SER n 
1 58  LEU n 
1 59  TYR n 
1 60  ARG n 
1 61  GLN n 
1 62  TYR n 
1 63  THR n 
1 64  SER n 
1 65  LEU n 
1 66  LEU n 
1 67  GLY n 
1 68  LYS n 
1 69  MET n 
1 70  ASN n 
1 71  SER n 
1 72  GLU n 
1 73  GLU n 
1 74  GLU n 
1 75  ASP n 
1 76  GLU n 
1 77  VAL n 
1 78  TRP n 
1 79  GLN n 
1 80  VAL n 
1 81  ILE n 
1 82  ILE n 
1 83  GLY n 
1 84  ALA n 
1 85  ARG n 
1 86  ALA n 
1 87  GLU n 
1 88  MET n 
1 89  THR n 
1 90  SER n 
1 91  LYS n 
1 92  HIS n 
1 93  GLN n 
1 94  GLU n 
1 95  TYR n 
1 96  LEU n 
1 97  LYS n 
1 98  LEU n 
1 99  GLU n 
1 100 THR n 
1 101 THR n 
1 102 TRP n 
1 103 MET n 
1 104 THR n 
1 105 ALA n 
1 106 VAL n 
1 107 GLY n 
1 108 LEU n 
1 109 SER n 
1 110 GLU n 
1 111 MET n 
1 112 ALA n 
1 113 ALA n 
1 114 GLU n 
1 115 ALA n 
1 116 ALA n 
1 117 TYR n 
1 118 GLN n 
1 119 THR n 
1 120 GLY n 
1 121 ALA n 
1 122 ASP n 
1 123 GLN n 
1 124 ALA n 
1 125 SER n 
1 126 ILE n 
1 127 THR n 
1 128 ALA n 
1 129 ARG n 
1 130 ASN n 
1 131 HIS n 
1 132 ILE n 
1 133 GLN n 
1 134 LEU n 
1 135 VAL n 
1 136 LYS n 
1 137 LEU n 
1 138 GLN n 
1 139 VAL n 
1 140 GLU n 
1 141 GLU n 
1 142 VAL n 
1 143 HIS n 
1 144 GLN n 
1 145 LEU n 
1 146 SER n 
1 147 ARG n 
1 148 LYS n 
1 149 ALA n 
1 150 GLU n 
1 151 THR n 
1 152 LYS n 
1 153 LEU n 
1 154 ALA n 
1 155 GLU n 
1 156 ALA n 
1 157 GLN n 
1 158 ILE n 
1 159 GLU n 
1 160 GLU n 
1 161 LEU n 
1 162 LYS n 
1 163 GLN n 
1 164 LYS n 
1 165 THR n 
1 166 GLN n 
1 167 GLU n 
1 168 GLU n 
1 169 GLY n 
1 170 GLU n 
1 171 GLU n 
1 172 ARG n 
1 173 ALA n 
1 174 GLU n 
1 175 SER n 
1 176 GLU n 
1 177 GLN n 
1 178 GLU n 
1 179 ALA n 
1 180 TYR n 
1 181 LEU n 
1 182 ARG n 
1 183 GLU n 
1 184 ASP n 
# 
_entity_src_gen.entity_id                          1 
_entity_src_gen.pdbx_src_id                        1 
_entity_src_gen.pdbx_alt_source_flag               sample 
_entity_src_gen.pdbx_seq_type                      ? 
_entity_src_gen.pdbx_beg_seq_num                   ? 
_entity_src_gen.pdbx_end_seq_num                   ? 
_entity_src_gen.gene_src_common_name               human 
_entity_src_gen.gene_src_genus                     Homo 
_entity_src_gen.pdbx_gene_src_gene                 ? 
_entity_src_gen.gene_src_species                   ? 
_entity_src_gen.gene_src_strain                    ? 
_entity_src_gen.gene_src_tissue                    ? 
_entity_src_gen.gene_src_tissue_fraction           ? 
_entity_src_gen.gene_src_details                   ? 
_entity_src_gen.pdbx_gene_src_fragment             ? 
_entity_src_gen.pdbx_gene_src_scientific_name      'Homo sapiens' 
_entity_src_gen.pdbx_gene_src_ncbi_taxonomy_id     9606 
_entity_src_gen.pdbx_gene_src_variant              ? 
_entity_src_gen.pdbx_gene_src_cell_line            ? 
_entity_src_gen.pdbx_gene_src_atcc                 ? 
_entity_src_gen.pdbx_gene_src_organ                ? 
_entity_src_gen.pdbx_gene_src_organelle            ? 
_entity_src_gen.pdbx_gene_src_cell                 ? 
_entity_src_gen.pdbx_gene_src_cellular_location    ? 
_entity_src_gen.host_org_common_name               ? 
_entity_src_gen.pdbx_host_org_scientific_name      'Escherichia coli' 
_entity_src_gen.pdbx_host_org_ncbi_taxonomy_id     562 
_entity_src_gen.host_org_genus                     Escherichia 
_entity_src_gen.pdbx_host_org_gene                 ? 
_entity_src_gen.pdbx_host_org_organ                ? 
_entity_src_gen.host_org_species                   ? 
_entity_src_gen.pdbx_host_org_tissue               ? 
_entity_src_gen.pdbx_host_org_tissue_fraction      ? 
_entity_src_gen.pdbx_host_org_strain               ? 
_entity_src_gen.pdbx_host_org_variant              ? 
_entity_src_gen.pdbx_host_org_cell_line            ? 
_entity_src_gen.pdbx_host_org_atcc                 ? 
_entity_src_gen.pdbx_host_org_culture_collection   ? 
_entity_src_gen.pdbx_host_org_cell                 ? 
_entity_src_gen.pdbx_host_org_organelle            ? 
_entity_src_gen.pdbx_host_org_cellular_location    ? 
_entity_src_gen.pdbx_host_org_vector_type          PLASMID 
_entity_src_gen.pdbx_host_org_vector               ? 
_entity_src_gen.host_org_details                   ? 
_entity_src_gen.expression_system_id               ? 
_entity_src_gen.plasmid_name                       PET-15B 
_entity_src_gen.plasmid_details                    ? 
_entity_src_gen.pdbx_description                   ? 
# 
loop_
_chem_comp.id 
_chem_comp.type 
_chem_comp.mon_nstd_flag 
_chem_comp.name 
_chem_comp.pdbx_synonyms 
_chem_comp.formula 
_chem_comp.formula_weight 
ALA 'L-peptide linking' y ALANINE         ? 'C3 H7 N O2'     89.093  
ARG 'L-peptide linking' y ARGININE        ? 'C6 H15 N4 O2 1' 175.209 
ASN 'L-peptide linking' y ASPARAGINE      ? 'C4 H8 N2 O3'    132.118 
ASP 'L-peptide linking' y 'ASPARTIC ACID' ? 'C4 H7 N O4'     133.103 
GLN 'L-peptide linking' y GLUTAMINE       ? 'C5 H10 N2 O3'   146.144 
GLU 'L-peptide linking' y 'GLUTAMIC ACID' ? 'C5 H9 N O4'     147.129 
GLY 'peptide linking'   y GLYCINE         ? 'C2 H5 N O2'     75.067  
HIS 'L-peptide linking' y HISTIDINE       ? 'C6 H10 N3 O2 1' 156.162 
ILE 'L-peptide linking' y ISOLEUCINE      ? 'C6 H13 N O2'    131.173 
LEU 'L-peptide linking' y LEUCINE         ? 'C6 H13 N O2'    131.173 
LYS 'L-peptide linking' y LYSINE          ? 'C6 H15 N2 O2 1' 147.195 
MET 'L-peptide linking' y METHIONINE      ? 'C5 H11 N O2 S'  149.211 
PHE 'L-peptide linking' y PHENYLALANINE   ? 'C9 H11 N O2'    165.189 
PRO 'L-peptide linking' y PROLINE         ? 'C5 H9 N O2'     115.130 
SER 'L-peptide linking' y SERINE          ? 'C3 H7 N O3'     105.093 
THR 'L-peptide linking' y THREONINE       ? 'C4 H9 N O3'     119.119 
TRP 'L-peptide linking' y TRYPTOPHAN      ? 'C11 H12 N2 O2'  204.225 
TYR 'L-peptide linking' y TYROSINE        ? 'C9 H11 N O3'    181.189 
VAL 'L-peptide linking' y VALINE          ? 'C5 H11 N O2'    117.146 
# 
loop_
_pdbx_poly_seq_scheme.asym_id 
_pdbx_poly_seq_scheme.entity_id 
_pdbx_poly_seq_scheme.seq_id 
_pdbx_poly_seq_scheme.mon_id 
_pdbx_poly_seq_scheme.ndb_seq_num 
_pdbx_poly_seq_scheme.pdb_seq_num 
_pdbx_poly_seq_scheme.auth_seq_num 
_pdbx_poly_seq_scheme.pdb_mon_id 
_pdbx_poly_seq_scheme.auth_mon_id 
_pdbx_poly_seq_scheme.pdb_strand_id 
_pdbx_poly_seq_scheme.pdb_ins_code 
_pdbx_poly_seq_scheme.hetero 
A 1 1   ALA 1   1   ?   ?   ?   A . n 
A 1 2   VAL 2   2   ?   ?   ?   A . n 
A 1 3   PRO 3   3   ?   ?   ?   A . n 
A 1 4   ILE 4   4   ?   ?   ?   A . n 
A 1 5   ALA 5   5   ?   ?   ?   A . n 
A 1 6   GLN 6   6   ?   ?   ?   A . n 
A 1 7   LYS 7   7   ?   ?   ?   A . n 
A 1 8   SER 8   8   ?   ?   ?   A . n 
A 1 9   GLU 9   9   ?   ?   ?   A . n 
A 1 10  PRO 10  10  ?   ?   ?   A . n 
A 1 11  HIS 11  11  ?   ?   ?   A . n 
A 1 12  SER 12  12  12  SER SER A . n 
A 1 13  LEU 13  13  13  LEU LEU A . n 
A 1 14  SER 14  14  14  SER SER A . n 
A 1 15  SER 15  15  15  SER SER A . n 
A 1 16  GLU 16  16  16  GLU GLU A . n 
A 1 17  ALA 17  17  17  ALA ALA A . n 
A 1 18  LEU 18  18  18  LEU LEU A . n 
A 1 19  MET 19  19  19  MET MET A . n 
A 1 20  ARG 20  20  20  ARG ARG A . n 
A 1 21  ARG 21  21  21  ARG ARG A . n 
A 1 22  ALA 22  22  22  ALA ALA A . n 
A 1 23  VAL 23  23  23  VAL VAL A . n 
A 1 24  SER 24  24  24  SER SER A . n 
A 1 25  LEU 25  25  25  LEU LEU A . n 
A 1 26  VAL 26  26  26  VAL VAL A . n 
A 1 27  THR 27  27  27  THR THR A . n 
A 1 28  ASP 28  28  28  ASP ASP A . n 
A 1 29  SER 29  29  29  SER SER A . n 
A 1 30  THR 30  30  30  THR THR A . n 
A 1 31  SER 31  31  31  SER SER A . n 
A 1 32  THR 32  32  32  THR THR A . n 
A 1 33  PHE 33  33  33  PHE PHE A . n 
A 1 34  LEU 34  34  34  LEU LEU A . n 
A 1 35  SER 35  35  35  SER SER A . n 
A 1 36  GLN 36  36  36  GLN GLN A . n 
A 1 37  THR 37  37  37  THR THR A . n 
A 1 38  THR 38  38  38  THR THR A . n 
A 1 39  TYR 39  39  39  TYR TYR A . n 
A 1 40  ALA 40  40  40  ALA ALA A . n 
A 1 41  LEU 41  41  41  LEU LEU A . n 
A 1 42  ILE 42  42  42  ILE ILE A . n 
A 1 43  GLU 43  43  43  GLU GLU A . n 
A 1 44  ALA 44  44  44  ALA ALA A . n 
A 1 45  ILE 45  45  45  ILE ILE A . n 
A 1 46  THR 46  46  46  THR THR A . n 
A 1 47  GLU 47  47  47  GLU GLU A . n 
A 1 48  TYR 48  48  48  TYR TYR A . n 
A 1 49  THR 49  49  49  THR THR A . n 
A 1 50  LYS 50  50  50  LYS LYS A . n 
A 1 51  ALA 51  51  51  ALA ALA A . n 
A 1 52  VAL 52  52  52  VAL VAL A . n 
A 1 53  TYR 53  53  53  TYR TYR A . n 
A 1 54  THR 54  54  54  THR THR A . n 
A 1 55  LEU 55  55  55  LEU LEU A . n 
A 1 56  THR 56  56  56  THR THR A . n 
A 1 57  SER 57  57  57  SER SER A . n 
A 1 58  LEU 58  58  58  LEU LEU A . n 
A 1 59  TYR 59  59  59  TYR TYR A . n 
A 1 60  ARG 60  60  60  ARG ARG A . n 
A 1 61  GLN 61  61  61  GLN GLN A . n 
A 1 62  TYR 62  62  62  TYR TYR A . n 
A 1 63  THR 63  63  63  THR THR A . n 
A 1 64  SER 64  64  64  SER SER A . n 
A 1 65  LEU 65  65  65  LEU LEU A . n 
A 1 66  LEU 66  66  66  LEU LEU A . n 
A 1 67  GLY 67  67  67  GLY GLY A . n 
A 1 68  LYS 68  68  68  LYS LYS A . n 
A 1 69  MET 69  69  69  MET MET A . n 
A 1 70  ASN 70  70  70  ASN ASN A . n 
A 1 71  SER 71  71  71  SER SER A . n 
A 1 72  GLU 72  72  72  GLU GLU A . n 
A 1 73  GLU 73  73  73  GLU GLU A . n 
A 1 74  GLU 74  74  74  GLU GLU A . n 
A 1 75  ASP 75  75  75  ASP ASP A . n 
A 1 76  GLU 76  76  76  GLU GLU A . n 
A 1 77  VAL 77  77  77  VAL VAL A . n 
A 1 78  TRP 78  78  78  TRP TRP A . n 
A 1 79  GLN 79  79  79  GLN GLN A . n 
A 1 80  VAL 80  80  80  VAL VAL A . n 
A 1 81  ILE 81  81  81  ILE ILE A . n 
A 1 82  ILE 82  82  82  ILE ILE A . n 
A 1 83  GLY 83  83  83  GLY GLY A . n 
A 1 84  ALA 84  84  84  ALA ALA A . n 
A 1 85  ARG 85  85  85  ARG ARG A . n 
A 1 86  ALA 86  86  86  ALA ALA A . n 
A 1 87  GLU 87  87  87  GLU GLU A . n 
A 1 88  MET 88  88  88  MET MET A . n 
A 1 89  THR 89  89  89  THR THR A . n 
A 1 90  SER 90  90  90  SER SER A . n 
A 1 91  LYS 91  91  91  LYS LYS A . n 
A 1 92  HIS 92  92  92  HIS HIS A . n 
A 1 93  GLN 93  93  93  GLN GLN A . n 
A 1 94  GLU 94  94  94  GLU GLU A . n 
A 1 95  TYR 95  95  95  TYR TYR A . n 
A 1 96  LEU 96  96  96  LEU LEU A . n 
A 1 97  LYS 97  97  97  LYS LYS A . n 
A 1 98  LEU 98  98  98  LEU LEU A . n 
A 1 99  GLU 99  99  99  GLU GLU A . n 
A 1 100 THR 100 100 100 THR THR A . n 
A 1 101 THR 101 101 101 THR THR A . n 
A 1 102 TRP 102 102 102 TRP TRP A . n 
A 1 103 MET 103 103 103 MET MET A . n 
A 1 104 THR 104 104 104 THR THR A . n 
A 1 105 ALA 105 105 105 ALA ALA A . n 
A 1 106 VAL 106 106 106 VAL VAL A . n 
A 1 107 GLY 107 107 107 GLY GLY A . n 
A 1 108 LEU 108 108 108 LEU LEU A . n 
A 1 109 SER 109 109 109 SER SER A . n 
A 1 110 GLU 110 110 110 GLU GLU A . n 
A 1 111 MET 111 111 111 MET MET A . n 
A 1 112 ALA 112 112 112 ALA ALA A . n 
A 1 113 ALA 113 113 113 ALA ALA A . n 
A 1 114 GLU 114 114 114 GLU GLU A . n 
A 1 115 ALA 115 115 115 ALA ALA A . n 
A 1 116 ALA 116 116 116 ALA ALA A . n 
A 1 117 TYR 117 117 117 TYR TYR A . n 
A 1 118 GLN 118 118 118 GLN GLN A . n 
A 1 119 THR 119 119 119 THR THR A . n 
A 1 120 GLY 120 120 120 GLY GLY A . n 
A 1 121 ALA 121 121 121 ALA ALA A . n 
A 1 122 ASP 122 122 122 ASP ASP A . n 
A 1 123 GLN 123 123 123 GLN GLN A . n 
A 1 124 ALA 124 124 124 ALA ALA A . n 
A 1 125 SER 125 125 125 SER SER A . n 
A 1 126 ILE 126 126 126 ILE ILE A . n 
A 1 127 THR 127 127 127 THR THR A . n 
A 1 128 ALA 128 128 128 ALA ALA A . n 
A 1 129 ARG 129 129 129 ARG ARG A . n 
A 1 130 ASN 130 130 130 ASN ASN A . n 
A 1 131 HIS 131 131 131 HIS HIS A . n 
A 1 132 ILE 132 132 132 ILE ILE A . n 
A 1 133 GLN 133 133 133 GLN GLN A . n 
A 1 134 LEU 134 134 134 LEU LEU A . n 
A 1 135 VAL 135 135 135 VAL VAL A . n 
A 1 136 LYS 136 136 136 LYS LYS A . n 
A 1 137 LEU 137 137 137 LEU LEU A . n 
A 1 138 GLN 138 138 138 GLN GLN A . n 
A 1 139 VAL 139 139 139 VAL VAL A . n 
A 1 140 GLU 140 140 140 GLU GLU A . n 
A 1 141 GLU 141 141 141 GLU GLU A . n 
A 1 142 VAL 142 142 142 VAL VAL A . n 
A 1 143 HIS 143 143 143 HIS HIS A . n 
A 1 144 GLN 144 144 144 GLN GLN A . n 
A 1 145 LEU 145 145 145 LEU LEU A . n 
A 1 146 SER 146 146 146 SER SER A . n 
A 1 147 ARG 147 147 147 ARG ARG A . n 
A 1 148 LYS 148 148 148 LYS LYS A . n 
A 1 149 ALA 149 149 149 ALA ALA A . n 
A 1 150 GLU 150 150 150 GLU GLU A . n 
A 1 151 THR 151 151 151 THR THR A . n 
A 1 152 LYS 152 152 152 LYS LYS A . n 
A 1 153 LEU 153 153 153 LEU LEU A . n 
A 1 154 ALA 154 154 154 ALA ALA A . n 
A 1 155 GLU 155 155 155 GLU GLU A . n 
A 1 156 ALA 156 156 156 ALA ALA A . n 
A 1 157 GLN 157 157 157 GLN GLN A . n 
A 1 158 ILE 158 158 158 ILE ILE A . n 
A 1 159 GLU 159 159 159 GLU GLU A . n 
A 1 160 GLU 160 160 160 GLU GLU A . n 
A 1 161 LEU 161 161 161 LEU LEU A . n 
A 1 162 LYS 162 162 162 LYS LYS A . n 
A 1 163 GLN 163 163 163 GLN GLN A . n 
A 1 164 LYS 164 164 164 LYS LYS A . n 
A 1 165 THR 165 165 165 THR THR A . n 
A 1 166 GLN 166 166 166 GLN GLN A . n 
A 1 167 GLU 167 167 167 GLU GLU A . n 
A 1 168 GLU 168 168 168 GLU GLU A . n 
A 1 169 GLY 169 169 169 GLY GLY A . n 
A 1 170 GLU 170 170 170 GLU GLU A . n 
A 1 171 GLU 171 171 171 GLU GLU A . n 
A 1 172 ARG 172 172 172 ARG ARG A . n 
A 1 173 ALA 173 173 173 ALA ALA A . n 
A 1 174 GLU 174 174 174 GLU GLU A . n 
A 1 175 SER 175 175 175 SER SER A . n 
A 1 176 GLU 176 176 176 GLU GLU A . n 
A 1 177 GLN 177 177 177 GLN GLN A . n 
A 1 178 GLU 178 178 178 GLU GLU A . n 
A 1 179 ALA 179 179 179 ALA ALA A . n 
A 1 180 TYR 180 180 180 TYR TYR A . n 
A 1 181 LEU 181 181 181 LEU LEU A . n 
A 1 182 ARG 182 182 182 ARG ARG A . n 
A 1 183 GLU 183 183 183 GLU GLU A . n 
A 1 184 ASP 184 184 184 ASP ASP A . n 
# 
loop_
_software.name 
_software.classification 
_software.version 
_software.citation_id 
_software.pdbx_ordinal 
DM        'model building' . ? 1 
CNS       refinement       . ? 2 
DENZO     'data reduction' . ? 3 
SCALEPACK 'data scaling'   . ? 4 
DM        phasing          . ? 5 
# 
_cell.entry_id           1FEW 
_cell.length_a           108.5 
_cell.length_b           108.5 
_cell.length_c           70.4 
_cell.angle_alpha        90 
_cell.angle_beta         90 
_cell.angle_gamma        120 
_cell.Z_PDB              12 
_cell.pdbx_unique_axis   ? 
# 
_symmetry.entry_id                         1FEW 
_symmetry.space_group_name_H-M             'P 61 2 2' 
_symmetry.pdbx_full_space_group_name_H-M   ? 
_symmetry.cell_setting                     ? 
_symmetry.Int_Tables_number                178 
# 
_exptl.entry_id          1FEW 
_exptl.method            'X-RAY DIFFRACTION' 
_exptl.crystals_number   1 
# 
_exptl_crystal.id                    1 
_exptl_crystal.density_meas          ? 
_exptl_crystal.density_percent_sol   57.30 
_exptl_crystal.density_Matthews      2.88 
_exptl_crystal.description           ? 
# 
_exptl_crystal_grow.crystal_id      1 
_exptl_crystal_grow.method          'VAPOR DIFFUSION, HANGING DROP' 
_exptl_crystal_grow.pH              6.5 
_exptl_crystal_grow.temp            276.0 
_exptl_crystal_grow.temp_details    ? 
_exptl_crystal_grow.pdbx_details    'Dioxane, Ammonium Sulfate, pH 6.5, VAPOR DIFFUSION, HANGING DROP, temperature 276.0K' 
_exptl_crystal_grow.pdbx_pH_range   . 
# 
_diffrn.id                     1 
_diffrn.ambient_temp           100 
_diffrn.ambient_temp_details   ? 
_diffrn.crystal_id             1 
# 
_diffrn_detector.diffrn_id              1 
_diffrn_detector.detector               'IMAGE PLATE' 
_diffrn_detector.type                   'RIGAKU RAXIS' 
_diffrn_detector.pdbx_collection_date   2000-01-01 
_diffrn_detector.details                ? 
# 
_diffrn_radiation.diffrn_id                        1 
_diffrn_radiation.wavelength_id                    1 
_diffrn_radiation.monochromator                    ? 
_diffrn_radiation.pdbx_monochromatic_or_laue_m_l   M 
_diffrn_radiation.pdbx_diffrn_protocol             'SINGLE WAVELENGTH' 
_diffrn_radiation.pdbx_scattering_type             x-ray 
# 
_diffrn_radiation_wavelength.id           1 
_diffrn_radiation_wavelength.wavelength   1.5418 
_diffrn_radiation_wavelength.wt           1.0 
# 
_diffrn_source.diffrn_id                   1 
_diffrn_source.source                      'ROTATING ANODE' 
_diffrn_source.type                        'RIGAKU RU200' 
_diffrn_source.pdbx_wavelength             1.5418 
_diffrn_source.pdbx_synchrotron_site       ? 
_diffrn_source.pdbx_synchrotron_beamline   ? 
_diffrn_source.pdbx_wavelength_list        ? 
# 
_reflns.entry_id                     1FEW 
_reflns.observed_criterion_sigma_I   0 
_reflns.observed_criterion_sigma_F   0 
_reflns.d_resolution_low             99 
_reflns.d_resolution_high            2.2 
_reflns.number_obs                   12842 
_reflns.number_all                   12907 
_reflns.percent_possible_obs         99.5 
_reflns.pdbx_Rmerge_I_obs            0.0470000 
_reflns.pdbx_Rsym_value              ? 
_reflns.pdbx_netI_over_sigmaI        16.3 
_reflns.B_iso_Wilson_estimate        37 
_reflns.pdbx_redundancy              6 
_reflns.R_free_details               ? 
_reflns.limit_h_max                  ? 
_reflns.limit_h_min                  ? 
_reflns.limit_k_max                  ? 
_reflns.limit_k_min                  ? 
_reflns.limit_l_max                  ? 
_reflns.limit_l_min                  ? 
_reflns.observed_criterion_F_max     ? 
_reflns.observed_criterion_F_min     ? 
_reflns.pdbx_ordinal                 1 
_reflns.pdbx_diffrn_id               1 
# 
_reflns_shell.d_res_high             2.2 
_reflns_shell.d_res_low              2.28 
_reflns_shell.percent_possible_obs   ? 
_reflns_shell.percent_possible_all   97.9 
_reflns_shell.Rmerge_I_obs           0.2420000 
_reflns_shell.meanI_over_sigI_obs    ? 
_reflns_shell.pdbx_Rsym_value        ? 
_reflns_shell.pdbx_redundancy        2.5 
_reflns_shell.number_unique_all      1219 
_reflns_shell.pdbx_ordinal           1 
_reflns_shell.pdbx_diffrn_id         1 
# 
_refine.entry_id                                 1FEW 
_refine.ls_number_reflns_obs                     11728 
_refine.ls_number_reflns_all                     12831 
_refine.pdbx_ls_sigma_I                          2 
_refine.pdbx_ls_sigma_F                          2 
_refine.pdbx_data_cutoff_high_absF               ? 
_refine.pdbx_data_cutoff_low_absF                ? 
_refine.ls_d_res_low                             15 
_refine.ls_d_res_high                            2.2 
_refine.ls_percent_reflns_obs                    91.4 
_refine.ls_R_factor_obs                          0.2470000 
_refine.ls_R_factor_all                          0.2500000 
_refine.ls_R_factor_R_work                       0.2450000 
_refine.ls_R_factor_R_free                       0.2590000 
_refine.ls_R_factor_R_free_error                 ? 
_refine.ls_R_factor_R_free_error_details         ? 
_refine.ls_percent_reflns_R_free                 ? 
_refine.ls_number_reflns_R_free                  622 
_refine.ls_number_parameters                     ? 
_refine.ls_number_restraints                     ? 
_refine.occupancy_min                            ? 
_refine.occupancy_max                            ? 
_refine.B_iso_mean                               ? 
_refine.aniso_B[1][1]                            ? 
_refine.aniso_B[2][2]                            ? 
_refine.aniso_B[3][3]                            ? 
_refine.aniso_B[1][2]                            ? 
_refine.aniso_B[1][3]                            ? 
_refine.aniso_B[2][3]                            ? 
_refine.solvent_model_details                    ? 
_refine.solvent_model_param_ksol                 ? 
_refine.solvent_model_param_bsol                 ? 
_refine.pdbx_ls_cross_valid_method               ? 
_refine.details                                  'Used weighted full matrix least squares procedure.' 
_refine.pdbx_starting_model                      ? 
_refine.pdbx_method_to_determine_struct          ? 
_refine.pdbx_isotropic_thermal_model             ? 
_refine.pdbx_stereochemistry_target_values       'Engh & Huber' 
_refine.pdbx_stereochem_target_val_spec_case     ? 
_refine.pdbx_R_Free_selection_details            random 
_refine.pdbx_overall_ESU_R_Free                  ? 
_refine.overall_SU_B                             ? 
_refine.ls_redundancy_reflns_obs                 ? 
_refine.B_iso_min                                ? 
_refine.B_iso_max                                ? 
_refine.overall_SU_ML                            ? 
_refine.pdbx_overall_ESU_R                       ? 
_refine.pdbx_data_cutoff_high_rms_absF           ? 
_refine.pdbx_refine_id                           'X-RAY DIFFRACTION' 
_refine.pdbx_diffrn_id                           1 
_refine.pdbx_TLS_residual_ADP_flag               ? 
_refine.correlation_coeff_Fo_to_Fc               ? 
_refine.correlation_coeff_Fo_to_Fc_free          ? 
_refine.pdbx_solvent_vdw_probe_radii             ? 
_refine.pdbx_solvent_ion_probe_radii             ? 
_refine.pdbx_solvent_shrinkage_radii             ? 
_refine.pdbx_overall_phase_error                 ? 
_refine.overall_SU_R_Cruickshank_DPI             ? 
_refine.pdbx_overall_SU_R_free_Cruickshank_DPI   ? 
_refine.pdbx_overall_SU_R_Blow_DPI               ? 
_refine.pdbx_overall_SU_R_free_Blow_DPI          ? 
# 
_refine_hist.pdbx_refine_id                   'X-RAY DIFFRACTION' 
_refine_hist.cycle_id                         LAST 
_refine_hist.pdbx_number_atoms_protein        1373 
_refine_hist.pdbx_number_atoms_nucleic_acid   0 
_refine_hist.pdbx_number_atoms_ligand         0 
_refine_hist.number_atoms_solvent             0 
_refine_hist.number_atoms_total               1373 
_refine_hist.d_res_high                       2.2 
_refine_hist.d_res_low                        15 
# 
loop_
_refine_ls_restr.type 
_refine_ls_restr.dev_ideal 
_refine_ls_restr.dev_ideal_target 
_refine_ls_restr.weight 
_refine_ls_restr.number 
_refine_ls_restr.pdbx_refine_id 
_refine_ls_restr.pdbx_restraint_function 
c_bond_d    0.006 ? ? ? 'X-RAY DIFFRACTION' ? 
c_angle_deg 1.012 ? ? ? 'X-RAY DIFFRACTION' ? 
# 
_struct.entry_id                  1FEW 
_struct.title                     'CRYSTAL STRUCTURE OF SMAC/DIABLO' 
_struct.pdbx_model_details        ? 
_struct.pdbx_CASP_flag            ? 
_struct.pdbx_model_type_details   ? 
# 
_struct_keywords.entry_id        1FEW 
_struct_keywords.pdbx_keywords   APOPTOSIS 
_struct_keywords.text            'Smac, DIABLO, apoptosis, caspase activation, IAP inhibition' 
# 
_struct_asym.id                            A 
_struct_asym.pdbx_blank_PDB_chainid_flag   N 
_struct_asym.pdbx_modified                 N 
_struct_asym.entity_id                     1 
_struct_asym.details                       ? 
# 
_struct_ref.id                         1 
_struct_ref.db_code                    DBLOH_HUMAN 
_struct_ref.db_name                    UNP 
_struct_ref.entity_id                  1 
_struct_ref.pdbx_db_accession          Q9NR28 
_struct_ref.pdbx_align_begin           56 
_struct_ref.pdbx_seq_one_letter_code   
;AVPIAQKSEPHSLSSEALMRRAVSLVTDSTSTFLSQTTYALIEAITEYTKAVYTLTSLYRQYTSLLGKMNSEEEDEVWQV
IIGARAEMTSKHQEYLKLETTWMTAVGLSEMAAEAAYQTGADQASITARNHIQLVKLQVEEVHQLSRKAETKLAEAQIEE
LRQKTQEEGEERAESEQEAYLRED
;
_struct_ref.pdbx_db_isoform            ? 
# 
_struct_ref_seq.align_id                      1 
_struct_ref_seq.ref_id                        1 
_struct_ref_seq.pdbx_PDB_id_code              1FEW 
_struct_ref_seq.pdbx_strand_id                A 
_struct_ref_seq.seq_align_beg                 1 
_struct_ref_seq.pdbx_seq_align_beg_ins_code   ? 
_struct_ref_seq.seq_align_end                 184 
_struct_ref_seq.pdbx_seq_align_end_ins_code   ? 
_struct_ref_seq.pdbx_db_accession             Q9NR28 
_struct_ref_seq.db_align_beg                  56 
_struct_ref_seq.pdbx_db_align_beg_ins_code    ? 
_struct_ref_seq.db_align_end                  239 
_struct_ref_seq.pdbx_db_align_end_ins_code    ? 
_struct_ref_seq.pdbx_auth_seq_align_beg       1 
_struct_ref_seq.pdbx_auth_seq_align_end       184 
# 
_struct_ref_seq_dif.align_id                     1 
_struct_ref_seq_dif.pdbx_pdb_id_code             1FEW 
_struct_ref_seq_dif.mon_id                       LYS 
_struct_ref_seq_dif.pdbx_pdb_strand_id           A 
_struct_ref_seq_dif.seq_num                      162 
_struct_ref_seq_dif.pdbx_pdb_ins_code            ? 
_struct_ref_seq_dif.pdbx_seq_db_name             UNP 
_struct_ref_seq_dif.pdbx_seq_db_accession_code   Q9NR28 
_struct_ref_seq_dif.db_mon_id                    ARG 
_struct_ref_seq_dif.pdbx_seq_db_seq_num          217 
_struct_ref_seq_dif.details                      conflict 
_struct_ref_seq_dif.pdbx_auth_seq_num            162 
_struct_ref_seq_dif.pdbx_ordinal                 1 
# 
loop_
_pdbx_struct_assembly.id 
_pdbx_struct_assembly.details 
_pdbx_struct_assembly.method_details 
_pdbx_struct_assembly.oligomeric_details 
_pdbx_struct_assembly.oligomeric_count 
1 author_and_software_defined_assembly PISA     dimeric 2 
2 software_defined_assembly            PISA,PQS dimeric 2 
# 
loop_
_pdbx_struct_assembly_prop.biol_id 
_pdbx_struct_assembly_prop.type 
_pdbx_struct_assembly_prop.value 
_pdbx_struct_assembly_prop.details 
1 'ABSA (A^2)' 2210  ? 
1 MORE         -9    ? 
1 'SSA (A^2)'  20320 ? 
2 'ABSA (A^2)' 2000  ? 
2 MORE         -21   ? 
2 'SSA (A^2)'  20530 ? 
# 
loop_
_pdbx_struct_assembly_gen.assembly_id 
_pdbx_struct_assembly_gen.oper_expression 
_pdbx_struct_assembly_gen.asym_id_list 
1 1,2 A 
2 1,3 A 
# 
loop_
_pdbx_struct_oper_list.id 
_pdbx_struct_oper_list.type 
_pdbx_struct_oper_list.name 
_pdbx_struct_oper_list.symmetry_operation 
_pdbx_struct_oper_list.matrix[1][1] 
_pdbx_struct_oper_list.matrix[1][2] 
_pdbx_struct_oper_list.matrix[1][3] 
_pdbx_struct_oper_list.vector[1] 
_pdbx_struct_oper_list.matrix[2][1] 
_pdbx_struct_oper_list.matrix[2][2] 
_pdbx_struct_oper_list.matrix[2][3] 
_pdbx_struct_oper_list.vector[2] 
_pdbx_struct_oper_list.matrix[3][1] 
_pdbx_struct_oper_list.matrix[3][2] 
_pdbx_struct_oper_list.matrix[3][3] 
_pdbx_struct_oper_list.vector[3] 
1 'identity operation'         1_555  x,y,z            1.0000000000  0.0000000000  0.0000000000  0.0000000000  0.0000000000  1.0000000000  0.0000000000  0.0000000000  0.0000000000  0.0000000000  1.0000000000  0.0000000000  
2 'crystal symmetry operation' 7_555  y,x,-z+1/3       0.5700040778  -0.5909500148 -0.5708532485 3.2383916299  -0.5909500148 -0.7775662338 0.2148693372  -4.9832594227 -0.5708532485 0.2148693372  -0.7924378440 14.0651652835 
3 'crystal symmetry operation' 10_664 -y+1,-x+1,-z-1/6 -0.9695040118 -0.1234770705 0.2116964436  43.0730384941 -0.1234770705 -0.5000461430 -0.8571506681 20.8571018117 0.2116964436  -0.8571506681 0.4695501548  5.9605108817 
# 
_struct_biol.id                    1 
_struct_biol.details               
;The biological assembly is a dimer constructed from chain A a 
symmetry partner generated by the two-fold.
;
_struct_biol.pdbx_parent_biol_id   ? 
# 
loop_
_struct_conf.conf_type_id 
_struct_conf.id 
_struct_conf.pdbx_PDB_helix_id 
_struct_conf.beg_label_comp_id 
_struct_conf.beg_label_asym_id 
_struct_conf.beg_label_seq_id 
_struct_conf.pdbx_beg_PDB_ins_code 
_struct_conf.end_label_comp_id 
_struct_conf.end_label_asym_id 
_struct_conf.end_label_seq_id 
_struct_conf.pdbx_end_PDB_ins_code 
_struct_conf.beg_auth_comp_id 
_struct_conf.beg_auth_asym_id 
_struct_conf.beg_auth_seq_id 
_struct_conf.end_auth_comp_id 
_struct_conf.end_auth_asym_id 
_struct_conf.end_auth_seq_id 
_struct_conf.pdbx_PDB_helix_class 
_struct_conf.details 
_struct_conf.pdbx_PDB_helix_length 
HELX_P HELX_P1 1 SER A 12  ? LEU A 66  ? SER A 12  LEU A 66  1 ? 55 
HELX_P HELX_P2 2 ASN A 70  ? THR A 119 ? ASN A 70  THR A 119 1 ? 50 
HELX_P HELX_P3 3 ALA A 121 ? ARG A 182 ? ALA A 121 ARG A 182 1 ? 62 
# 
_struct_conf_type.id          HELX_P 
_struct_conf_type.criteria    ? 
_struct_conf_type.reference   ? 
# 
_pdbx_validate_symm_contact.id                1 
_pdbx_validate_symm_contact.PDB_model_num     1 
_pdbx_validate_symm_contact.auth_atom_id_1    NH1 
_pdbx_validate_symm_contact.auth_asym_id_1    A 
_pdbx_validate_symm_contact.auth_comp_id_1    ARG 
_pdbx_validate_symm_contact.auth_seq_id_1     182 
_pdbx_validate_symm_contact.PDB_ins_code_1    ? 
_pdbx_validate_symm_contact.label_alt_id_1    ? 
_pdbx_validate_symm_contact.site_symmetry_1   1_555 
_pdbx_validate_symm_contact.auth_atom_id_2    NH1 
_pdbx_validate_symm_contact.auth_asym_id_2    A 
_pdbx_validate_symm_contact.auth_comp_id_2    ARG 
_pdbx_validate_symm_contact.auth_seq_id_2     182 
_pdbx_validate_symm_contact.PDB_ins_code_2    ? 
_pdbx_validate_symm_contact.label_alt_id_2    ? 
_pdbx_validate_symm_contact.site_symmetry_2   11_556 
_pdbx_validate_symm_contact.dist              1.80 
# 
loop_
_pdbx_validate_torsion.id 
_pdbx_validate_torsion.PDB_model_num 
_pdbx_validate_torsion.auth_comp_id 
_pdbx_validate_torsion.auth_asym_id 
_pdbx_validate_torsion.auth_seq_id 
_pdbx_validate_torsion.PDB_ins_code 
_pdbx_validate_torsion.label_alt_id 
_pdbx_validate_torsion.phi 
_pdbx_validate_torsion.psi 
1 1 LYS A 68  ? ? 119.61 -88.75 
2 1 MET A 69  ? ? 41.53  -92.58 
3 1 ARG A 182 ? ? -71.54 30.22  
4 1 GLU A 183 ? ? 86.91  93.23  
# 
loop_
_pdbx_unobs_or_zero_occ_residues.id 
_pdbx_unobs_or_zero_occ_residues.PDB_model_num 
_pdbx_unobs_or_zero_occ_residues.polymer_flag 
_pdbx_unobs_or_zero_occ_residues.occupancy_flag 
_pdbx_unobs_or_zero_occ_residues.auth_asym_id 
_pdbx_unobs_or_zero_occ_residues.auth_comp_id 
_pdbx_unobs_or_zero_occ_residues.auth_seq_id 
_pdbx_unobs_or_zero_occ_residues.PDB_ins_code 
_pdbx_unobs_or_zero_occ_residues.label_asym_id 
_pdbx_unobs_or_zero_occ_residues.label_comp_id 
_pdbx_unobs_or_zero_occ_residues.label_seq_id 
1  1 Y 1 A ALA 1  ? A ALA 1  
2  1 Y 1 A VAL 2  ? A VAL 2  
3  1 Y 1 A PRO 3  ? A PRO 3  
4  1 Y 1 A ILE 4  ? A ILE 4  
5  1 Y 1 A ALA 5  ? A ALA 5  
6  1 Y 1 A GLN 6  ? A GLN 6  
7  1 Y 1 A LYS 7  ? A LYS 7  
8  1 Y 1 A SER 8  ? A SER 8  
9  1 Y 1 A GLU 9  ? A GLU 9  
10 1 Y 1 A PRO 10 ? A PRO 10 
11 1 Y 1 A HIS 11 ? A HIS 11 
# 
loop_
_chem_comp_atom.comp_id 
_chem_comp_atom.atom_id 
_chem_comp_atom.type_symbol 
_chem_comp_atom.pdbx_aromatic_flag 
_chem_comp_atom.pdbx_stereo_config 
_chem_comp_atom.pdbx_ordinal 
ALA N    N N N 1   
ALA CA   C N S 2   
ALA C    C N N 3   
ALA O    O N N 4   
ALA CB   C N N 5   
ALA OXT  O N N 6   
ALA H    H N N 7   
ALA H2   H N N 8   
ALA HA   H N N 9   
ALA HB1  H N N 10  
ALA HB2  H N N 11  
ALA HB3  H N N 12  
ALA HXT  H N N 13  
ARG N    N N N 14  
ARG CA   C N S 15  
ARG C    C N N 16  
ARG O    O N N 17  
ARG CB   C N N 18  
ARG CG   C N N 19  
ARG CD   C N N 20  
ARG NE   N N N 21  
ARG CZ   C N N 22  
ARG NH1  N N N 23  
ARG NH2  N N N 24  
ARG OXT  O N N 25  
ARG H    H N N 26  
ARG H2   H N N 27  
ARG HA   H N N 28  
ARG HB2  H N N 29  
ARG HB3  H N N 30  
ARG HG2  H N N 31  
ARG HG3  H N N 32  
ARG HD2  H N N 33  
ARG HD3  H N N 34  
ARG HE   H N N 35  
ARG HH11 H N N 36  
ARG HH12 H N N 37  
ARG HH21 H N N 38  
ARG HH22 H N N 39  
ARG HXT  H N N 40  
ASN N    N N N 41  
ASN CA   C N S 42  
ASN C    C N N 43  
ASN O    O N N 44  
ASN CB   C N N 45  
ASN CG   C N N 46  
ASN OD1  O N N 47  
ASN ND2  N N N 48  
ASN OXT  O N N 49  
ASN H    H N N 50  
ASN H2   H N N 51  
ASN HA   H N N 52  
ASN HB2  H N N 53  
ASN HB3  H N N 54  
ASN HD21 H N N 55  
ASN HD22 H N N 56  
ASN HXT  H N N 57  
ASP N    N N N 58  
ASP CA   C N S 59  
ASP C    C N N 60  
ASP O    O N N 61  
ASP CB   C N N 62  
ASP CG   C N N 63  
ASP OD1  O N N 64  
ASP OD2  O N N 65  
ASP OXT  O N N 66  
ASP H    H N N 67  
ASP H2   H N N 68  
ASP HA   H N N 69  
ASP HB2  H N N 70  
ASP HB3  H N N 71  
ASP HD2  H N N 72  
ASP HXT  H N N 73  
GLN N    N N N 74  
GLN CA   C N S 75  
GLN C    C N N 76  
GLN O    O N N 77  
GLN CB   C N N 78  
GLN CG   C N N 79  
GLN CD   C N N 80  
GLN OE1  O N N 81  
GLN NE2  N N N 82  
GLN OXT  O N N 83  
GLN H    H N N 84  
GLN H2   H N N 85  
GLN HA   H N N 86  
GLN HB2  H N N 87  
GLN HB3  H N N 88  
GLN HG2  H N N 89  
GLN HG3  H N N 90  
GLN HE21 H N N 91  
GLN HE22 H N N 92  
GLN HXT  H N N 93  
GLU N    N N N 94  
GLU CA   C N S 95  
GLU C    C N N 96  
GLU O    O N N 97  
GLU CB   C N N 98  
GLU CG   C N N 99  
GLU CD   C N N 100 
GLU OE1  O N N 101 
GLU OE2  O N N 102 
GLU OXT  O N N 103 
GLU H    H N N 104 
GLU H2   H N N 105 
GLU HA   H N N 106 
GLU HB2  H N N 107 
GLU HB3  H N N 108 
GLU HG2  H N N 109 
GLU HG3  H N N 110 
GLU HE2  H N N 111 
GLU HXT  H N N 112 
GLY N    N N N 113 
GLY CA   C N N 114 
GLY C    C N N 115 
GLY O    O N N 116 
GLY OXT  O N N 117 
GLY H    H N N 118 
GLY H2   H N N 119 
GLY HA2  H N N 120 
GLY HA3  H N N 121 
GLY HXT  H N N 122 
HIS N    N N N 123 
HIS CA   C N S 124 
HIS C    C N N 125 
HIS O    O N N 126 
HIS CB   C N N 127 
HIS CG   C Y N 128 
HIS ND1  N Y N 129 
HIS CD2  C Y N 130 
HIS CE1  C Y N 131 
HIS NE2  N Y N 132 
HIS OXT  O N N 133 
HIS H    H N N 134 
HIS H2   H N N 135 
HIS HA   H N N 136 
HIS HB2  H N N 137 
HIS HB3  H N N 138 
HIS HD1  H N N 139 
HIS HD2  H N N 140 
HIS HE1  H N N 141 
HIS HE2  H N N 142 
HIS HXT  H N N 143 
ILE N    N N N 144 
ILE CA   C N S 145 
ILE C    C N N 146 
ILE O    O N N 147 
ILE CB   C N S 148 
ILE CG1  C N N 149 
ILE CG2  C N N 150 
ILE CD1  C N N 151 
ILE OXT  O N N 152 
ILE H    H N N 153 
ILE H2   H N N 154 
ILE HA   H N N 155 
ILE HB   H N N 156 
ILE HG12 H N N 157 
ILE HG13 H N N 158 
ILE HG21 H N N 159 
ILE HG22 H N N 160 
ILE HG23 H N N 161 
ILE HD11 H N N 162 
ILE HD12 H N N 163 
ILE HD13 H N N 164 
ILE HXT  H N N 165 
LEU N    N N N 166 
LEU CA   C N S 167 
LEU C    C N N 168 
LEU O    O N N 169 
LEU CB   C N N 170 
LEU CG   C N N 171 
LEU CD1  C N N 172 
LEU CD2  C N N 173 
LEU OXT  O N N 174 
LEU H    H N N 175 
LEU H2   H N N 176 
LEU HA   H N N 177 
LEU HB2  H N N 178 
LEU HB3  H N N 179 
LEU HG   H N N 180 
LEU HD11 H N N 181 
LEU HD12 H N N 182 
LEU HD13 H N N 183 
LEU HD21 H N N 184 
LEU HD22 H N N 185 
LEU HD23 H N N 186 
LEU HXT  H N N 187 
LYS N    N N N 188 
LYS CA   C N S 189 
LYS C    C N N 190 
LYS O    O N N 191 
LYS CB   C N N 192 
LYS CG   C N N 193 
LYS CD   C N N 194 
LYS CE   C N N 195 
LYS NZ   N N N 196 
LYS OXT  O N N 197 
LYS H    H N N 198 
LYS H2   H N N 199 
LYS HA   H N N 200 
LYS HB2  H N N 201 
LYS HB3  H N N 202 
LYS HG2  H N N 203 
LYS HG3  H N N 204 
LYS HD2  H N N 205 
LYS HD3  H N N 206 
LYS HE2  H N N 207 
LYS HE3  H N N 208 
LYS HZ1  H N N 209 
LYS HZ2  H N N 210 
LYS HZ3  H N N 211 
LYS HXT  H N N 212 
MET N    N N N 213 
MET CA   C N S 214 
MET C    C N N 215 
MET O    O N N 216 
MET CB   C N N 217 
MET CG   C N N 218 
MET SD   S N N 219 
MET CE   C N N 220 
MET OXT  O N N 221 
MET H    H N N 222 
MET H2   H N N 223 
MET HA   H N N 224 
MET HB2  H N N 225 
MET HB3  H N N 226 
MET HG2  H N N 227 
MET HG3  H N N 228 
MET HE1  H N N 229 
MET HE2  H N N 230 
MET HE3  H N N 231 
MET HXT  H N N 232 
PHE N    N N N 233 
PHE CA   C N S 234 
PHE C    C N N 235 
PHE O    O N N 236 
PHE CB   C N N 237 
PHE CG   C Y N 238 
PHE CD1  C Y N 239 
PHE CD2  C Y N 240 
PHE CE1  C Y N 241 
PHE CE2  C Y N 242 
PHE CZ   C Y N 243 
PHE OXT  O N N 244 
PHE H    H N N 245 
PHE H2   H N N 246 
PHE HA   H N N 247 
PHE HB2  H N N 248 
PHE HB3  H N N 249 
PHE HD1  H N N 250 
PHE HD2  H N N 251 
PHE HE1  H N N 252 
PHE HE2  H N N 253 
PHE HZ   H N N 254 
PHE HXT  H N N 255 
PRO N    N N N 256 
PRO CA   C N S 257 
PRO C    C N N 258 
PRO O    O N N 259 
PRO CB   C N N 260 
PRO CG   C N N 261 
PRO CD   C N N 262 
PRO OXT  O N N 263 
PRO H    H N N 264 
PRO HA   H N N 265 
PRO HB2  H N N 266 
PRO HB3  H N N 267 
PRO HG2  H N N 268 
PRO HG3  H N N 269 
PRO HD2  H N N 270 
PRO HD3  H N N 271 
PRO HXT  H N N 272 
SER N    N N N 273 
SER CA   C N S 274 
SER C    C N N 275 
SER O    O N N 276 
SER CB   C N N 277 
SER OG   O N N 278 
SER OXT  O N N 279 
SER H    H N N 280 
SER H2   H N N 281 
SER HA   H N N 282 
SER HB2  H N N 283 
SER HB3  H N N 284 
SER HG   H N N 285 
SER HXT  H N N 286 
THR N    N N N 287 
THR CA   C N S 288 
THR C    C N N 289 
THR O    O N N 290 
THR CB   C N R 291 
THR OG1  O N N 292 
THR CG2  C N N 293 
THR OXT  O N N 294 
THR H    H N N 295 
THR H2   H N N 296 
THR HA   H N N 297 
THR HB   H N N 298 
THR HG1  H N N 299 
THR HG21 H N N 300 
THR HG22 H N N 301 
THR HG23 H N N 302 
THR HXT  H N N 303 
TRP N    N N N 304 
TRP CA   C N S 305 
TRP C    C N N 306 
TRP O    O N N 307 
TRP CB   C N N 308 
TRP CG   C Y N 309 
TRP CD1  C Y N 310 
TRP CD2  C Y N 311 
TRP NE1  N Y N 312 
TRP CE2  C Y N 313 
TRP CE3  C Y N 314 
TRP CZ2  C Y N 315 
TRP CZ3  C Y N 316 
TRP CH2  C Y N 317 
TRP OXT  O N N 318 
TRP H    H N N 319 
TRP H2   H N N 320 
TRP HA   H N N 321 
TRP HB2  H N N 322 
TRP HB3  H N N 323 
TRP HD1  H N N 324 
TRP HE1  H N N 325 
TRP HE3  H N N 326 
TRP HZ2  H N N 327 
TRP HZ3  H N N 328 
TRP HH2  H N N 329 
TRP HXT  H N N 330 
TYR N    N N N 331 
TYR CA   C N S 332 
TYR C    C N N 333 
TYR O    O N N 334 
TYR CB   C N N 335 
TYR CG   C Y N 336 
TYR CD1  C Y N 337 
TYR CD2  C Y N 338 
TYR CE1  C Y N 339 
TYR CE2  C Y N 340 
TYR CZ   C Y N 341 
TYR OH   O N N 342 
TYR OXT  O N N 343 
TYR H    H N N 344 
TYR H2   H N N 345 
TYR HA   H N N 346 
TYR HB2  H N N 347 
TYR HB3  H N N 348 
TYR HD1  H N N 349 
TYR HD2  H N N 350 
TYR HE1  H N N 351 
TYR HE2  H N N 352 
TYR HH   H N N 353 
TYR HXT  H N N 354 
VAL N    N N N 355 
VAL CA   C N S 356 
VAL C    C N N 357 
VAL O    O N N 358 
VAL CB   C N N 359 
VAL CG1  C N N 360 
VAL CG2  C N N 361 
VAL OXT  O N N 362 
VAL H    H N N 363 
VAL H2   H N N 364 
VAL HA   H N N 365 
VAL HB   H N N 366 
VAL HG11 H N N 367 
VAL HG12 H N N 368 
VAL HG13 H N N 369 
VAL HG21 H N N 370 
VAL HG22 H N N 371 
VAL HG23 H N N 372 
VAL HXT  H N N 373 
# 
loop_
_chem_comp_bond.comp_id 
_chem_comp_bond.atom_id_1 
_chem_comp_bond.atom_id_2 
_chem_comp_bond.value_order 
_chem_comp_bond.pdbx_aromatic_flag 
_chem_comp_bond.pdbx_stereo_config 
_chem_comp_bond.pdbx_ordinal 
ALA N   CA   sing N N 1   
ALA N   H    sing N N 2   
ALA N   H2   sing N N 3   
ALA CA  C    sing N N 4   
ALA CA  CB   sing N N 5   
ALA CA  HA   sing N N 6   
ALA C   O    doub N N 7   
ALA C   OXT  sing N N 8   
ALA CB  HB1  sing N N 9   
ALA CB  HB2  sing N N 10  
ALA CB  HB3  sing N N 11  
ALA OXT HXT  sing N N 12  
ARG N   CA   sing N N 13  
ARG N   H    sing N N 14  
ARG N   H2   sing N N 15  
ARG CA  C    sing N N 16  
ARG CA  CB   sing N N 17  
ARG CA  HA   sing N N 18  
ARG C   O    doub N N 19  
ARG C   OXT  sing N N 20  
ARG CB  CG   sing N N 21  
ARG CB  HB2  sing N N 22  
ARG CB  HB3  sing N N 23  
ARG CG  CD   sing N N 24  
ARG CG  HG2  sing N N 25  
ARG CG  HG3  sing N N 26  
ARG CD  NE   sing N N 27  
ARG CD  HD2  sing N N 28  
ARG CD  HD3  sing N N 29  
ARG NE  CZ   sing N N 30  
ARG NE  HE   sing N N 31  
ARG CZ  NH1  sing N N 32  
ARG CZ  NH2  doub N N 33  
ARG NH1 HH11 sing N N 34  
ARG NH1 HH12 sing N N 35  
ARG NH2 HH21 sing N N 36  
ARG NH2 HH22 sing N N 37  
ARG OXT HXT  sing N N 38  
ASN N   CA   sing N N 39  
ASN N   H    sing N N 40  
ASN N   H2   sing N N 41  
ASN CA  C    sing N N 42  
ASN CA  CB   sing N N 43  
ASN CA  HA   sing N N 44  
ASN C   O    doub N N 45  
ASN C   OXT  sing N N 46  
ASN CB  CG   sing N N 47  
ASN CB  HB2  sing N N 48  
ASN CB  HB3  sing N N 49  
ASN CG  OD1  doub N N 50  
ASN CG  ND2  sing N N 51  
ASN ND2 HD21 sing N N 52  
ASN ND2 HD22 sing N N 53  
ASN OXT HXT  sing N N 54  
ASP N   CA   sing N N 55  
ASP N   H    sing N N 56  
ASP N   H2   sing N N 57  
ASP CA  C    sing N N 58  
ASP CA  CB   sing N N 59  
ASP CA  HA   sing N N 60  
ASP C   O    doub N N 61  
ASP C   OXT  sing N N 62  
ASP CB  CG   sing N N 63  
ASP CB  HB2  sing N N 64  
ASP CB  HB3  sing N N 65  
ASP CG  OD1  doub N N 66  
ASP CG  OD2  sing N N 67  
ASP OD2 HD2  sing N N 68  
ASP OXT HXT  sing N N 69  
GLN N   CA   sing N N 70  
GLN N   H    sing N N 71  
GLN N   H2   sing N N 72  
GLN CA  C    sing N N 73  
GLN CA  CB   sing N N 74  
GLN CA  HA   sing N N 75  
GLN C   O    doub N N 76  
GLN C   OXT  sing N N 77  
GLN CB  CG   sing N N 78  
GLN CB  HB2  sing N N 79  
GLN CB  HB3  sing N N 80  
GLN CG  CD   sing N N 81  
GLN CG  HG2  sing N N 82  
GLN CG  HG3  sing N N 83  
GLN CD  OE1  doub N N 84  
GLN CD  NE2  sing N N 85  
GLN NE2 HE21 sing N N 86  
GLN NE2 HE22 sing N N 87  
GLN OXT HXT  sing N N 88  
GLU N   CA   sing N N 89  
GLU N   H    sing N N 90  
GLU N   H2   sing N N 91  
GLU CA  C    sing N N 92  
GLU CA  CB   sing N N 93  
GLU CA  HA   sing N N 94  
GLU C   O    doub N N 95  
GLU C   OXT  sing N N 96  
GLU CB  CG   sing N N 97  
GLU CB  HB2  sing N N 98  
GLU CB  HB3  sing N N 99  
GLU CG  CD   sing N N 100 
GLU CG  HG2  sing N N 101 
GLU CG  HG3  sing N N 102 
GLU CD  OE1  doub N N 103 
GLU CD  OE2  sing N N 104 
GLU OE2 HE2  sing N N 105 
GLU OXT HXT  sing N N 106 
GLY N   CA   sing N N 107 
GLY N   H    sing N N 108 
GLY N   H2   sing N N 109 
GLY CA  C    sing N N 110 
GLY CA  HA2  sing N N 111 
GLY CA  HA3  sing N N 112 
GLY C   O    doub N N 113 
GLY C   OXT  sing N N 114 
GLY OXT HXT  sing N N 115 
HIS N   CA   sing N N 116 
HIS N   H    sing N N 117 
HIS N   H2   sing N N 118 
HIS CA  C    sing N N 119 
HIS CA  CB   sing N N 120 
HIS CA  HA   sing N N 121 
HIS C   O    doub N N 122 
HIS C   OXT  sing N N 123 
HIS CB  CG   sing N N 124 
HIS CB  HB2  sing N N 125 
HIS CB  HB3  sing N N 126 
HIS CG  ND1  sing Y N 127 
HIS CG  CD2  doub Y N 128 
HIS ND1 CE1  doub Y N 129 
HIS ND1 HD1  sing N N 130 
HIS CD2 NE2  sing Y N 131 
HIS CD2 HD2  sing N N 132 
HIS CE1 NE2  sing Y N 133 
HIS CE1 HE1  sing N N 134 
HIS NE2 HE2  sing N N 135 
HIS OXT HXT  sing N N 136 
ILE N   CA   sing N N 137 
ILE N   H    sing N N 138 
ILE N   H2   sing N N 139 
ILE CA  C    sing N N 140 
ILE CA  CB   sing N N 141 
ILE CA  HA   sing N N 142 
ILE C   O    doub N N 143 
ILE C   OXT  sing N N 144 
ILE CB  CG1  sing N N 145 
ILE CB  CG2  sing N N 146 
ILE CB  HB   sing N N 147 
ILE CG1 CD1  sing N N 148 
ILE CG1 HG12 sing N N 149 
ILE CG1 HG13 sing N N 150 
ILE CG2 HG21 sing N N 151 
ILE CG2 HG22 sing N N 152 
ILE CG2 HG23 sing N N 153 
ILE CD1 HD11 sing N N 154 
ILE CD1 HD12 sing N N 155 
ILE CD1 HD13 sing N N 156 
ILE OXT HXT  sing N N 157 
LEU N   CA   sing N N 158 
LEU N   H    sing N N 159 
LEU N   H2   sing N N 160 
LEU CA  C    sing N N 161 
LEU CA  CB   sing N N 162 
LEU CA  HA   sing N N 163 
LEU C   O    doub N N 164 
LEU C   OXT  sing N N 165 
LEU CB  CG   sing N N 166 
LEU CB  HB2  sing N N 167 
LEU CB  HB3  sing N N 168 
LEU CG  CD1  sing N N 169 
LEU CG  CD2  sing N N 170 
LEU CG  HG   sing N N 171 
LEU CD1 HD11 sing N N 172 
LEU CD1 HD12 sing N N 173 
LEU CD1 HD13 sing N N 174 
LEU CD2 HD21 sing N N 175 
LEU CD2 HD22 sing N N 176 
LEU CD2 HD23 sing N N 177 
LEU OXT HXT  sing N N 178 
LYS N   CA   sing N N 179 
LYS N   H    sing N N 180 
LYS N   H2   sing N N 181 
LYS CA  C    sing N N 182 
LYS CA  CB   sing N N 183 
LYS CA  HA   sing N N 184 
LYS C   O    doub N N 185 
LYS C   OXT  sing N N 186 
LYS CB  CG   sing N N 187 
LYS CB  HB2  sing N N 188 
LYS CB  HB3  sing N N 189 
LYS CG  CD   sing N N 190 
LYS CG  HG2  sing N N 191 
LYS CG  HG3  sing N N 192 
LYS CD  CE   sing N N 193 
LYS CD  HD2  sing N N 194 
LYS CD  HD3  sing N N 195 
LYS CE  NZ   sing N N 196 
LYS CE  HE2  sing N N 197 
LYS CE  HE3  sing N N 198 
LYS NZ  HZ1  sing N N 199 
LYS NZ  HZ2  sing N N 200 
LYS NZ  HZ3  sing N N 201 
LYS OXT HXT  sing N N 202 
MET N   CA   sing N N 203 
MET N   H    sing N N 204 
MET N   H2   sing N N 205 
MET CA  C    sing N N 206 
MET CA  CB   sing N N 207 
MET CA  HA   sing N N 208 
MET C   O    doub N N 209 
MET C   OXT  sing N N 210 
MET CB  CG   sing N N 211 
MET CB  HB2  sing N N 212 
MET CB  HB3  sing N N 213 
MET CG  SD   sing N N 214 
MET CG  HG2  sing N N 215 
MET CG  HG3  sing N N 216 
MET SD  CE   sing N N 217 
MET CE  HE1  sing N N 218 
MET CE  HE2  sing N N 219 
MET CE  HE3  sing N N 220 
MET OXT HXT  sing N N 221 
PHE N   CA   sing N N 222 
PHE N   H    sing N N 223 
PHE N   H2   sing N N 224 
PHE CA  C    sing N N 225 
PHE CA  CB   sing N N 226 
PHE CA  HA   sing N N 227 
PHE C   O    doub N N 228 
PHE C   OXT  sing N N 229 
PHE CB  CG   sing N N 230 
PHE CB  HB2  sing N N 231 
PHE CB  HB3  sing N N 232 
PHE CG  CD1  doub Y N 233 
PHE CG  CD2  sing Y N 234 
PHE CD1 CE1  sing Y N 235 
PHE CD1 HD1  sing N N 236 
PHE CD2 CE2  doub Y N 237 
PHE CD2 HD2  sing N N 238 
PHE CE1 CZ   doub Y N 239 
PHE CE1 HE1  sing N N 240 
PHE CE2 CZ   sing Y N 241 
PHE CE2 HE2  sing N N 242 
PHE CZ  HZ   sing N N 243 
PHE OXT HXT  sing N N 244 
PRO N   CA   sing N N 245 
PRO N   CD   sing N N 246 
PRO N   H    sing N N 247 
PRO CA  C    sing N N 248 
PRO CA  CB   sing N N 249 
PRO CA  HA   sing N N 250 
PRO C   O    doub N N 251 
PRO C   OXT  sing N N 252 
PRO CB  CG   sing N N 253 
PRO CB  HB2  sing N N 254 
PRO CB  HB3  sing N N 255 
PRO CG  CD   sing N N 256 
PRO CG  HG2  sing N N 257 
PRO CG  HG3  sing N N 258 
PRO CD  HD2  sing N N 259 
PRO CD  HD3  sing N N 260 
PRO OXT HXT  sing N N 261 
SER N   CA   sing N N 262 
SER N   H    sing N N 263 
SER N   H2   sing N N 264 
SER CA  C    sing N N 265 
SER CA  CB   sing N N 266 
SER CA  HA   sing N N 267 
SER C   O    doub N N 268 
SER C   OXT  sing N N 269 
SER CB  OG   sing N N 270 
SER CB  HB2  sing N N 271 
SER CB  HB3  sing N N 272 
SER OG  HG   sing N N 273 
SER OXT HXT  sing N N 274 
THR N   CA   sing N N 275 
THR N   H    sing N N 276 
THR N   H2   sing N N 277 
THR CA  C    sing N N 278 
THR CA  CB   sing N N 279 
THR CA  HA   sing N N 280 
THR C   O    doub N N 281 
THR C   OXT  sing N N 282 
THR CB  OG1  sing N N 283 
THR CB  CG2  sing N N 284 
THR CB  HB   sing N N 285 
THR OG1 HG1  sing N N 286 
THR CG2 HG21 sing N N 287 
THR CG2 HG22 sing N N 288 
THR CG2 HG23 sing N N 289 
THR OXT HXT  sing N N 290 
TRP N   CA   sing N N 291 
TRP N   H    sing N N 292 
TRP N   H2   sing N N 293 
TRP CA  C    sing N N 294 
TRP CA  CB   sing N N 295 
TRP CA  HA   sing N N 296 
TRP C   O    doub N N 297 
TRP C   OXT  sing N N 298 
TRP CB  CG   sing N N 299 
TRP CB  HB2  sing N N 300 
TRP CB  HB3  sing N N 301 
TRP CG  CD1  doub Y N 302 
TRP CG  CD2  sing Y N 303 
TRP CD1 NE1  sing Y N 304 
TRP CD1 HD1  sing N N 305 
TRP CD2 CE2  doub Y N 306 
TRP CD2 CE3  sing Y N 307 
TRP NE1 CE2  sing Y N 308 
TRP NE1 HE1  sing N N 309 
TRP CE2 CZ2  sing Y N 310 
TRP CE3 CZ3  doub Y N 311 
TRP CE3 HE3  sing N N 312 
TRP CZ2 CH2  doub Y N 313 
TRP CZ2 HZ2  sing N N 314 
TRP CZ3 CH2  sing Y N 315 
TRP CZ3 HZ3  sing N N 316 
TRP CH2 HH2  sing N N 317 
TRP OXT HXT  sing N N 318 
TYR N   CA   sing N N 319 
TYR N   H    sing N N 320 
TYR N   H2   sing N N 321 
TYR CA  C    sing N N 322 
TYR CA  CB   sing N N 323 
TYR CA  HA   sing N N 324 
TYR C   O    doub N N 325 
TYR C   OXT  sing N N 326 
TYR CB  CG   sing N N 327 
TYR CB  HB2  sing N N 328 
TYR CB  HB3  sing N N 329 
TYR CG  CD1  doub Y N 330 
TYR CG  CD2  sing Y N 331 
TYR CD1 CE1  sing Y N 332 
TYR CD1 HD1  sing N N 333 
TYR CD2 CE2  doub Y N 334 
TYR CD2 HD2  sing N N 335 
TYR CE1 CZ   doub Y N 336 
TYR CE1 HE1  sing N N 337 
TYR CE2 CZ   sing Y N 338 
TYR CE2 HE2  sing N N 339 
TYR CZ  OH   sing N N 340 
TYR OH  HH   sing N N 341 
TYR OXT HXT  sing N N 342 
VAL N   CA   sing N N 343 
VAL N   H    sing N N 344 
VAL N   H2   sing N N 345 
VAL CA  C    sing N N 346 
VAL CA  CB   sing N N 347 
VAL CA  HA   sing N N 348 
VAL C   O    doub N N 349 
VAL C   OXT  sing N N 350 
VAL CB  CG1  sing N N 351 
VAL CB  CG2  sing N N 352 
VAL CB  HB   sing N N 353 
VAL CG1 HG11 sing N N 354 
VAL CG1 HG12 sing N N 355 
VAL CG1 HG13 sing N N 356 
VAL CG2 HG21 sing N N 357 
VAL CG2 HG22 sing N N 358 
VAL CG2 HG23 sing N N 359 
VAL OXT HXT  sing N N 360 
# 
_atom_sites.entry_id                    1FEW 
_atom_sites.fract_transf_matrix[1][1]   0.00750882 
_atom_sites.fract_transf_matrix[1][2]   -0.00041296 
_atom_sites.fract_transf_matrix[1][3]   -0.00753081 
_atom_sites.fract_transf_matrix[2][1]   0.00882267 
_atom_sites.fract_transf_matrix[2][2]   -0.00573392 
_atom_sites.fract_transf_matrix[2][3]   0.00159209 
_atom_sites.fract_transf_matrix[3][1]   -0.00634870 
_atom_sites.fract_transf_matrix[3][2]   -0.01135340 
_atom_sites.fract_transf_matrix[3][3]   -0.00570758 
_atom_sites.fract_transf_vector[1]      0.404812 
_atom_sites.fract_transf_vector[2]      0.325254 
_atom_sites.fract_transf_vector[3]      0.188802 
# 
loop_
_atom_type.symbol 
C 
N 
O 
S 
# 
loop_
_atom_site.group_PDB 
_atom_site.id 
_atom_site.type_symbol 
_atom_site.label_atom_id 
_atom_site.label_alt_id 
_atom_site.label_comp_id 
_atom_site.label_asym_id 
_atom_site.label_entity_id 
_atom_site.label_seq_id 
_atom_site.pdbx_PDB_ins_code 
_atom_site.Cartn_x 
_atom_site.Cartn_y 
_atom_site.Cartn_z 
_atom_site.occupancy 
_atom_site.B_iso_or_equiv 
_atom_site.pdbx_formal_charge 
_atom_site.auth_seq_id 
_atom_site.auth_comp_id 
_atom_site.auth_asym_id 
_atom_site.auth_atom_id 
_atom_site.pdbx_PDB_model_num 
ATOM 1    N N   . SER A 1 12  ? 34.506  35.826  -1.915  1.00 31.26 ? 12  SER A N   1 
ATOM 2    C CA  . SER A 1 12  ? 34.358  35.968  -3.401  1.00 31.03 ? 12  SER A CA  1 
ATOM 3    C C   . SER A 1 12  ? 32.893  36.061  -3.797  1.00 30.22 ? 12  SER A C   1 
ATOM 4    O O   . SER A 1 12  ? 32.134  35.089  -3.681  1.00 36.65 ? 12  SER A O   1 
ATOM 5    C CB  . SER A 1 12  ? 35.005  34.787  -4.125  1.00 26.35 ? 12  SER A CB  1 
ATOM 6    O OG  . SER A 1 12  ? 34.709  34.818  -5.523  1.00 25.71 ? 12  SER A OG  1 
ATOM 7    N N   . LEU A 1 13  ? 32.495  37.239  -4.263  1.00 30.69 ? 13  LEU A N   1 
ATOM 8    C CA  . LEU A 1 13  ? 31.121  37.465  -4.675  1.00 30.71 ? 13  LEU A CA  1 
ATOM 9    C C   . LEU A 1 13  ? 30.728  36.561  -5.838  1.00 34.70 ? 13  LEU A C   1 
ATOM 10   O O   . LEU A 1 13  ? 29.660  35.952  -5.823  1.00 33.86 ? 13  LEU A O   1 
ATOM 11   C CB  . LEU A 1 13  ? 30.926  38.928  -5.081  1.00 35.23 ? 13  LEU A CB  1 
ATOM 12   C CG  . LEU A 1 13  ? 29.927  39.787  -4.293  1.00 42.30 ? 13  LEU A CG  1 
ATOM 13   C CD1 . LEU A 1 13  ? 28.534  39.175  -4.397  1.00 43.59 ? 13  LEU A CD1 1 
ATOM 14   C CD2 . LEU A 1 13  ? 30.363  39.892  -2.837  1.00 38.45 ? 13  LEU A CD2 1 
ATOM 15   N N   . SER A 1 14  ? 31.584  36.469  -6.848  1.00 32.50 ? 14  SER A N   1 
ATOM 16   C CA  . SER A 1 14  ? 31.256  35.644  -8.000  1.00 33.78 ? 14  SER A CA  1 
ATOM 17   C C   . SER A 1 14  ? 31.283  34.142  -7.705  1.00 35.38 ? 14  SER A C   1 
ATOM 18   O O   . SER A 1 14  ? 30.534  33.386  -8.305  1.00 36.53 ? 14  SER A O   1 
ATOM 19   C CB  . SER A 1 14  ? 32.168  35.983  -9.191  1.00 30.63 ? 14  SER A CB  1 
ATOM 20   O OG  . SER A 1 14  ? 33.536  35.838  -8.874  1.00 36.11 ? 14  SER A OG  1 
ATOM 21   N N   . SER A 1 15  ? 32.126  33.714  -6.772  1.00 32.17 ? 15  SER A N   1 
ATOM 22   C CA  . SER A 1 15  ? 32.188  32.296  -6.433  1.00 35.06 ? 15  SER A CA  1 
ATOM 23   C C   . SER A 1 15  ? 30.895  31.827  -5.796  1.00 35.35 ? 15  SER A C   1 
ATOM 24   O O   . SER A 1 15  ? 30.378  30.774  -6.151  1.00 33.51 ? 15  SER A O   1 
ATOM 25   C CB  . SER A 1 15  ? 33.341  32.006  -5.475  1.00 33.52 ? 15  SER A CB  1 
ATOM 26   O OG  . SER A 1 15  ? 34.586  32.183  -6.122  1.00 48.05 ? 15  SER A OG  1 
ATOM 27   N N   . GLU A 1 16  ? 30.378  32.619  -4.863  1.00 34.02 ? 16  GLU A N   1 
ATOM 28   C CA  . GLU A 1 16  ? 29.141  32.272  -4.178  1.00 36.20 ? 16  GLU A CA  1 
ATOM 29   C C   . GLU A 1 16  ? 27.953  32.359  -5.122  1.00 33.75 ? 16  GLU A C   1 
ATOM 30   O O   . GLU A 1 16  ? 26.985  31.610  -4.978  1.00 33.55 ? 16  GLU A O   1 
ATOM 31   C CB  . GLU A 1 16  ? 28.923  33.162  -2.943  1.00 39.66 ? 16  GLU A CB  1 
ATOM 32   C CG  . GLU A 1 16  ? 28.984  34.656  -3.184  1.00 50.96 ? 16  GLU A CG  1 
ATOM 33   C CD  . GLU A 1 16  ? 28.700  35.462  -1.917  1.00 51.88 ? 16  GLU A CD  1 
ATOM 34   O OE1 . GLU A 1 16  ? 27.522  35.825  -1.687  1.00 48.23 ? 16  GLU A OE1 1 
ATOM 35   O OE2 . GLU A 1 16  ? 29.657  35.720  -1.146  1.00 49.23 ? 16  GLU A OE2 1 
ATOM 36   N N   . ALA A 1 17  ? 28.025  33.263  -6.097  1.00 29.74 ? 17  ALA A N   1 
ATOM 37   C CA  . ALA A 1 17  ? 26.943  33.381  -7.075  1.00 33.40 ? 17  ALA A CA  1 
ATOM 38   C C   . ALA A 1 17  ? 26.894  32.082  -7.886  1.00 32.89 ? 17  ALA A C   1 
ATOM 39   O O   . ALA A 1 17  ? 25.826  31.535  -8.155  1.00 29.23 ? 17  ALA A O   1 
ATOM 40   C CB  . ALA A 1 17  ? 27.188  34.557  -8.010  1.00 24.40 ? 17  ALA A CB  1 
ATOM 41   N N   . LEU A 1 18  ? 28.065  31.590  -8.272  1.00 30.73 ? 18  LEU A N   1 
ATOM 42   C CA  . LEU A 1 18  ? 28.132  30.362  -9.045  1.00 33.10 ? 18  LEU A CA  1 
ATOM 43   C C   . LEU A 1 18  ? 27.638  29.168  -8.234  1.00 36.42 ? 18  LEU A C   1 
ATOM 44   O O   . LEU A 1 18  ? 26.961  28.297  -8.767  1.00 38.20 ? 18  LEU A O   1 
ATOM 45   C CB  . LEU A 1 18  ? 29.560  30.112  -9.523  1.00 25.73 ? 18  LEU A CB  1 
ATOM 46   C CG  . LEU A 1 18  ? 29.817  30.323  -11.015 1.00 26.70 ? 18  LEU A CG  1 
ATOM 47   C CD1 . LEU A 1 18  ? 29.416  31.720  -11.444 1.00 28.58 ? 18  LEU A CD1 1 
ATOM 48   C CD2 . LEU A 1 18  ? 31.310  30.088  -11.270 1.00 29.01 ? 18  LEU A CD2 1 
ATOM 49   N N   . MET A 1 19  ? 27.975  29.121  -6.948  1.00 33.53 ? 19  MET A N   1 
ATOM 50   C CA  . MET A 1 19  ? 27.519  28.006  -6.123  1.00 34.82 ? 19  MET A CA  1 
ATOM 51   C C   . MET A 1 19  ? 26.005  28.056  -5.978  1.00 36.94 ? 19  MET A C   1 
ATOM 52   O O   . MET A 1 19  ? 25.341  27.019  -5.983  1.00 35.06 ? 19  MET A O   1 
ATOM 53   C CB  . MET A 1 19  ? 28.197  28.025  -4.753  1.00 36.98 ? 19  MET A CB  1 
ATOM 54   C CG  . MET A 1 19  ? 29.626  27.517  -4.794  1.00 44.97 ? 19  MET A CG  1 
ATOM 55   S SD  . MET A 1 19  ? 30.384  27.383  -3.163  1.00 64.20 ? 19  MET A SD  1 
ATOM 56   C CE  . MET A 1 19  ? 31.095  29.052  -2.968  1.00 55.19 ? 19  MET A CE  1 
ATOM 57   N N   . ARG A 1 20  ? 25.460  29.264  -5.869  1.00 34.69 ? 20  ARG A N   1 
ATOM 58   C CA  . ARG A 1 20  ? 24.013  29.426  -5.761  1.00 35.27 ? 20  ARG A CA  1 
ATOM 59   C C   . ARG A 1 20  ? 23.348  28.964  -7.059  1.00 33.09 ? 20  ARG A C   1 
ATOM 60   O O   . ARG A 1 20  ? 22.331  28.283  -7.023  1.00 28.87 ? 20  ARG A O   1 
ATOM 61   C CB  . ARG A 1 20  ? 23.638  30.891  -5.482  1.00 38.15 ? 20  ARG A CB  1 
ATOM 62   C CG  . ARG A 1 20  ? 23.828  31.346  -4.026  1.00 40.91 ? 20  ARG A CG  1 
ATOM 63   C CD  . ARG A 1 20  ? 23.439  32.826  -3.842  1.00 44.85 ? 20  ARG A CD  1 
ATOM 64   N NE  . ARG A 1 20  ? 24.597  33.720  -3.796  1.00 50.89 ? 20  ARG A NE  1 
ATOM 65   C CZ  . ARG A 1 20  ? 24.763  34.790  -4.573  1.00 56.00 ? 20  ARG A CZ  1 
ATOM 66   N NH1 . ARG A 1 20  ? 23.846  35.121  -5.478  1.00 55.53 ? 20  ARG A NH1 1 
ATOM 67   N NH2 . ARG A 1 20  ? 25.852  35.537  -4.449  1.00 56.53 ? 20  ARG A NH2 1 
ATOM 68   N N   . ARG A 1 21  ? 23.927  29.329  -8.200  1.00 30.89 ? 21  ARG A N   1 
ATOM 69   C CA  . ARG A 1 21  ? 23.369  28.939  -9.490  1.00 32.68 ? 21  ARG A CA  1 
ATOM 70   C C   . ARG A 1 21  ? 23.406  27.414  -9.659  1.00 29.58 ? 21  ARG A C   1 
ATOM 71   O O   . ARG A 1 21  ? 22.422  26.807  -10.075 1.00 34.20 ? 21  ARG A O   1 
ATOM 72   C CB  . ARG A 1 21  ? 24.129  29.629  -10.635 1.00 29.60 ? 21  ARG A CB  1 
ATOM 73   C CG  . ARG A 1 21  ? 23.709  29.178  -12.046 1.00 28.75 ? 21  ARG A CG  1 
ATOM 74   C CD  . ARG A 1 21  ? 22.211  29.363  -12.289 1.00 34.70 ? 21  ARG A CD  1 
ATOM 75   N NE  . ARG A 1 21  ? 21.858  30.730  -12.669 1.00 50.59 ? 21  ARG A NE  1 
ATOM 76   C CZ  . ARG A 1 21  ? 22.060  31.247  -13.882 1.00 56.15 ? 21  ARG A CZ  1 
ATOM 77   N NH1 . ARG A 1 21  ? 22.614  30.511  -14.842 1.00 61.64 ? 21  ARG A NH1 1 
ATOM 78   N NH2 . ARG A 1 21  ? 21.706  32.502  -14.139 1.00 51.96 ? 21  ARG A NH2 1 
ATOM 79   N N   . ALA A 1 22  ? 24.536  26.800  -9.321  1.00 27.75 ? 22  ALA A N   1 
ATOM 80   C CA  . ALA A 1 22  ? 24.684  25.350  -9.425  1.00 30.72 ? 22  ALA A CA  1 
ATOM 81   C C   . ALA A 1 22  ? 23.664  24.613  -8.549  1.00 33.14 ? 22  ALA A C   1 
ATOM 82   O O   . ALA A 1 22  ? 23.092  23.603  -8.960  1.00 33.45 ? 22  ALA A O   1 
ATOM 83   C CB  . ALA A 1 22  ? 26.091  24.942  -9.017  1.00 26.77 ? 22  ALA A CB  1 
ATOM 84   N N   . VAL A 1 23  ? 23.452  25.113  -7.336  1.00 30.87 ? 23  VAL A N   1 
ATOM 85   C CA  . VAL A 1 23  ? 22.496  24.490  -6.427  1.00 26.63 ? 23  VAL A CA  1 
ATOM 86   C C   . VAL A 1 23  ? 21.063  24.689  -6.927  1.00 25.17 ? 23  VAL A C   1 
ATOM 87   O O   . VAL A 1 23  ? 20.223  23.809  -6.774  1.00 26.43 ? 23  VAL A O   1 
ATOM 88   C CB  . VAL A 1 23  ? 22.640  25.054  -4.979  1.00 24.07 ? 23  VAL A CB  1 
ATOM 89   C CG1 . VAL A 1 23  ? 21.531  24.520  -4.095  1.00 24.57 ? 23  VAL A CG1 1 
ATOM 90   C CG2 . VAL A 1 23  ? 23.980  24.626  -4.390  1.00 21.73 ? 23  VAL A CG2 1 
ATOM 91   N N   . SER A 1 24  ? 20.777  25.838  -7.535  1.00 20.11 ? 24  SER A N   1 
ATOM 92   C CA  . SER A 1 24  ? 19.427  26.068  -8.039  1.00 23.56 ? 24  SER A CA  1 
ATOM 93   C C   . SER A 1 24  ? 19.133  25.097  -9.188  1.00 25.43 ? 24  SER A C   1 
ATOM 94   O O   . SER A 1 24  ? 17.983  24.784  -9.462  1.00 21.72 ? 24  SER A O   1 
ATOM 95   C CB  . SER A 1 24  ? 19.252  27.524  -8.510  1.00 23.69 ? 24  SER A CB  1 
ATOM 96   O OG  . SER A 1 24  ? 19.988  27.800  -9.697  1.00 34.78 ? 24  SER A OG  1 
ATOM 97   N N   . LEU A 1 25  ? 20.172  24.611  -9.856  1.00 21.51 ? 25  LEU A N   1 
ATOM 98   C CA  . LEU A 1 25  ? 19.970  23.665  -10.945 1.00 25.35 ? 25  LEU A CA  1 
ATOM 99   C C   . LEU A 1 25  ? 19.639  22.306  -10.346 1.00 25.65 ? 25  LEU A C   1 
ATOM 100  O O   . LEU A 1 25  ? 18.852  21.541  -10.904 1.00 32.36 ? 25  LEU A O   1 
ATOM 101  C CB  . LEU A 1 25  ? 21.226  23.566  -11.811 1.00 22.10 ? 25  LEU A CB  1 
ATOM 102  C CG  . LEU A 1 25  ? 21.572  24.863  -12.546 1.00 25.34 ? 25  LEU A CG  1 
ATOM 103  C CD1 . LEU A 1 25  ? 22.889  24.687  -13.261 1.00 21.67 ? 25  LEU A CD1 1 
ATOM 104  C CD2 . LEU A 1 25  ? 20.464  25.201  -13.545 1.00 25.80 ? 25  LEU A CD2 1 
ATOM 105  N N   . VAL A 1 26  ? 20.254  22.016  -9.201  1.00 23.01 ? 26  VAL A N   1 
ATOM 106  C CA  . VAL A 1 26  ? 20.024  20.762  -8.493  1.00 21.46 ? 26  VAL A CA  1 
ATOM 107  C C   . VAL A 1 26  ? 18.619  20.763  -7.905  1.00 23.96 ? 26  VAL A C   1 
ATOM 108  O O   . VAL A 1 26  ? 17.895  19.785  -7.994  1.00 29.33 ? 26  VAL A O   1 
ATOM 109  C CB  . VAL A 1 26  ? 21.065  20.565  -7.364  1.00 19.17 ? 26  VAL A CB  1 
ATOM 110  C CG1 . VAL A 1 26  ? 20.727  19.333  -6.549  1.00 23.73 ? 26  VAL A CG1 1 
ATOM 111  C CG2 . VAL A 1 26  ? 22.461  20.402  -7.973  1.00 17.43 ? 26  VAL A CG2 1 
ATOM 112  N N   . THR A 1 27  ? 18.236  21.882  -7.310  1.00 23.62 ? 27  THR A N   1 
ATOM 113  C CA  . THR A 1 27  ? 16.912  22.013  -6.720  1.00 22.81 ? 27  THR A CA  1 
ATOM 114  C C   . THR A 1 27  ? 15.826  21.835  -7.766  1.00 24.31 ? 27  THR A C   1 
ATOM 115  O O   . THR A 1 27  ? 14.838  21.137  -7.540  1.00 26.06 ? 27  THR A O   1 
ATOM 116  C CB  . THR A 1 27  ? 16.754  23.379  -6.080  1.00 23.98 ? 27  THR A CB  1 
ATOM 117  O OG1 . THR A 1 27  ? 17.565  23.424  -4.910  1.00 32.46 ? 27  THR A OG1 1 
ATOM 118  C CG2 . THR A 1 27  ? 15.302  23.636  -5.691  1.00 28.04 ? 27  THR A CG2 1 
ATOM 119  N N   . ASP A 1 28  ? 16.014  22.467  -8.914  1.00 21.73 ? 28  ASP A N   1 
ATOM 120  C CA  . ASP A 1 28  ? 15.041  22.373  -9.984  1.00 25.99 ? 28  ASP A CA  1 
ATOM 121  C C   . ASP A 1 28  ? 14.857  20.935  -10.434 1.00 26.92 ? 28  ASP A C   1 
ATOM 122  O O   . ASP A 1 28  ? 13.733  20.449  -10.518 1.00 26.82 ? 28  ASP A O   1 
ATOM 123  C CB  . ASP A 1 28  ? 15.480  23.214  -11.188 1.00 28.72 ? 28  ASP A CB  1 
ATOM 124  C CG  . ASP A 1 28  ? 14.513  23.092  -12.354 1.00 36.58 ? 28  ASP A CG  1 
ATOM 125  O OD1 . ASP A 1 28  ? 13.317  23.382  -12.147 1.00 39.62 ? 28  ASP A OD1 1 
ATOM 126  O OD2 . ASP A 1 28  ? 14.937  22.709  -13.467 1.00 37.50 ? 28  ASP A OD2 1 
ATOM 127  N N   . SER A 1 29  ? 15.967  20.261  -10.727 1.00 24.17 ? 29  SER A N   1 
ATOM 128  C CA  . SER A 1 29  ? 15.916  18.887  -11.195 1.00 21.45 ? 29  SER A CA  1 
ATOM 129  C C   . SER A 1 29  ? 15.391  17.933  -10.126 1.00 23.38 ? 29  SER A C   1 
ATOM 130  O O   . SER A 1 29  ? 14.668  17.001  -10.434 1.00 27.71 ? 29  SER A O   1 
ATOM 131  C CB  . SER A 1 29  ? 17.306  18.429  -11.679 1.00 17.42 ? 29  SER A CB  1 
ATOM 132  O OG  . SER A 1 29  ? 18.205  18.307  -10.584 1.00 21.88 ? 29  SER A OG  1 
ATOM 133  N N   . THR A 1 30  ? 15.749  18.163  -8.869  1.00 25.90 ? 30  THR A N   1 
ATOM 134  C CA  . THR A 1 30  ? 15.283  17.280  -7.811  1.00 22.97 ? 30  THR A CA  1 
ATOM 135  C C   . THR A 1 30  ? 13.802  17.473  -7.475  1.00 27.41 ? 30  THR A C   1 
ATOM 136  O O   . THR A 1 30  ? 13.115  16.511  -7.137  1.00 30.37 ? 30  THR A O   1 
ATOM 137  C CB  . THR A 1 30  ? 16.125  17.445  -6.552  1.00 25.16 ? 30  THR A CB  1 
ATOM 138  O OG1 . THR A 1 30  ? 16.169  18.832  -6.185  1.00 25.39 ? 30  THR A OG1 1 
ATOM 139  C CG2 . THR A 1 30  ? 17.545  16.917  -6.807  1.00 20.13 ? 30  THR A CG2 1 
ATOM 140  N N   . SER A 1 31  ? 13.310  18.703  -7.577  1.00 29.98 ? 31  SER A N   1 
ATOM 141  C CA  . SER A 1 31  ? 11.897  18.984  -7.304  1.00 30.34 ? 31  SER A CA  1 
ATOM 142  C C   . SER A 1 31  ? 11.021  18.282  -8.324  1.00 32.63 ? 31  SER A C   1 
ATOM 143  O O   . SER A 1 31  ? 9.975   17.725  -7.987  1.00 32.75 ? 31  SER A O   1 
ATOM 144  C CB  . SER A 1 31  ? 11.618  20.481  -7.372  1.00 28.75 ? 31  SER A CB  1 
ATOM 145  O OG  . SER A 1 31  ? 12.088  21.122  -6.211  1.00 33.91 ? 31  SER A OG  1 
ATOM 146  N N   . THR A 1 32  ? 11.462  18.315  -9.574  1.00 31.70 ? 32  THR A N   1 
ATOM 147  C CA  . THR A 1 32  ? 10.737  17.685  -10.670 1.00 32.42 ? 32  THR A CA  1 
ATOM 148  C C   . THR A 1 32  ? 10.718  16.164  -10.508 1.00 32.02 ? 32  THR A C   1 
ATOM 149  O O   . THR A 1 32  ? 9.696   15.520  -10.721 1.00 35.99 ? 32  THR A O   1 
ATOM 150  C CB  . THR A 1 32  ? 11.387  18.068  -12.018 1.00 34.95 ? 32  THR A CB  1 
ATOM 151  O OG1 . THR A 1 32  ? 11.290  19.484  -12.198 1.00 38.30 ? 32  THR A OG1 1 
ATOM 152  C CG2 . THR A 1 32  ? 10.715  17.368  -13.172 1.00 31.52 ? 32  THR A CG2 1 
ATOM 153  N N   . PHE A 1 33  ? 11.858  15.593  -10.137 1.00 27.01 ? 33  PHE A N   1 
ATOM 154  C CA  . PHE A 1 33  ? 11.941  14.149  -9.937  1.00 25.59 ? 33  PHE A CA  1 
ATOM 155  C C   . PHE A 1 33  ? 11.048  13.719  -8.764  1.00 26.55 ? 33  PHE A C   1 
ATOM 156  O O   . PHE A 1 33  ? 10.429  12.662  -8.796  1.00 26.91 ? 33  PHE A O   1 
ATOM 157  C CB  . PHE A 1 33  ? 13.385  13.741  -9.657  1.00 21.17 ? 33  PHE A CB  1 
ATOM 158  C CG  . PHE A 1 33  ? 13.580  12.256  -9.553  1.00 30.60 ? 33  PHE A CG  1 
ATOM 159  C CD1 . PHE A 1 33  ? 14.310  11.707  -8.502  1.00 28.09 ? 33  PHE A CD1 1 
ATOM 160  C CD2 . PHE A 1 33  ? 13.022  11.401  -10.498 1.00 28.60 ? 33  PHE A CD2 1 
ATOM 161  C CE1 . PHE A 1 33  ? 14.479  10.331  -8.390  1.00 28.25 ? 33  PHE A CE1 1 
ATOM 162  C CE2 . PHE A 1 33  ? 13.183  10.024  -10.392 1.00 29.69 ? 33  PHE A CE2 1 
ATOM 163  C CZ  . PHE A 1 33  ? 13.916  9.490   -9.333  1.00 29.25 ? 33  PHE A CZ  1 
ATOM 164  N N   . LEU A 1 34  ? 10.995  14.546  -7.729  1.00 28.27 ? 34  LEU A N   1 
ATOM 165  C CA  . LEU A 1 34  ? 10.168  14.253  -6.561  1.00 27.98 ? 34  LEU A CA  1 
ATOM 166  C C   . LEU A 1 34  ? 8.690   14.306  -6.949  1.00 27.32 ? 34  LEU A C   1 
ATOM 167  O O   . LEU A 1 34  ? 7.925   13.418  -6.608  1.00 24.93 ? 34  LEU A O   1 
ATOM 168  C CB  . LEU A 1 34  ? 10.446  15.266  -5.443  1.00 27.10 ? 34  LEU A CB  1 
ATOM 169  C CG  . LEU A 1 34  ? 9.583   15.112  -4.184  1.00 27.19 ? 34  LEU A CG  1 
ATOM 170  C CD1 . LEU A 1 34  ? 9.867   13.768  -3.525  1.00 29.30 ? 34  LEU A CD1 1 
ATOM 171  C CD2 . LEU A 1 34  ? 9.879   16.252  -3.208  1.00 24.43 ? 34  LEU A CD2 1 
ATOM 172  N N   . SER A 1 35  ? 8.288   15.349  -7.670  1.00 26.88 ? 35  SER A N   1 
ATOM 173  C CA  . SER A 1 35  ? 6.898   15.470  -8.091  1.00 32.12 ? 35  SER A CA  1 
ATOM 174  C C   . SER A 1 35  ? 6.484   14.263  -8.926  1.00 32.96 ? 35  SER A C   1 
ATOM 175  O O   . SER A 1 35  ? 5.414   13.681  -8.725  1.00 33.67 ? 35  SER A O   1 
ATOM 176  C CB  . SER A 1 35  ? 6.694   16.744  -8.913  1.00 31.35 ? 35  SER A CB  1 
ATOM 177  O OG  . SER A 1 35  ? 6.752   17.887  -8.085  1.00 32.83 ? 35  SER A OG  1 
ATOM 178  N N   . GLN A 1 36  ? 7.347   13.886  -9.857  1.00 28.84 ? 36  GLN A N   1 
ATOM 179  C CA  . GLN A 1 36  ? 7.083   12.762  -10.745 1.00 29.76 ? 36  GLN A CA  1 
ATOM 180  C C   . GLN A 1 36  ? 6.900   11.440  -9.988  1.00 30.36 ? 36  GLN A C   1 
ATOM 181  O O   . GLN A 1 36  ? 5.922   10.712  -10.187 1.00 28.17 ? 36  GLN A O   1 
ATOM 182  C CB  . GLN A 1 36  ? 8.235   12.627  -11.737 1.00 28.19 ? 36  GLN A CB  1 
ATOM 183  C CG  . GLN A 1 36  ? 7.927   11.757  -12.931 1.00 34.95 ? 36  GLN A CG  1 
ATOM 184  C CD  . GLN A 1 36  ? 9.175   11.413  -13.709 1.00 36.81 ? 36  GLN A CD  1 
ATOM 185  O OE1 . GLN A 1 36  ? 10.058  10.723  -13.204 1.00 37.29 ? 36  GLN A OE1 1 
ATOM 186  N NE2 . GLN A 1 36  ? 9.259   11.895  -14.944 1.00 41.99 ? 36  GLN A NE2 1 
ATOM 187  N N   . THR A 1 37  ? 7.858   11.135  -9.123  1.00 29.84 ? 37  THR A N   1 
ATOM 188  C CA  . THR A 1 37  ? 7.825   9.904   -8.351  1.00 28.59 ? 37  THR A CA  1 
ATOM 189  C C   . THR A 1 37  ? 6.686   9.919   -7.344  1.00 31.30 ? 37  THR A C   1 
ATOM 190  O O   . THR A 1 37  ? 6.121   8.873   -7.022  1.00 28.50 ? 37  THR A O   1 
ATOM 191  C CB  . THR A 1 37  ? 9.167   9.695   -7.620  1.00 27.55 ? 37  THR A CB  1 
ATOM 192  O OG1 . THR A 1 37  ? 10.234  9.721   -8.582  1.00 32.28 ? 37  THR A OG1 1 
ATOM 193  C CG2 . THR A 1 37  ? 9.185   8.348   -6.924  1.00 35.53 ? 37  THR A CG2 1 
ATOM 194  N N   . THR A 1 38  ? 6.349   11.102  -6.846  1.00 30.78 ? 38  THR A N   1 
ATOM 195  C CA  . THR A 1 38  ? 5.258   11.228  -5.888  1.00 30.91 ? 38  THR A CA  1 
ATOM 196  C C   . THR A 1 38  ? 3.951   10.797  -6.547  1.00 36.97 ? 38  THR A C   1 
ATOM 197  O O   . THR A 1 38  ? 3.228   9.944   -6.026  1.00 38.20 ? 38  THR A O   1 
ATOM 198  C CB  . THR A 1 38  ? 5.104   12.684  -5.397  1.00 29.15 ? 38  THR A CB  1 
ATOM 199  O OG1 . THR A 1 38  ? 6.247   13.047  -4.618  1.00 33.18 ? 38  THR A OG1 1 
ATOM 200  C CG2 . THR A 1 38  ? 3.847   12.834  -4.539  1.00 25.26 ? 38  THR A CG2 1 
ATOM 201  N N   . TYR A 1 39  ? 3.661   11.377  -7.705  1.00 36.10 ? 39  TYR A N   1 
ATOM 202  C CA  . TYR A 1 39  ? 2.437   11.048  -8.412  1.00 38.90 ? 39  TYR A CA  1 
ATOM 203  C C   . TYR A 1 39  ? 2.403   9.585   -8.835  1.00 33.14 ? 39  TYR A C   1 
ATOM 204  O O   . TYR A 1 39  ? 1.356   8.950   -8.777  1.00 28.34 ? 39  TYR A O   1 
ATOM 205  C CB  . TYR A 1 39  ? 2.268   11.948  -9.638  1.00 45.80 ? 39  TYR A CB  1 
ATOM 206  C CG  . TYR A 1 39  ? 0.881   11.874  -10.232 1.00 60.80 ? 39  TYR A CG  1 
ATOM 207  C CD1 . TYR A 1 39  ? 0.633   11.156  -11.404 1.00 62.49 ? 39  TYR A CD1 1 
ATOM 208  C CD2 . TYR A 1 39  ? -0.200  12.501  -9.601  1.00 62.98 ? 39  TYR A CD2 1 
ATOM 209  C CE1 . TYR A 1 39  ? -0.661  11.067  -11.932 1.00 62.04 ? 39  TYR A CE1 1 
ATOM 210  C CE2 . TYR A 1 39  ? -1.491  12.420  -10.120 1.00 60.12 ? 39  TYR A CE2 1 
ATOM 211  C CZ  . TYR A 1 39  ? -1.715  11.703  -11.283 1.00 60.06 ? 39  TYR A CZ  1 
ATOM 212  O OH  . TYR A 1 39  ? -2.990  11.627  -11.795 1.00 59.05 ? 39  TYR A OH  1 
ATOM 213  N N   . ALA A 1 40  ? 3.544   9.059   -9.269  1.00 30.16 ? 40  ALA A N   1 
ATOM 214  C CA  . ALA A 1 40  ? 3.614   7.663   -9.688  1.00 29.30 ? 40  ALA A CA  1 
ATOM 215  C C   . ALA A 1 40  ? 3.330   6.757   -8.500  1.00 31.90 ? 40  ALA A C   1 
ATOM 216  O O   . ALA A 1 40  ? 2.635   5.759   -8.630  1.00 34.66 ? 40  ALA A O   1 
ATOM 217  C CB  . ALA A 1 40  ? 4.996   7.348   -10.265 1.00 24.39 ? 40  ALA A CB  1 
ATOM 218  N N   . LEU A 1 41  ? 3.876   7.113   -7.345  1.00 26.74 ? 41  LEU A N   1 
ATOM 219  C CA  . LEU A 1 41  ? 3.682   6.336   -6.126  1.00 25.31 ? 41  LEU A CA  1 
ATOM 220  C C   . LEU A 1 41  ? 2.242   6.388   -5.635  1.00 27.00 ? 41  LEU A C   1 
ATOM 221  O O   . LEU A 1 41  ? 1.687   5.382   -5.205  1.00 26.15 ? 41  LEU A O   1 
ATOM 222  C CB  . LEU A 1 41  ? 4.604   6.845   -5.024  1.00 22.72 ? 41  LEU A CB  1 
ATOM 223  C CG  . LEU A 1 41  ? 4.353   6.238   -3.642  1.00 25.13 ? 41  LEU A CG  1 
ATOM 224  C CD1 . LEU A 1 41  ? 4.501   4.721   -3.703  1.00 22.67 ? 41  LEU A CD1 1 
ATOM 225  C CD2 . LEU A 1 41  ? 5.330   6.843   -2.639  1.00 25.02 ? 41  LEU A CD2 1 
ATOM 226  N N   . ILE A 1 42  ? 1.637   7.563   -5.700  1.00 26.28 ? 42  ILE A N   1 
ATOM 227  C CA  . ILE A 1 42  ? 0.261   7.735   -5.261  1.00 28.28 ? 42  ILE A CA  1 
ATOM 228  C C   . ILE A 1 42  ? -0.662  6.901   -6.134  1.00 27.63 ? 42  ILE A C   1 
ATOM 229  O O   . ILE A 1 42  ? -1.597  6.260   -5.646  1.00 24.42 ? 42  ILE A O   1 
ATOM 230  C CB  . ILE A 1 42  ? -0.143  9.229   -5.321  1.00 28.86 ? 42  ILE A CB  1 
ATOM 231  C CG1 . ILE A 1 42  ? 0.552   9.972   -4.173  1.00 29.34 ? 42  ILE A CG1 1 
ATOM 232  C CG2 . ILE A 1 42  ? -1.681  9.378   -5.276  1.00 21.59 ? 42  ILE A CG2 1 
ATOM 233  C CD1 . ILE A 1 42  ? 0.190   11.440  -4.050  1.00 27.81 ? 42  ILE A CD1 1 
ATOM 234  N N   . GLU A 1 43  ? -0.374  6.914   -7.428  1.00 27.10 ? 43  GLU A N   1 
ATOM 235  C CA  . GLU A 1 43  ? -1.125  6.172   -8.429  1.00 30.20 ? 43  GLU A CA  1 
ATOM 236  C C   . GLU A 1 43  ? -1.027  4.673   -8.097  1.00 27.79 ? 43  GLU A C   1 
ATOM 237  O O   . GLU A 1 43  ? -2.025  3.954   -8.099  1.00 28.09 ? 43  GLU A O   1 
ATOM 238  C CB  . GLU A 1 43  ? -0.514  6.477   -9.806  1.00 31.83 ? 43  GLU A CB  1 
ATOM 239  C CG  . GLU A 1 43  ? -1.469  6.475   -10.988 1.00 43.16 ? 43  GLU A CG  1 
ATOM 240  C CD  . GLU A 1 43  ? -0.921  7.272   -12.182 1.00 50.92 ? 43  GLU A CD  1 
ATOM 241  O OE1 . GLU A 1 43  ? 0.251   7.059   -12.573 1.00 49.34 ? 43  GLU A OE1 1 
ATOM 242  O OE2 . GLU A 1 43  ? -1.667  8.113   -12.734 1.00 58.44 ? 43  GLU A OE2 1 
ATOM 243  N N   . ALA A 1 44  ? 0.182   4.209   -7.795  1.00 26.27 ? 44  ALA A N   1 
ATOM 244  C CA  . ALA A 1 44  ? 0.399   2.798   -7.462  1.00 26.43 ? 44  ALA A CA  1 
ATOM 245  C C   . ALA A 1 44  ? -0.346  2.373   -6.187  1.00 30.75 ? 44  ALA A C   1 
ATOM 246  O O   . ALA A 1 44  ? -0.910  1.282   -6.129  1.00 31.80 ? 44  ALA A O   1 
ATOM 247  C CB  . ALA A 1 44  ? 1.892   2.517   -7.304  1.00 26.89 ? 44  ALA A CB  1 
ATOM 248  N N   . ILE A 1 45  ? -0.343  3.226   -5.171  1.00 29.34 ? 45  ILE A N   1 
ATOM 249  C CA  . ILE A 1 45  ? -1.040  2.902   -3.926  1.00 27.27 ? 45  ILE A CA  1 
ATOM 250  C C   . ILE A 1 45  ? -2.550  2.833   -4.165  1.00 29.02 ? 45  ILE A C   1 
ATOM 251  O O   . ILE A 1 45  ? -3.242  1.967   -3.618  1.00 24.21 ? 45  ILE A O   1 
ATOM 252  C CB  . ILE A 1 45  ? -0.735  3.944   -2.838  1.00 27.26 ? 45  ILE A CB  1 
ATOM 253  C CG1 . ILE A 1 45  ? 0.759   3.897   -2.506  1.00 31.66 ? 45  ILE A CG1 1 
ATOM 254  C CG2 . ILE A 1 45  ? -1.582  3.680   -1.580  1.00 22.85 ? 45  ILE A CG2 1 
ATOM 255  C CD1 . ILE A 1 45  ? 1.196   4.902   -1.457  1.00 35.89 ? 45  ILE A CD1 1 
ATOM 256  N N   . THR A 1 46  ? -3.058  3.739   -4.995  1.00 27.31 ? 46  THR A N   1 
ATOM 257  C CA  . THR A 1 46  ? -4.481  3.764   -5.308  1.00 30.89 ? 46  THR A CA  1 
ATOM 258  C C   . THR A 1 46  ? -4.876  2.490   -6.061  1.00 31.43 ? 46  THR A C   1 
ATOM 259  O O   . THR A 1 46  ? -5.953  1.939   -5.845  1.00 32.04 ? 46  THR A O   1 
ATOM 260  C CB  . THR A 1 46  ? -4.837  5.013   -6.157  1.00 27.70 ? 46  THR A CB  1 
ATOM 261  O OG1 . THR A 1 46  ? -4.516  6.194   -5.412  1.00 36.93 ? 46  THR A OG1 1 
ATOM 262  C CG2 . THR A 1 46  ? -6.334  5.036   -6.484  1.00 35.05 ? 46  THR A CG2 1 
ATOM 263  N N   . GLU A 1 47  ? -4.004  2.030   -6.950  1.00 32.17 ? 47  GLU A N   1 
ATOM 264  C CA  . GLU A 1 47  ? -4.262  0.810   -7.710  1.00 29.57 ? 47  GLU A CA  1 
ATOM 265  C C   . GLU A 1 47  ? -4.283  -0.356  -6.714  1.00 28.63 ? 47  GLU A C   1 
ATOM 266  O O   . GLU A 1 47  ? -5.096  -1.278  -6.825  1.00 29.58 ? 47  GLU A O   1 
ATOM 267  C CB  . GLU A 1 47  ? -3.153  0.584   -8.738  1.00 33.57 ? 47  GLU A CB  1 
ATOM 268  C CG  . GLU A 1 47  ? -3.625  0.327   -10.160 1.00 45.86 ? 47  GLU A CG  1 
ATOM 269  C CD  . GLU A 1 47  ? -3.779  1.602   -10.970 1.00 52.52 ? 47  GLU A CD  1 
ATOM 270  O OE1 . GLU A 1 47  ? -2.773  2.325   -11.134 1.00 59.00 ? 47  GLU A OE1 1 
ATOM 271  O OE2 . GLU A 1 47  ? -4.903  1.879   -11.447 1.00 57.86 ? 47  GLU A OE2 1 
ATOM 272  N N   . TYR A 1 48  ? -3.372  -0.311  -5.746  1.00 27.42 ? 48  TYR A N   1 
ATOM 273  C CA  . TYR A 1 48  ? -3.292  -1.344  -4.715  1.00 29.75 ? 48  TYR A CA  1 
ATOM 274  C C   . TYR A 1 48  ? -4.558  -1.324  -3.859  1.00 32.45 ? 48  TYR A C   1 
ATOM 275  O O   . TYR A 1 48  ? -5.139  -2.368  -3.576  1.00 36.90 ? 48  TYR A O   1 
ATOM 276  C CB  . TYR A 1 48  ? -2.071  -1.103  -3.816  1.00 29.15 ? 48  TYR A CB  1 
ATOM 277  C CG  . TYR A 1 48  ? -2.056  -1.955  -2.559  1.00 28.88 ? 48  TYR A CG  1 
ATOM 278  C CD1 . TYR A 1 48  ? -1.891  -3.339  -2.627  1.00 26.82 ? 48  TYR A CD1 1 
ATOM 279  C CD2 . TYR A 1 48  ? -2.239  -1.374  -1.301  1.00 30.67 ? 48  TYR A CD2 1 
ATOM 280  C CE1 . TYR A 1 48  ? -1.912  -4.131  -1.465  1.00 23.57 ? 48  TYR A CE1 1 
ATOM 281  C CE2 . TYR A 1 48  ? -2.258  -2.147  -0.142  1.00 27.38 ? 48  TYR A CE2 1 
ATOM 282  C CZ  . TYR A 1 48  ? -2.095  -3.523  -0.228  1.00 27.67 ? 48  TYR A CZ  1 
ATOM 283  O OH  . TYR A 1 48  ? -2.116  -4.284  0.923   1.00 21.52 ? 48  TYR A OH  1 
ATOM 284  N N   . THR A 1 49  ? -4.979  -0.130  -3.450  1.00 30.15 ? 49  THR A N   1 
ATOM 285  C CA  . THR A 1 49  ? -6.177  0.019   -2.621  1.00 31.86 ? 49  THR A CA  1 
ATOM 286  C C   . THR A 1 49  ? -7.438  -0.544  -3.284  1.00 32.09 ? 49  THR A C   1 
ATOM 287  O O   . THR A 1 49  ? -8.286  -1.142  -2.623  1.00 29.66 ? 49  THR A O   1 
ATOM 288  C CB  . THR A 1 49  ? -6.398  1.498   -2.250  1.00 30.45 ? 49  THR A CB  1 
ATOM 289  O OG1 . THR A 1 49  ? -5.316  1.929   -1.418  1.00 32.56 ? 49  THR A OG1 1 
ATOM 290  C CG2 . THR A 1 49  ? -7.729  1.696   -1.496  1.00 21.67 ? 49  THR A CG2 1 
ATOM 291  N N   . LYS A 1 50  ? -7.561  -0.345  -4.586  1.00 32.68 ? 50  LYS A N   1 
ATOM 292  C CA  . LYS A 1 50  ? -8.703  -0.858  -5.321  1.00 32.46 ? 50  LYS A CA  1 
ATOM 293  C C   . LYS A 1 50  ? -8.679  -2.390  -5.241  1.00 32.37 ? 50  LYS A C   1 
ATOM 294  O O   . LYS A 1 50  ? -9.697  -3.025  -4.968  1.00 32.31 ? 50  LYS A O   1 
ATOM 295  C CB  . LYS A 1 50  ? -8.622  -0.384  -6.773  1.00 36.48 ? 50  LYS A CB  1 
ATOM 296  C CG  . LYS A 1 50  ? -9.529  -1.109  -7.748  1.00 42.98 ? 50  LYS A CG  1 
ATOM 297  C CD  . LYS A 1 50  ? -8.704  -1.624  -8.926  1.00 46.99 ? 50  LYS A CD  1 
ATOM 298  C CE  . LYS A 1 50  ? -7.647  -2.633  -8.451  1.00 52.99 ? 50  LYS A CE  1 
ATOM 299  N NZ  . LYS A 1 50  ? -6.467  -2.761  -9.366  1.00 54.57 ? 50  LYS A NZ  1 
ATOM 300  N N   . ALA A 1 51  ? -7.502  -2.973  -5.454  1.00 30.29 ? 51  ALA A N   1 
ATOM 301  C CA  . ALA A 1 51  ? -7.337  -4.422  -5.401  1.00 28.49 ? 51  ALA A CA  1 
ATOM 302  C C   . ALA A 1 51  ? -7.703  -5.031  -4.038  1.00 32.44 ? 51  ALA A C   1 
ATOM 303  O O   . ALA A 1 51  ? -8.167  -6.167  -3.973  1.00 31.67 ? 51  ALA A O   1 
ATOM 304  C CB  . ALA A 1 51  ? -5.910  -4.792  -5.769  1.00 21.19 ? 51  ALA A CB  1 
ATOM 305  N N   . VAL A 1 52  ? -7.493  -4.278  -2.961  1.00 26.73 ? 52  VAL A N   1 
ATOM 306  C CA  . VAL A 1 52  ? -7.808  -4.739  -1.601  1.00 21.98 ? 52  VAL A CA  1 
ATOM 307  C C   . VAL A 1 52  ? -9.320  -4.706  -1.394  1.00 24.21 ? 52  VAL A C   1 
ATOM 308  O O   . VAL A 1 52  ? -9.899  -5.609  -0.771  1.00 21.32 ? 52  VAL A O   1 
ATOM 309  C CB  . VAL A 1 52  ? -7.128  -3.832  -0.539  1.00 24.53 ? 52  VAL A CB  1 
ATOM 310  C CG1 . VAL A 1 52  ? -7.719  -4.090  0.850   1.00 24.85 ? 52  VAL A CG1 1 
ATOM 311  C CG2 . VAL A 1 52  ? -5.631  -4.092  -0.523  1.00 22.07 ? 52  VAL A CG2 1 
ATOM 312  N N   . TYR A 1 53  ? -9.949  -3.650  -1.906  1.00 22.47 ? 53  TYR A N   1 
ATOM 313  C CA  . TYR A 1 53  ? -11.393 -3.508  -1.820  1.00 27.69 ? 53  TYR A CA  1 
ATOM 314  C C   . TYR A 1 53  ? -12.043 -4.652  -2.598  1.00 29.08 ? 53  TYR A C   1 
ATOM 315  O O   . TYR A 1 53  ? -13.021 -5.240  -2.142  1.00 27.66 ? 53  TYR A O   1 
ATOM 316  C CB  . TYR A 1 53  ? -11.854 -2.156  -2.395  1.00 25.37 ? 53  TYR A CB  1 
ATOM 317  C CG  . TYR A 1 53  ? -11.799 -1.032  -1.381  1.00 30.71 ? 53  TYR A CG  1 
ATOM 318  C CD1 . TYR A 1 53  ? -12.316 -1.208  -0.104  1.00 33.54 ? 53  TYR A CD1 1 
ATOM 319  C CD2 . TYR A 1 53  ? -11.213 0.196   -1.687  1.00 35.19 ? 53  TYR A CD2 1 
ATOM 320  C CE1 . TYR A 1 53  ? -12.247 -0.194  0.856   1.00 40.59 ? 53  TYR A CE1 1 
ATOM 321  C CE2 . TYR A 1 53  ? -11.143 1.222   -0.732  1.00 37.58 ? 53  TYR A CE2 1 
ATOM 322  C CZ  . TYR A 1 53  ? -11.657 1.014   0.537   1.00 41.72 ? 53  TYR A CZ  1 
ATOM 323  O OH  . TYR A 1 53  ? -11.557 1.991   1.511   1.00 46.36 ? 53  TYR A OH  1 
ATOM 324  N N   . THR A 1 54  ? -11.493 -4.965  -3.767  1.00 28.77 ? 54  THR A N   1 
ATOM 325  C CA  . THR A 1 54  ? -12.027 -6.048  -4.584  1.00 31.74 ? 54  THR A CA  1 
ATOM 326  C C   . THR A 1 54  ? -11.939 -7.369  -3.818  1.00 30.77 ? 54  THR A C   1 
ATOM 327  O O   . THR A 1 54  ? -12.928 -8.083  -3.699  1.00 31.75 ? 54  THR A O   1 
ATOM 328  C CB  . THR A 1 54  ? -11.256 -6.168  -5.907  1.00 35.60 ? 54  THR A CB  1 
ATOM 329  O OG1 . THR A 1 54  ? -11.458 -4.982  -6.681  1.00 37.83 ? 54  THR A OG1 1 
ATOM 330  C CG2 . THR A 1 54  ? -11.730 -7.381  -6.709  1.00 39.05 ? 54  THR A CG2 1 
ATOM 331  N N   . LEU A 1 55  ? -10.759 -7.680  -3.287  1.00 26.81 ? 55  LEU A N   1 
ATOM 332  C CA  . LEU A 1 55  ? -10.565 -8.907  -2.525  1.00 28.36 ? 55  LEU A CA  1 
ATOM 333  C C   . LEU A 1 55  ? -11.472 -8.955  -1.297  1.00 30.70 ? 55  LEU A C   1 
ATOM 334  O O   . LEU A 1 55  ? -11.911 -10.023 -0.882  1.00 28.97 ? 55  LEU A O   1 
ATOM 335  C CB  . LEU A 1 55  ? -9.102  -9.031  -2.072  1.00 29.80 ? 55  LEU A CB  1 
ATOM 336  C CG  . LEU A 1 55  ? -8.768  -10.343 -1.345  1.00 33.22 ? 55  LEU A CG  1 
ATOM 337  C CD1 . LEU A 1 55  ? -9.067  -11.523 -2.281  1.00 27.38 ? 55  LEU A CD1 1 
ATOM 338  C CD2 . LEU A 1 55  ? -7.296  -10.370 -0.921  1.00 23.63 ? 55  LEU A CD2 1 
ATOM 339  N N   . THR A 1 56  ? -11.746 -7.796  -0.710  1.00 29.02 ? 56  THR A N   1 
ATOM 340  C CA  . THR A 1 56  ? -12.604 -7.735  0.467   1.00 26.62 ? 56  THR A CA  1 
ATOM 341  C C   . THR A 1 56  ? -14.032 -8.223  0.191   1.00 25.34 ? 56  THR A C   1 
ATOM 342  O O   . THR A 1 56  ? -14.584 -9.029  0.953   1.00 27.66 ? 56  THR A O   1 
ATOM 343  C CB  . THR A 1 56  ? -12.674 -6.294  1.041   1.00 25.93 ? 56  THR A CB  1 
ATOM 344  O OG1 . THR A 1 56  ? -11.357 -5.855  1.416   1.00 23.62 ? 56  THR A OG1 1 
ATOM 345  C CG2 . THR A 1 56  ? -13.564 -6.256  2.283   1.00 20.56 ? 56  THR A CG2 1 
ATOM 346  N N   . SER A 1 57  ? -14.639 -7.746  -0.892  1.00 21.97 ? 57  SER A N   1 
ATOM 347  C CA  . SER A 1 57  ? -16.005 -8.153  -1.190  1.00 30.19 ? 57  SER A CA  1 
ATOM 348  C C   . SER A 1 57  ? -16.083 -9.637  -1.542  1.00 29.22 ? 57  SER A C   1 
ATOM 349  O O   . SER A 1 57  ? -17.090 -10.293 -1.274  1.00 30.08 ? 57  SER A O   1 
ATOM 350  C CB  . SER A 1 57  ? -16.588 -7.287  -2.312  1.00 27.02 ? 57  SER A CB  1 
ATOM 351  O OG  . SER A 1 57  ? -15.711 -7.212  -3.407  1.00 36.46 ? 57  SER A OG  1 
ATOM 352  N N   . LEU A 1 58  ? -15.014 -10.169 -2.127  1.00 26.23 ? 58  LEU A N   1 
ATOM 353  C CA  . LEU A 1 58  ? -14.990 -11.585 -2.472  1.00 27.61 ? 58  LEU A CA  1 
ATOM 354  C C   . LEU A 1 58  ? -14.994 -12.433 -1.203  1.00 32.90 ? 58  LEU A C   1 
ATOM 355  O O   . LEU A 1 58  ? -15.662 -13.469 -1.155  1.00 29.48 ? 58  LEU A O   1 
ATOM 356  C CB  . LEU A 1 58  ? -13.758 -11.917 -3.309  1.00 25.11 ? 58  LEU A CB  1 
ATOM 357  C CG  . LEU A 1 58  ? -13.813 -11.529 -4.788  1.00 28.03 ? 58  LEU A CG  1 
ATOM 358  C CD1 . LEU A 1 58  ? -14.358 -10.100 -4.937  1.00 34.26 ? 58  LEU A CD1 1 
ATOM 359  C CD2 . LEU A 1 58  ? -12.415 -11.625 -5.377  1.00 25.87 ? 58  LEU A CD2 1 
ATOM 360  N N   . TYR A 1 59  ? -14.252 -12.003 -0.181  1.00 33.92 ? 59  TYR A N   1 
ATOM 361  C CA  . TYR A 1 59  ? -14.232 -12.753 1.073   1.00 33.00 ? 59  TYR A CA  1 
ATOM 362  C C   . TYR A 1 59  ? -15.608 -12.733 1.703   1.00 37.82 ? 59  TYR A C   1 
ATOM 363  O O   . TYR A 1 59  ? -16.048 -13.727 2.279   1.00 42.83 ? 59  TYR A O   1 
ATOM 364  C CB  . TYR A 1 59  ? -13.231 -12.179 2.076   1.00 25.26 ? 59  TYR A CB  1 
ATOM 365  C CG  . TYR A 1 59  ? -11.868 -12.834 2.010   1.00 23.35 ? 59  TYR A CG  1 
ATOM 366  C CD1 . TYR A 1 59  ? -10.876 -12.328 1.176   1.00 23.13 ? 59  TYR A CD1 1 
ATOM 367  C CD2 . TYR A 1 59  ? -11.575 -13.972 2.764   1.00 19.20 ? 59  TYR A CD2 1 
ATOM 368  C CE1 . TYR A 1 59  ? -9.631  -12.935 1.088   1.00 15.60 ? 59  TYR A CE1 1 
ATOM 369  C CE2 . TYR A 1 59  ? -10.315 -14.587 2.684   1.00 19.02 ? 59  TYR A CE2 1 
ATOM 370  C CZ  . TYR A 1 59  ? -9.360  -14.058 1.840   1.00 16.96 ? 59  TYR A CZ  1 
ATOM 371  O OH  . TYR A 1 59  ? -8.124  -14.654 1.714   1.00 20.82 ? 59  TYR A OH  1 
ATOM 372  N N   . ARG A 1 60  ? -16.278 -11.590 1.607   1.00 40.69 ? 60  ARG A N   1 
ATOM 373  C CA  . ARG A 1 60  ? -17.612 -11.457 2.166   1.00 47.36 ? 60  ARG A CA  1 
ATOM 374  C C   . ARG A 1 60  ? -18.591 -12.406 1.476   1.00 46.09 ? 60  ARG A C   1 
ATOM 375  O O   . ARG A 1 60  ? -19.467 -12.975 2.126   1.00 44.84 ? 60  ARG A O   1 
ATOM 376  C CB  . ARG A 1 60  ? -18.088 -10.010 2.039   1.00 50.17 ? 60  ARG A CB  1 
ATOM 377  C CG  . ARG A 1 60  ? -17.531 -9.098  3.117   1.00 58.99 ? 60  ARG A CG  1 
ATOM 378  C CD  . ARG A 1 60  ? -17.815 -7.646  2.810   1.00 69.81 ? 60  ARG A CD  1 
ATOM 379  N NE  . ARG A 1 60  ? -17.456 -6.777  3.924   1.00 75.01 ? 60  ARG A NE  1 
ATOM 380  C CZ  . ARG A 1 60  ? -17.363 -5.455  3.840   1.00 71.71 ? 60  ARG A CZ  1 
ATOM 381  N NH1 . ARG A 1 60  ? -17.600 -4.848  2.688   1.00 70.35 ? 60  ARG A NH1 1 
ATOM 382  N NH2 . ARG A 1 60  ? -17.034 -4.738  4.907   1.00 68.30 ? 60  ARG A NH2 1 
ATOM 383  N N   . GLN A 1 61  ? -18.431 -12.575 0.163   1.00 42.75 ? 61  GLN A N   1 
ATOM 384  C CA  . GLN A 1 61  ? -19.296 -13.462 -0.612  1.00 43.37 ? 61  GLN A CA  1 
ATOM 385  C C   . GLN A 1 61  ? -19.053 -14.912 -0.228  1.00 41.02 ? 61  GLN A C   1 
ATOM 386  O O   . GLN A 1 61  ? -19.994 -15.683 -0.064  1.00 44.39 ? 61  GLN A O   1 
ATOM 387  C CB  . GLN A 1 61  ? -19.040 -13.308 -2.112  1.00 42.45 ? 61  GLN A CB  1 
ATOM 388  C CG  . GLN A 1 61  ? -19.557 -12.018 -2.714  1.00 48.33 ? 61  GLN A CG  1 
ATOM 389  C CD  . GLN A 1 61  ? -19.269 -11.920 -4.203  1.00 50.78 ? 61  GLN A CD  1 
ATOM 390  O OE1 . GLN A 1 61  ? -19.681 -10.969 -4.864  1.00 55.23 ? 61  GLN A OE1 1 
ATOM 391  N NE2 . GLN A 1 61  ? -18.557 -12.906 -4.737  1.00 55.12 ? 61  GLN A NE2 1 
ATOM 392  N N   . TYR A 1 62  ? -17.783 -15.279 -0.105  1.00 38.29 ? 62  TYR A N   1 
ATOM 393  C CA  . TYR A 1 62  ? -17.421 -16.636 0.264   1.00 38.74 ? 62  TYR A CA  1 
ATOM 394  C C   . TYR A 1 62  ? -17.984 -16.942 1.648   1.00 42.42 ? 62  TYR A C   1 
ATOM 395  O O   . TYR A 1 62  ? -18.555 -18.005 1.877   1.00 45.29 ? 62  TYR A O   1 
ATOM 396  C CB  . TYR A 1 62  ? -15.901 -16.792 0.291   1.00 34.10 ? 62  TYR A CB  1 
ATOM 397  C CG  . TYR A 1 62  ? -15.442 -18.194 0.610   1.00 41.45 ? 62  TYR A CG  1 
ATOM 398  C CD1 . TYR A 1 62  ? -15.476 -19.197 -0.359  1.00 45.47 ? 62  TYR A CD1 1 
ATOM 399  C CD2 . TYR A 1 62  ? -14.981 -18.524 1.891   1.00 44.37 ? 62  TYR A CD2 1 
ATOM 400  C CE1 . TYR A 1 62  ? -15.056 -20.500 -0.062  1.00 50.70 ? 62  TYR A CE1 1 
ATOM 401  C CE2 . TYR A 1 62  ? -14.563 -19.818 2.199   1.00 43.90 ? 62  TYR A CE2 1 
ATOM 402  C CZ  . TYR A 1 62  ? -14.599 -20.799 1.219   1.00 48.32 ? 62  TYR A CZ  1 
ATOM 403  O OH  . TYR A 1 62  ? -14.161 -22.068 1.511   1.00 50.19 ? 62  TYR A OH  1 
ATOM 404  N N   . THR A 1 63  ? -17.819 -16.000 2.569   1.00 41.93 ? 63  THR A N   1 
ATOM 405  C CA  . THR A 1 63  ? -18.307 -16.183 3.928   1.00 40.02 ? 63  THR A CA  1 
ATOM 406  C C   . THR A 1 63  ? -19.826 -16.321 3.988   1.00 40.13 ? 63  THR A C   1 
ATOM 407  O O   . THR A 1 63  ? -20.353 -17.066 4.814   1.00 40.14 ? 63  THR A O   1 
ATOM 408  C CB  . THR A 1 63  ? -17.842 -15.021 4.831   1.00 39.02 ? 63  THR A CB  1 
ATOM 409  O OG1 . THR A 1 63  ? -16.426 -15.116 5.010   1.00 35.16 ? 63  THR A OG1 1 
ATOM 410  C CG2 . THR A 1 63  ? -18.521 -15.080 6.197   1.00 36.07 ? 63  THR A CG2 1 
ATOM 411  N N   . SER A 1 64  ? -20.526 -15.612 3.111   1.00 42.36 ? 64  SER A N   1 
ATOM 412  C CA  . SER A 1 64  ? -21.981 -15.677 3.077   1.00 49.94 ? 64  SER A CA  1 
ATOM 413  C C   . SER A 1 64  ? -22.464 -17.028 2.529   1.00 50.94 ? 64  SER A C   1 
ATOM 414  O O   . SER A 1 64  ? -23.633 -17.380 2.670   1.00 54.62 ? 64  SER A O   1 
ATOM 415  C CB  . SER A 1 64  ? -22.539 -14.548 2.207   1.00 52.13 ? 64  SER A CB  1 
ATOM 416  O OG  . SER A 1 64  ? -22.165 -14.724 0.850   1.00 56.20 ? 64  SER A OG  1 
ATOM 417  N N   . LEU A 1 65  ? -21.555 -17.776 1.907   1.00 49.90 ? 65  LEU A N   1 
ATOM 418  C CA  . LEU A 1 65  ? -21.879 -19.080 1.336   1.00 52.93 ? 65  LEU A CA  1 
ATOM 419  C C   . LEU A 1 65  ? -21.394 -20.220 2.225   1.00 58.63 ? 65  LEU A C   1 
ATOM 420  O O   . LEU A 1 65  ? -21.740 -21.379 1.992   1.00 57.71 ? 65  LEU A O   1 
ATOM 421  C CB  . LEU A 1 65  ? -21.222 -19.247 -0.038  1.00 46.28 ? 65  LEU A CB  1 
ATOM 422  C CG  . LEU A 1 65  ? -21.427 -18.183 -1.118  1.00 48.01 ? 65  LEU A CG  1 
ATOM 423  C CD1 . LEU A 1 65  ? -20.690 -18.619 -2.369  1.00 47.44 ? 65  LEU A CD1 1 
ATOM 424  C CD2 . LEU A 1 65  ? -22.906 -17.989 -1.407  1.00 46.49 ? 65  LEU A CD2 1 
ATOM 425  N N   . LEU A 1 66  ? -20.594 -19.891 3.237   1.00 63.92 ? 66  LEU A N   1 
ATOM 426  C CA  . LEU A 1 66  ? -20.033 -20.904 4.125   1.00 65.87 ? 66  LEU A CA  1 
ATOM 427  C C   . LEU A 1 66  ? -20.995 -21.872 4.799   1.00 70.36 ? 66  LEU A C   1 
ATOM 428  O O   . LEU A 1 66  ? -22.180 -21.593 4.992   1.00 69.71 ? 66  LEU A O   1 
ATOM 429  C CB  . LEU A 1 66  ? -19.129 -20.254 5.176   1.00 62.58 ? 66  LEU A CB  1 
ATOM 430  C CG  . LEU A 1 66  ? -17.715 -19.978 4.654   1.00 60.06 ? 66  LEU A CG  1 
ATOM 431  C CD1 . LEU A 1 66  ? -16.857 -19.376 5.755   1.00 56.96 ? 66  LEU A CD1 1 
ATOM 432  C CD2 . LEU A 1 66  ? -17.095 -21.280 4.147   1.00 58.27 ? 66  LEU A CD2 1 
ATOM 433  N N   . GLY A 1 67  ? -20.436 -23.019 5.166   1.00 75.19 ? 67  GLY A N   1 
ATOM 434  C CA  . GLY A 1 67  ? -21.192 -24.092 5.777   1.00 76.53 ? 67  GLY A CA  1 
ATOM 435  C C   . GLY A 1 67  ? -21.056 -25.202 4.753   1.00 77.87 ? 67  GLY A C   1 
ATOM 436  O O   . GLY A 1 67  ? -20.976 -26.384 5.093   1.00 77.29 ? 67  GLY A O   1 
ATOM 437  N N   . LYS A 1 68  ? -21.011 -24.767 3.492   1.00 77.24 ? 68  LYS A N   1 
ATOM 438  C CA  . LYS A 1 68  ? -20.870 -25.584 2.285   1.00 76.62 ? 68  LYS A CA  1 
ATOM 439  C C   . LYS A 1 68  ? -22.047 -25.451 1.312   1.00 80.42 ? 68  LYS A C   1 
ATOM 440  O O   . LYS A 1 68  ? -22.012 -24.597 0.424   1.00 84.36 ? 68  LYS A O   1 
ATOM 441  C CB  . LYS A 1 68  ? -20.610 -27.057 2.623   1.00 73.26 ? 68  LYS A CB  1 
ATOM 442  C CG  . LYS A 1 68  ? -19.162 -27.325 3.032   1.00 68.69 ? 68  LYS A CG  1 
ATOM 443  C CD  . LYS A 1 68  ? -18.893 -28.807 3.200   1.00 67.87 ? 68  LYS A CD  1 
ATOM 444  C CE  . LYS A 1 68  ? -17.417 -29.076 3.454   1.00 66.74 ? 68  LYS A CE  1 
ATOM 445  N NZ  . LYS A 1 68  ? -17.144 -30.536 3.568   1.00 65.44 ? 68  LYS A NZ  1 
ATOM 446  N N   . MET A 1 69  ? -23.083 -26.274 1.476   1.00 81.00 ? 69  MET A N   1 
ATOM 447  C CA  . MET A 1 69  ? -24.257 -26.235 0.595   1.00 77.44 ? 69  MET A CA  1 
ATOM 448  C C   . MET A 1 69  ? -23.915 -26.056 -0.895  1.00 78.73 ? 69  MET A C   1 
ATOM 449  O O   . MET A 1 69  ? -23.676 -27.043 -1.594  1.00 77.56 ? 69  MET A O   1 
ATOM 450  C CB  . MET A 1 69  ? -25.233 -25.146 1.065   1.00 73.65 ? 69  MET A CB  1 
ATOM 451  C CG  . MET A 1 69  ? -24.591 -23.809 1.385   1.00 73.59 ? 69  MET A CG  1 
ATOM 452  S SD  . MET A 1 69  ? -25.308 -23.010 2.833   1.00 78.39 ? 69  MET A SD  1 
ATOM 453  C CE  . MET A 1 69  ? -24.475 -23.915 4.160   1.00 71.15 ? 69  MET A CE  1 
ATOM 454  N N   . ASN A 1 70  ? -23.887 -24.811 -1.376  1.00 78.27 ? 70  ASN A N   1 
ATOM 455  C CA  . ASN A 1 70  ? -23.570 -24.525 -2.784  1.00 73.22 ? 70  ASN A CA  1 
ATOM 456  C C   . ASN A 1 70  ? -22.088 -24.723 -3.079  1.00 67.65 ? 70  ASN A C   1 
ATOM 457  O O   . ASN A 1 70  ? -21.359 -23.767 -3.345  1.00 67.87 ? 70  ASN A O   1 
ATOM 458  C CB  . ASN A 1 70  ? -23.966 -23.089 -3.153  1.00 77.60 ? 70  ASN A CB  1 
ATOM 459  C CG  . ASN A 1 70  ? -25.459 -22.838 -3.029  1.00 81.51 ? 70  ASN A CG  1 
ATOM 460  O OD1 . ASN A 1 70  ? -26.272 -23.523 -3.654  1.00 86.85 ? 70  ASN A OD1 1 
ATOM 461  N ND2 . ASN A 1 70  ? -25.828 -21.844 -2.222  1.00 78.68 ? 70  ASN A ND2 1 
ATOM 462  N N   . SER A 1 71  ? -21.653 -25.975 -3.043  1.00 60.16 ? 71  SER A N   1 
ATOM 463  C CA  . SER A 1 71  ? -20.261 -26.317 -3.284  1.00 57.72 ? 71  SER A CA  1 
ATOM 464  C C   . SER A 1 71  ? -19.674 -25.782 -4.599  1.00 60.49 ? 71  SER A C   1 
ATOM 465  O O   . SER A 1 71  ? -18.454 -25.669 -4.727  1.00 61.18 ? 71  SER A O   1 
ATOM 466  C CB  . SER A 1 71  ? -20.100 -27.838 -3.227  1.00 58.31 ? 71  SER A CB  1 
ATOM 467  O OG  . SER A 1 71  ? -18.733 -28.211 -3.252  1.00 62.02 ? 71  SER A OG  1 
ATOM 468  N N   . GLU A 1 72  ? -20.521 -25.449 -5.571  1.00 64.47 ? 72  GLU A N   1 
ATOM 469  C CA  . GLU A 1 72  ? -20.014 -24.943 -6.847  1.00 66.87 ? 72  GLU A CA  1 
ATOM 470  C C   . GLU A 1 72  ? -19.614 -23.475 -6.751  1.00 65.80 ? 72  GLU A C   1 
ATOM 471  O O   . GLU A 1 72  ? -18.493 -23.106 -7.094  1.00 64.28 ? 72  GLU A O   1 
ATOM 472  C CB  . GLU A 1 72  ? -21.049 -25.119 -7.967  1.00 69.78 ? 72  GLU A CB  1 
ATOM 473  C CG  . GLU A 1 72  ? -22.288 -24.242 -7.842  1.00 76.86 ? 72  GLU A CG  1 
ATOM 474  C CD  . GLU A 1 72  ? -23.008 -24.056 -9.170  1.00 82.84 ? 72  GLU A CD  1 
ATOM 475  O OE1 . GLU A 1 72  ? -22.369 -23.577 -10.131 1.00 85.60 ? 72  GLU A OE1 1 
ATOM 476  O OE2 . GLU A 1 72  ? -24.212 -24.383 -9.254  1.00 88.14 ? 72  GLU A OE2 1 
ATOM 477  N N   . GLU A 1 73  ? -20.541 -22.641 -6.291  1.00 64.09 ? 73  GLU A N   1 
ATOM 478  C CA  . GLU A 1 73  ? -20.284 -21.216 -6.143  1.00 63.07 ? 73  GLU A CA  1 
ATOM 479  C C   . GLU A 1 73  ? -19.111 -21.000 -5.202  1.00 59.24 ? 73  GLU A C   1 
ATOM 480  O O   . GLU A 1 73  ? -18.193 -20.236 -5.493  1.00 58.14 ? 73  GLU A O   1 
ATOM 481  C CB  . GLU A 1 73  ? -21.526 -20.515 -5.589  1.00 62.20 ? 73  GLU A CB  1 
ATOM 482  C CG  . GLU A 1 73  ? -22.407 -19.905 -6.657  1.00 70.71 ? 73  GLU A CG  1 
ATOM 483  C CD  . GLU A 1 73  ? -21.748 -18.711 -7.319  1.00 74.52 ? 73  GLU A CD  1 
ATOM 484  O OE1 . GLU A 1 73  ? -21.612 -17.663 -6.650  1.00 76.56 ? 73  GLU A OE1 1 
ATOM 485  O OE2 . GLU A 1 73  ? -21.356 -18.825 -8.501  1.00 76.46 ? 73  GLU A OE2 1 
ATOM 486  N N   . GLU A 1 74  ? -19.163 -21.697 -4.076  1.00 56.37 ? 74  GLU A N   1 
ATOM 487  C CA  . GLU A 1 74  ? -18.144 -21.631 -3.043  1.00 55.93 ? 74  GLU A CA  1 
ATOM 488  C C   . GLU A 1 74  ? -16.742 -21.824 -3.616  1.00 54.35 ? 74  GLU A C   1 
ATOM 489  O O   . GLU A 1 74  ? -15.840 -21.026 -3.362  1.00 54.63 ? 74  GLU A O   1 
ATOM 490  C CB  . GLU A 1 74  ? -18.434 -22.708 -1.998  1.00 57.03 ? 74  GLU A CB  1 
ATOM 491  C CG  . GLU A 1 74  ? -17.893 -22.436 -0.613  1.00 60.08 ? 74  GLU A CG  1 
ATOM 492  C CD  . GLU A 1 74  ? -18.523 -23.343 0.437   1.00 63.33 ? 74  GLU A CD  1 
ATOM 493  O OE1 . GLU A 1 74  ? -18.232 -24.561 0.446   1.00 61.57 ? 74  GLU A OE1 1 
ATOM 494  O OE2 . GLU A 1 74  ? -19.323 -22.829 1.250   1.00 63.31 ? 74  GLU A OE2 1 
ATOM 495  N N   . ASP A 1 75  ? -16.561 -22.880 -4.399  1.00 55.18 ? 75  ASP A N   1 
ATOM 496  C CA  . ASP A 1 75  ? -15.257 -23.157 -4.982  1.00 57.49 ? 75  ASP A CA  1 
ATOM 497  C C   . ASP A 1 75  ? -14.886 -22.199 -6.103  1.00 55.11 ? 75  ASP A C   1 
ATOM 498  O O   . ASP A 1 75  ? -13.704 -21.935 -6.333  1.00 53.92 ? 75  ASP A O   1 
ATOM 499  C CB  . ASP A 1 75  ? -15.193 -24.601 -5.487  1.00 64.46 ? 75  ASP A CB  1 
ATOM 500  C CG  . ASP A 1 75  ? -15.218 -25.607 -4.355  1.00 71.44 ? 75  ASP A CG  1 
ATOM 501  O OD1 . ASP A 1 75  ? -14.371 -25.497 -3.440  1.00 72.63 ? 75  ASP A OD1 1 
ATOM 502  O OD2 . ASP A 1 75  ? -16.081 -26.507 -4.379  1.00 71.94 ? 75  ASP A OD2 1 
ATOM 503  N N   . GLU A 1 76  ? -15.886 -21.688 -6.811  1.00 51.18 ? 76  GLU A N   1 
ATOM 504  C CA  . GLU A 1 76  ? -15.605 -20.747 -7.885  1.00 56.92 ? 76  GLU A CA  1 
ATOM 505  C C   . GLU A 1 76  ? -15.152 -19.439 -7.241  1.00 54.34 ? 76  GLU A C   1 
ATOM 506  O O   . GLU A 1 76  ? -14.167 -18.839 -7.664  1.00 55.84 ? 76  GLU A O   1 
ATOM 507  C CB  . GLU A 1 76  ? -16.850 -20.531 -8.751  1.00 62.45 ? 76  GLU A CB  1 
ATOM 508  C CG  . GLU A 1 76  ? -17.259 -21.770 -9.545  1.00 71.69 ? 76  GLU A CG  1 
ATOM 509  C CD  . GLU A 1 76  ? -16.211 -22.196 -10.567 1.00 74.21 ? 76  GLU A CD  1 
ATOM 510  O OE1 . GLU A 1 76  ? -16.087 -21.522 -11.613 1.00 73.96 ? 76  GLU A OE1 1 
ATOM 511  O OE2 . GLU A 1 76  ? -15.505 -23.199 -10.321 1.00 75.33 ? 76  GLU A OE2 1 
ATOM 512  N N   . VAL A 1 77  ? -15.865 -19.013 -6.204  1.00 49.22 ? 77  VAL A N   1 
ATOM 513  C CA  . VAL A 1 77  ? -15.503 -17.795 -5.501  1.00 43.96 ? 77  VAL A CA  1 
ATOM 514  C C   . VAL A 1 77  ? -14.106 -17.953 -4.901  1.00 47.79 ? 77  VAL A C   1 
ATOM 515  O O   . VAL A 1 77  ? -13.290 -17.034 -4.969  1.00 49.42 ? 77  VAL A O   1 
ATOM 516  C CB  . VAL A 1 77  ? -16.491 -17.471 -4.371  1.00 40.03 ? 77  VAL A CB  1 
ATOM 517  C CG1 . VAL A 1 77  ? -15.968 -16.307 -3.544  1.00 41.66 ? 77  VAL A CG1 1 
ATOM 518  C CG2 . VAL A 1 77  ? -17.844 -17.124 -4.951  1.00 38.35 ? 77  VAL A CG2 1 
ATOM 519  N N   . TRP A 1 78  ? -13.816 -19.117 -4.325  1.00 46.80 ? 78  TRP A N   1 
ATOM 520  C CA  . TRP A 1 78  ? -12.496 -19.308 -3.748  1.00 44.87 ? 78  TRP A CA  1 
ATOM 521  C C   . TRP A 1 78  ? -11.415 -19.312 -4.825  1.00 44.41 ? 78  TRP A C   1 
ATOM 522  O O   . TRP A 1 78  ? -10.282 -18.880 -4.588  1.00 43.53 ? 78  TRP A O   1 
ATOM 523  C CB  . TRP A 1 78  ? -12.403 -20.601 -2.940  1.00 46.61 ? 78  TRP A CB  1 
ATOM 524  C CG  . TRP A 1 78  ? -11.114 -20.620 -2.200  1.00 54.12 ? 78  TRP A CG  1 
ATOM 525  C CD1 . TRP A 1 78  ? -9.958  -21.246 -2.573  1.00 55.71 ? 78  TRP A CD1 1 
ATOM 526  C CD2 . TRP A 1 78  ? -10.789 -19.832 -1.046  1.00 54.73 ? 78  TRP A CD2 1 
ATOM 527  N NE1 . TRP A 1 78  ? -8.931  -20.886 -1.730  1.00 60.17 ? 78  TRP A NE1 1 
ATOM 528  C CE2 . TRP A 1 78  ? -9.414  -20.018 -0.783  1.00 57.38 ? 78  TRP A CE2 1 
ATOM 529  C CE3 . TRP A 1 78  ? -11.527 -18.977 -0.211  1.00 55.13 ? 78  TRP A CE3 1 
ATOM 530  C CZ2 . TRP A 1 78  ? -8.760  -19.382 0.280   1.00 56.06 ? 78  TRP A CZ2 1 
ATOM 531  C CZ3 . TRP A 1 78  ? -10.878 -18.345 0.846   1.00 48.89 ? 78  TRP A CZ3 1 
ATOM 532  C CH2 . TRP A 1 78  ? -9.509  -18.551 1.081   1.00 49.80 ? 78  TRP A CH2 1 
ATOM 533  N N   . GLN A 1 79  ? -11.766 -19.797 -6.009  1.00 42.71 ? 79  GLN A N   1 
ATOM 534  C CA  . GLN A 1 79  ? -10.815 -19.829 -7.106  1.00 42.01 ? 79  GLN A CA  1 
ATOM 535  C C   . GLN A 1 79  ? -10.476 -18.395 -7.517  1.00 35.57 ? 79  GLN A C   1 
ATOM 536  O O   . GLN A 1 79  ? -9.315  -18.062 -7.761  1.00 30.61 ? 79  GLN A O   1 
ATOM 537  C CB  . GLN A 1 79  ? -11.399 -20.590 -8.297  1.00 46.28 ? 79  GLN A CB  1 
ATOM 538  C CG  . GLN A 1 79  ? -10.420 -20.733 -9.456  1.00 51.95 ? 79  GLN A CG  1 
ATOM 539  C CD  . GLN A 1 79  ? -9.117  -21.389 -9.032  1.00 58.79 ? 79  GLN A CD  1 
ATOM 540  O OE1 . GLN A 1 79  ? -9.112  -22.512 -8.523  1.00 59.73 ? 79  GLN A OE1 1 
ATOM 541  N NE2 . GLN A 1 79  ? -8.003  -20.688 -9.236  1.00 55.82 ? 79  GLN A NE2 1 
ATOM 542  N N   . VAL A 1 80  ? -11.499 -17.550 -7.591  1.00 31.12 ? 80  VAL A N   1 
ATOM 543  C CA  . VAL A 1 80  ? -11.309 -16.154 -7.967  1.00 34.51 ? 80  VAL A CA  1 
ATOM 544  C C   . VAL A 1 80  ? -10.478 -15.436 -6.911  1.00 32.39 ? 80  VAL A C   1 
ATOM 545  O O   . VAL A 1 80  ? -9.658  -14.573 -7.237  1.00 26.11 ? 80  VAL A O   1 
ATOM 546  C CB  . VAL A 1 80  ? -12.667 -15.427 -8.129  1.00 36.09 ? 80  VAL A CB  1 
ATOM 547  C CG1 . VAL A 1 80  ? -12.439 -13.947 -8.442  1.00 41.17 ? 80  VAL A CG1 1 
ATOM 548  C CG2 . VAL A 1 80  ? -13.477 -16.090 -9.237  1.00 35.47 ? 80  VAL A CG2 1 
ATOM 549  N N   . ILE A 1 81  ? -10.687 -15.801 -5.650  1.00 28.79 ? 81  ILE A N   1 
ATOM 550  C CA  . ILE A 1 81  ? -9.939  -15.199 -4.561  1.00 30.86 ? 81  ILE A CA  1 
ATOM 551  C C   . ILE A 1 81  ? -8.448  -15.476 -4.744  1.00 36.11 ? 81  ILE A C   1 
ATOM 552  O O   . ILE A 1 81  ? -7.618  -14.589 -4.560  1.00 41.84 ? 81  ILE A O   1 
ATOM 553  C CB  . ILE A 1 81  ? -10.389 -15.747 -3.192  1.00 20.97 ? 81  ILE A CB  1 
ATOM 554  C CG1 . ILE A 1 81  ? -11.692 -15.069 -2.763  1.00 22.73 ? 81  ILE A CG1 1 
ATOM 555  C CG2 . ILE A 1 81  ? -9.322  -15.495 -2.149  1.00 24.00 ? 81  ILE A CG2 1 
ATOM 556  C CD1 . ILE A 1 81  ? -12.115 -15.415 -1.342  1.00 24.28 ? 81  ILE A CD1 1 
ATOM 557  N N   . ILE A 1 82  ? -8.116  -16.711 -5.098  1.00 37.03 ? 82  ILE A N   1 
ATOM 558  C CA  . ILE A 1 82  ? -6.725  -17.084 -5.317  1.00 34.22 ? 82  ILE A CA  1 
ATOM 559  C C   . ILE A 1 82  ? -6.118  -16.112 -6.326  1.00 36.33 ? 82  ILE A C   1 
ATOM 560  O O   . ILE A 1 82  ? -5.055  -15.543 -6.090  1.00 39.49 ? 82  ILE A O   1 
ATOM 561  C CB  . ILE A 1 82  ? -6.613  -18.517 -5.880  1.00 39.44 ? 82  ILE A CB  1 
ATOM 562  C CG1 . ILE A 1 82  ? -7.240  -19.521 -4.900  1.00 40.06 ? 82  ILE A CG1 1 
ATOM 563  C CG2 . ILE A 1 82  ? -5.155  -18.849 -6.166  1.00 36.54 ? 82  ILE A CG2 1 
ATOM 564  C CD1 . ILE A 1 82  ? -6.599  -19.561 -3.516  1.00 40.49 ? 82  ILE A CD1 1 
ATOM 565  N N   . GLY A 1 83  ? -6.804  -15.919 -7.447  1.00 35.80 ? 83  GLY A N   1 
ATOM 566  C CA  . GLY A 1 83  ? -6.313  -15.012 -8.466  1.00 34.51 ? 83  GLY A CA  1 
ATOM 567  C C   . GLY A 1 83  ? -6.266  -13.566 -8.000  1.00 38.26 ? 83  GLY A C   1 
ATOM 568  O O   . GLY A 1 83  ? -5.349  -12.823 -8.348  1.00 36.49 ? 83  GLY A O   1 
ATOM 569  N N   . ALA A 1 84  ? -7.258  -13.162 -7.215  1.00 33.38 ? 84  ALA A N   1 
ATOM 570  C CA  . ALA A 1 84  ? -7.316  -11.800 -6.714  1.00 35.58 ? 84  ALA A CA  1 
ATOM 571  C C   . ALA A 1 84  ? -6.204  -11.545 -5.694  1.00 37.08 ? 84  ALA A C   1 
ATOM 572  O O   . ALA A 1 84  ? -5.702  -10.427 -5.586  1.00 37.17 ? 84  ALA A O   1 
ATOM 573  C CB  . ALA A 1 84  ? -8.685  -11.532 -6.091  1.00 31.91 ? 84  ALA A CB  1 
ATOM 574  N N   . ARG A 1 85  ? -5.825  -12.574 -4.939  1.00 35.47 ? 85  ARG A N   1 
ATOM 575  C CA  . ARG A 1 85  ? -4.747  -12.413 -3.970  1.00 34.28 ? 85  ARG A CA  1 
ATOM 576  C C   . ARG A 1 85  ? -3.498  -12.126 -4.783  1.00 37.04 ? 85  ARG A C   1 
ATOM 577  O O   . ARG A 1 85  ? -2.686  -11.279 -4.417  1.00 42.92 ? 85  ARG A O   1 
ATOM 578  C CB  . ARG A 1 85  ? -4.506  -13.691 -3.170  1.00 32.46 ? 85  ARG A CB  1 
ATOM 579  C CG  . ARG A 1 85  ? -5.463  -13.957 -2.019  1.00 39.08 ? 85  ARG A CG  1 
ATOM 580  C CD  . ARG A 1 85  ? -5.106  -15.303 -1.379  1.00 47.45 ? 85  ARG A CD  1 
ATOM 581  N NE  . ARG A 1 85  ? -6.000  -15.679 -0.286  1.00 59.85 ? 85  ARG A NE  1 
ATOM 582  C CZ  . ARG A 1 85  ? -6.058  -16.897 0.248   1.00 65.82 ? 85  ARG A CZ  1 
ATOM 583  N NH1 . ARG A 1 85  ? -5.278  -17.868 -0.207  1.00 65.33 ? 85  ARG A NH1 1 
ATOM 584  N NH2 . ARG A 1 85  ? -6.893  -17.144 1.248   1.00 69.90 ? 85  ARG A NH2 1 
ATOM 585  N N   . ALA A 1 86  ? -3.354  -12.853 -5.889  1.00 34.48 ? 86  ALA A N   1 
ATOM 586  C CA  . ALA A 1 86  ? -2.205  -12.689 -6.776  1.00 35.19 ? 86  ALA A CA  1 
ATOM 587  C C   . ALA A 1 86  ? -2.114  -11.259 -7.308  1.00 36.93 ? 86  ALA A C   1 
ATOM 588  O O   . ALA A 1 86  ? -1.062  -10.634 -7.235  1.00 36.80 ? 86  ALA A O   1 
ATOM 589  C CB  . ALA A 1 86  ? -2.295  -13.685 -7.942  1.00 30.62 ? 86  ALA A CB  1 
ATOM 590  N N   . GLU A 1 87  ? -3.216  -10.749 -7.848  1.00 36.99 ? 87  GLU A N   1 
ATOM 591  C CA  . GLU A 1 87  ? -3.240  -9.386  -8.378  1.00 38.26 ? 87  GLU A CA  1 
ATOM 592  C C   . GLU A 1 87  ? -2.909  -8.403  -7.263  1.00 39.42 ? 87  GLU A C   1 
ATOM 593  O O   . GLU A 1 87  ? -2.177  -7.437  -7.470  1.00 42.40 ? 87  GLU A O   1 
ATOM 594  C CB  . GLU A 1 87  ? -4.618  -9.036  -8.945  1.00 36.57 ? 87  GLU A CB  1 
ATOM 595  C CG  . GLU A 1 87  ? -4.698  -7.628  -9.538  1.00 45.23 ? 87  GLU A CG  1 
ATOM 596  C CD  . GLU A 1 87  ? -6.124  -7.104  -9.650  1.00 57.77 ? 87  GLU A CD  1 
ATOM 597  O OE1 . GLU A 1 87  ? -6.304  -5.964  -10.140 1.00 61.54 ? 87  GLU A OE1 1 
ATOM 598  O OE2 . GLU A 1 87  ? -7.067  -7.825  -9.244  1.00 61.32 ? 87  GLU A OE2 1 
ATOM 599  N N   . MET A 1 88  ? -3.455  -8.649  -6.077  1.00 38.44 ? 88  MET A N   1 
ATOM 600  C CA  . MET A 1 88  ? -3.192  -7.763  -4.958  1.00 38.11 ? 88  MET A CA  1 
ATOM 601  C C   . MET A 1 88  ? -1.709  -7.750  -4.639  1.00 39.61 ? 88  MET A C   1 
ATOM 602  O O   . MET A 1 88  ? -1.124  -6.694  -4.394  1.00 40.90 ? 88  MET A O   1 
ATOM 603  C CB  . MET A 1 88  ? -3.960  -8.196  -3.712  1.00 35.76 ? 88  MET A CB  1 
ATOM 604  C CG  . MET A 1 88  ? -3.455  -7.469  -2.475  1.00 31.75 ? 88  MET A CG  1 
ATOM 605  S SD  . MET A 1 88  ? -4.233  -7.957  -0.971  1.00 38.98 ? 88  MET A SD  1 
ATOM 606  C CE  . MET A 1 88  ? -3.501  -9.616  -0.725  1.00 37.85 ? 88  MET A CE  1 
ATOM 607  N N   . THR A 1 89  ? -1.110  -8.934  -4.647  1.00 36.23 ? 89  THR A N   1 
ATOM 608  C CA  . THR A 1 89  ? 0.308   -9.081  -4.353  1.00 35.63 ? 89  THR A CA  1 
ATOM 609  C C   . THR A 1 89  ? 1.221   -8.393  -5.364  1.00 37.19 ? 89  THR A C   1 
ATOM 610  O O   . THR A 1 89  ? 2.187   -7.744  -4.972  1.00 41.60 ? 89  THR A O   1 
ATOM 611  C CB  . THR A 1 89  ? 0.682   -10.574 -4.237  1.00 34.60 ? 89  THR A CB  1 
ATOM 612  O OG1 . THR A 1 89  ? 0.212   -11.067 -2.977  1.00 37.83 ? 89  THR A OG1 1 
ATOM 613  C CG2 . THR A 1 89  ? 2.192   -10.779 -4.322  1.00 36.94 ? 89  THR A CG2 1 
ATOM 614  N N   . SER A 1 90  ? 0.926   -8.520  -6.656  1.00 35.74 ? 90  SER A N   1 
ATOM 615  C CA  . SER A 1 90  ? 1.777   -7.874  -7.657  1.00 38.75 ? 90  SER A CA  1 
ATOM 616  C C   . SER A 1 90  ? 1.681   -6.348  -7.564  1.00 37.05 ? 90  SER A C   1 
ATOM 617  O O   . SER A 1 90  ? 2.680   -5.646  -7.717  1.00 35.41 ? 90  SER A O   1 
ATOM 618  C CB  . SER A 1 90  ? 1.404   -8.325  -9.068  1.00 42.40 ? 90  SER A CB  1 
ATOM 619  O OG  . SER A 1 90  ? 0.297   -7.600  -9.570  1.00 55.30 ? 90  SER A OG  1 
ATOM 620  N N   . LYS A 1 91  ? 0.484   -5.837  -7.307  1.00 36.69 ? 91  LYS A N   1 
ATOM 621  C CA  . LYS A 1 91  ? 0.295   -4.395  -7.199  1.00 41.68 ? 91  LYS A CA  1 
ATOM 622  C C   . LYS A 1 91  ? 0.931   -3.858  -5.926  1.00 39.80 ? 91  LYS A C   1 
ATOM 623  O O   . LYS A 1 91  ? 1.266   -2.680  -5.840  1.00 41.03 ? 91  LYS A O   1 
ATOM 624  C CB  . LYS A 1 91  ? -1.197  -4.050  -7.252  1.00 42.22 ? 91  LYS A CB  1 
ATOM 625  C CG  . LYS A 1 91  ? -1.880  -4.675  -8.471  1.00 43.50 ? 91  LYS A CG  1 
ATOM 626  C CD  . LYS A 1 91  ? -3.219  -4.059  -8.778  1.00 49.25 ? 91  LYS A CD  1 
ATOM 627  C CE  . LYS A 1 91  ? -3.039  -2.747  -9.500  1.00 51.81 ? 91  LYS A CE  1 
ATOM 628  N NZ  . LYS A 1 91  ? -2.219  -2.930  -10.732 1.00 52.89 ? 91  LYS A NZ  1 
ATOM 629  N N   . HIS A 1 92  ? 1.107   -4.727  -4.938  1.00 35.01 ? 92  HIS A N   1 
ATOM 630  C CA  . HIS A 1 92  ? 1.735   -4.318  -3.688  1.00 37.73 ? 92  HIS A CA  1 
ATOM 631  C C   . HIS A 1 92  ? 3.249   -4.228  -3.872  1.00 39.89 ? 92  HIS A C   1 
ATOM 632  O O   . HIS A 1 92  ? 3.904   -3.342  -3.324  1.00 39.74 ? 92  HIS A O   1 
ATOM 633  C CB  . HIS A 1 92  ? 1.420   -5.310  -2.577  1.00 35.44 ? 92  HIS A CB  1 
ATOM 634  C CG  . HIS A 1 92  ? 1.977   -4.912  -1.246  1.00 37.38 ? 92  HIS A CG  1 
ATOM 635  N ND1 . HIS A 1 92  ? 1.547   -3.795  -0.563  1.00 41.11 ? 92  HIS A ND1 1 
ATOM 636  C CD2 . HIS A 1 92  ? 2.945   -5.471  -0.482  1.00 38.68 ? 92  HIS A CD2 1 
ATOM 637  C CE1 . HIS A 1 92  ? 2.226   -3.683  0.566   1.00 41.00 ? 92  HIS A CE1 1 
ATOM 638  N NE2 . HIS A 1 92  ? 3.080   -4.685  0.638   1.00 42.92 ? 92  HIS A NE2 1 
ATOM 639  N N   . GLN A 1 93  ? 3.807   -5.153  -4.641  1.00 44.33 ? 93  GLN A N   1 
ATOM 640  C CA  . GLN A 1 93  ? 5.238   -5.142  -4.896  1.00 50.37 ? 93  GLN A CA  1 
ATOM 641  C C   . GLN A 1 93  ? 5.563   -3.962  -5.809  1.00 51.94 ? 93  GLN A C   1 
ATOM 642  O O   . GLN A 1 93  ? 6.611   -3.331  -5.681  1.00 51.22 ? 93  GLN A O   1 
ATOM 643  C CB  . GLN A 1 93  ? 5.666   -6.456  -5.540  1.00 51.61 ? 93  GLN A CB  1 
ATOM 644  C CG  . GLN A 1 93  ? 5.468   -7.653  -4.630  1.00 62.67 ? 93  GLN A CG  1 
ATOM 645  C CD  . GLN A 1 93  ? 5.994   -8.937  -5.236  1.00 72.75 ? 93  GLN A CD  1 
ATOM 646  O OE1 . GLN A 1 93  ? 5.594   -9.331  -6.334  1.00 76.31 ? 93  GLN A OE1 1 
ATOM 647  N NE2 . GLN A 1 93  ? 6.899   -9.601  -4.521  1.00 77.37 ? 93  GLN A NE2 1 
ATOM 648  N N   . GLU A 1 94  ? 4.649   -3.667  -6.728  1.00 51.21 ? 94  GLU A N   1 
ATOM 649  C CA  . GLU A 1 94  ? 4.818   -2.548  -7.648  1.00 50.43 ? 94  GLU A CA  1 
ATOM 650  C C   . GLU A 1 94  ? 4.937   -1.241  -6.848  1.00 46.59 ? 94  GLU A C   1 
ATOM 651  O O   . GLU A 1 94  ? 5.828   -0.429  -7.094  1.00 43.36 ? 94  GLU A O   1 
ATOM 652  C CB  . GLU A 1 94  ? 3.620   -2.486  -8.606  1.00 53.82 ? 94  GLU A CB  1 
ATOM 653  C CG  . GLU A 1 94  ? 3.504   -1.217  -9.455  1.00 59.29 ? 94  GLU A CG  1 
ATOM 654  C CD  . GLU A 1 94  ? 4.484   -1.168  -10.619 1.00 64.54 ? 94  GLU A CD  1 
ATOM 655  O OE1 . GLU A 1 94  ? 5.710   -1.088  -10.381 1.00 67.25 ? 94  GLU A OE1 1 
ATOM 656  O OE2 . GLU A 1 94  ? 4.018   -1.207  -11.779 1.00 67.40 ? 94  GLU A OE2 1 
ATOM 657  N N   . TYR A 1 95  ? 4.046   -1.052  -5.878  1.00 44.62 ? 95  TYR A N   1 
ATOM 658  C CA  . TYR A 1 95  ? 4.067   0.160   -5.068  1.00 44.14 ? 95  TYR A CA  1 
ATOM 659  C C   . TYR A 1 95  ? 5.259   0.187   -4.118  1.00 41.42 ? 95  TYR A C   1 
ATOM 660  O O   . TYR A 1 95  ? 5.747   1.255   -3.764  1.00 41.25 ? 95  TYR A O   1 
ATOM 661  C CB  . TYR A 1 95  ? 2.719   0.326   -4.337  1.00 46.57 ? 95  TYR A CB  1 
ATOM 662  C CG  . TYR A 1 95  ? 2.732   0.280   -2.826  1.00 50.79 ? 95  TYR A CG  1 
ATOM 663  C CD1 . TYR A 1 95  ? 3.354   1.275   -2.072  1.00 53.83 ? 95  TYR A CD1 1 
ATOM 664  C CD2 . TYR A 1 95  ? 2.084   -0.744  -2.151  1.00 52.90 ? 95  TYR A CD2 1 
ATOM 665  C CE1 . TYR A 1 95  ? 3.325   1.245   -0.677  1.00 57.45 ? 95  TYR A CE1 1 
ATOM 666  C CE2 . TYR A 1 95  ? 2.045   -0.783  -0.762  1.00 56.62 ? 95  TYR A CE2 1 
ATOM 667  C CZ  . TYR A 1 95  ? 2.665   0.209   -0.028  1.00 60.60 ? 95  TYR A CZ  1 
ATOM 668  O OH  . TYR A 1 95  ? 2.607   0.157   1.349   1.00 63.77 ? 95  TYR A OH  1 
ATOM 669  N N   . LEU A 1 96  ? 5.742   -0.981  -3.709  1.00 38.30 ? 96  LEU A N   1 
ATOM 670  C CA  . LEU A 1 96  ? 6.909   -1.011  -2.838  1.00 37.96 ? 96  LEU A CA  1 
ATOM 671  C C   . LEU A 1 96  ? 8.118   -0.521  -3.636  1.00 36.94 ? 96  LEU A C   1 
ATOM 672  O O   . LEU A 1 96  ? 8.963   0.204   -3.121  1.00 36.45 ? 96  LEU A O   1 
ATOM 673  C CB  . LEU A 1 96  ? 7.174   -2.428  -2.321  1.00 34.39 ? 96  LEU A CB  1 
ATOM 674  C CG  . LEU A 1 96  ? 6.235   -2.964  -1.232  1.00 34.23 ? 96  LEU A CG  1 
ATOM 675  C CD1 . LEU A 1 96  ? 6.744   -4.320  -0.776  1.00 25.07 ? 96  LEU A CD1 1 
ATOM 676  C CD2 . LEU A 1 96  ? 6.177   -2.008  -0.052  1.00 34.67 ? 96  LEU A CD2 1 
ATOM 677  N N   . LYS A 1 97  ? 8.185   -0.925  -4.899  1.00 34.77 ? 97  LYS A N   1 
ATOM 678  C CA  . LYS A 1 97  ? 9.274   -0.535  -5.782  1.00 33.83 ? 97  LYS A CA  1 
ATOM 679  C C   . LYS A 1 97  ? 9.292   0.970   -5.990  1.00 31.82 ? 97  LYS A C   1 
ATOM 680  O O   . LYS A 1 97  ? 10.348  1.596   -5.961  1.00 34.79 ? 97  LYS A O   1 
ATOM 681  C CB  . LYS A 1 97  ? 9.135   -1.230  -7.138  1.00 38.03 ? 97  LYS A CB  1 
ATOM 682  C CG  . LYS A 1 97  ? 10.067  -0.686  -8.220  1.00 48.26 ? 97  LYS A CG  1 
ATOM 683  C CD  . LYS A 1 97  ? 11.535  -0.777  -7.808  1.00 57.13 ? 97  LYS A CD  1 
ATOM 684  C CE  . LYS A 1 97  ? 12.465  -0.258  -8.906  1.00 56.03 ? 97  LYS A CE  1 
ATOM 685  N NZ  . LYS A 1 97  ? 13.901  -0.265  -8.492  1.00 55.13 ? 97  LYS A NZ  1 
ATOM 686  N N   . LEU A 1 98  ? 8.117   1.547   -6.211  1.00 30.02 ? 98  LEU A N   1 
ATOM 687  C CA  . LEU A 1 98  ? 8.026   2.983   -6.408  1.00 33.28 ? 98  LEU A CA  1 
ATOM 688  C C   . LEU A 1 98  ? 8.237   3.725   -5.103  1.00 32.54 ? 98  LEU A C   1 
ATOM 689  O O   . LEU A 1 98  ? 8.686   4.863   -5.099  1.00 34.85 ? 98  LEU A O   1 
ATOM 690  C CB  . LEU A 1 98  ? 6.670   3.357   -7.005  1.00 30.32 ? 98  LEU A CB  1 
ATOM 691  C CG  . LEU A 1 98  ? 6.559   3.020   -8.486  1.00 31.98 ? 98  LEU A CG  1 
ATOM 692  C CD1 . LEU A 1 98  ? 5.278   3.606   -9.041  1.00 35.60 ? 98  LEU A CD1 1 
ATOM 693  C CD2 . LEU A 1 98  ? 7.763   3.584   -9.235  1.00 39.59 ? 98  LEU A CD2 1 
ATOM 694  N N   . GLU A 1 99  ? 7.922   3.067   -3.993  1.00 30.46 ? 99  GLU A N   1 
ATOM 695  C CA  . GLU A 1 99  ? 8.083   3.672   -2.678  1.00 30.63 ? 99  GLU A CA  1 
ATOM 696  C C   . GLU A 1 99  ? 9.563   3.880   -2.391  1.00 31.59 ? 99  GLU A C   1 
ATOM 697  O O   . GLU A 1 99  ? 9.962   4.877   -1.794  1.00 33.06 ? 99  GLU A O   1 
ATOM 698  C CB  . GLU A 1 99  ? 7.467   2.770   -1.607  1.00 29.84 ? 99  GLU A CB  1 
ATOM 699  C CG  . GLU A 1 99  ? 7.938   3.107   -0.212  1.00 35.65 ? 99  GLU A CG  1 
ATOM 700  C CD  . GLU A 1 99  ? 6.815   3.510   0.709   1.00 43.21 ? 99  GLU A CD  1 
ATOM 701  O OE1 . GLU A 1 99  ? 6.143   4.536   0.444   1.00 45.19 ? 99  GLU A OE1 1 
ATOM 702  O OE2 . GLU A 1 99  ? 6.609   2.791   1.712   1.00 49.05 ? 99  GLU A OE2 1 
ATOM 703  N N   . THR A 1 100 ? 10.364  2.917   -2.823  1.00 29.25 ? 100 THR A N   1 
ATOM 704  C CA  . THR A 1 100 ? 11.812  2.964   -2.646  1.00 32.84 ? 100 THR A CA  1 
ATOM 705  C C   . THR A 1 100 ? 12.379  4.124   -3.466  1.00 33.38 ? 100 THR A C   1 
ATOM 706  O O   . THR A 1 100 ? 13.140  4.948   -2.964  1.00 31.03 ? 100 THR A O   1 
ATOM 707  C CB  . THR A 1 100 ? 12.448  1.630   -3.107  1.00 32.19 ? 100 THR A CB  1 
ATOM 708  O OG1 . THR A 1 100 ? 12.052  0.592   -2.204  1.00 34.43 ? 100 THR A OG1 1 
ATOM 709  C CG2 . THR A 1 100 ? 13.958  1.718   -3.127  1.00 34.24 ? 100 THR A CG2 1 
ATOM 710  N N   . THR A 1 101 ? 11.984  4.186   -4.728  1.00 32.56 ? 101 THR A N   1 
ATOM 711  C CA  . THR A 1 101 ? 12.428  5.244   -5.624  1.00 30.67 ? 101 THR A CA  1 
ATOM 712  C C   . THR A 1 101 ? 11.999  6.601   -5.066  1.00 33.27 ? 101 THR A C   1 
ATOM 713  O O   . THR A 1 101 ? 12.756  7.571   -5.090  1.00 33.74 ? 101 THR A O   1 
ATOM 714  C CB  . THR A 1 101 ? 11.807  5.047   -7.024  1.00 29.78 ? 101 THR A CB  1 
ATOM 715  O OG1 . THR A 1 101 ? 12.136  3.737   -7.505  1.00 29.06 ? 101 THR A OG1 1 
ATOM 716  C CG2 . THR A 1 101 ? 12.338  6.078   -8.003  1.00 29.39 ? 101 THR A CG2 1 
ATOM 717  N N   . TRP A 1 102 ? 10.772  6.656   -4.556  1.00 28.67 ? 102 TRP A N   1 
ATOM 718  C CA  . TRP A 1 102 ? 10.228  7.879   -3.985  1.00 26.21 ? 102 TRP A CA  1 
ATOM 719  C C   . TRP A 1 102 ? 11.053  8.355   -2.795  1.00 32.01 ? 102 TRP A C   1 
ATOM 720  O O   . TRP A 1 102 ? 11.300  9.552   -2.645  1.00 32.18 ? 102 TRP A O   1 
ATOM 721  C CB  . TRP A 1 102 ? 8.775   7.658   -3.545  1.00 23.05 ? 102 TRP A CB  1 
ATOM 722  C CG  . TRP A 1 102 ? 8.146   8.891   -2.954  1.00 22.69 ? 102 TRP A CG  1 
ATOM 723  C CD1 . TRP A 1 102 ? 7.741   10.006  -3.625  1.00 26.45 ? 102 TRP A CD1 1 
ATOM 724  C CD2 . TRP A 1 102 ? 7.896   9.148   -1.559  1.00 18.59 ? 102 TRP A CD2 1 
ATOM 725  N NE1 . TRP A 1 102 ? 7.252   10.944  -2.740  1.00 25.00 ? 102 TRP A NE1 1 
ATOM 726  C CE2 . TRP A 1 102 ? 7.338   10.443  -1.466  1.00 20.33 ? 102 TRP A CE2 1 
ATOM 727  C CE3 . TRP A 1 102 ? 8.092   8.409   -0.383  1.00 21.31 ? 102 TRP A CE3 1 
ATOM 728  C CZ2 . TRP A 1 102 ? 6.976   11.020  -0.241  1.00 26.28 ? 102 TRP A CZ2 1 
ATOM 729  C CZ3 . TRP A 1 102 ? 7.733   8.976   0.838   1.00 25.97 ? 102 TRP A CZ3 1 
ATOM 730  C CH2 . TRP A 1 102 ? 7.181   10.273  0.898   1.00 28.58 ? 102 TRP A CH2 1 
ATOM 731  N N   . MET A 1 103 ? 11.474  7.418   -1.946  1.00 30.74 ? 103 MET A N   1 
ATOM 732  C CA  . MET A 1 103 ? 12.274  7.770   -0.773  1.00 30.12 ? 103 MET A CA  1 
ATOM 733  C C   . MET A 1 103 ? 13.604  8.381   -1.205  1.00 31.80 ? 103 MET A C   1 
ATOM 734  O O   . MET A 1 103 ? 14.095  9.337   -0.597  1.00 30.20 ? 103 MET A O   1 
ATOM 735  C CB  . MET A 1 103 ? 12.527  6.537   0.103   1.00 30.28 ? 103 MET A CB  1 
ATOM 736  C CG  . MET A 1 103 ? 11.253  5.933   0.697   1.00 35.12 ? 103 MET A CG  1 
ATOM 737  S SD  . MET A 1 103 ? 11.596  4.611   1.891   1.00 41.96 ? 103 MET A SD  1 
ATOM 738  C CE  . MET A 1 103 ? 12.199  3.328   0.812   1.00 41.17 ? 103 MET A CE  1 
ATOM 739  N N   . THR A 1 104 ? 14.193  7.818   -2.255  1.00 30.20 ? 104 THR A N   1 
ATOM 740  C CA  . THR A 1 104 ? 15.451  8.349   -2.766  1.00 28.83 ? 104 THR A CA  1 
ATOM 741  C C   . THR A 1 104 ? 15.196  9.779   -3.238  1.00 28.42 ? 104 THR A C   1 
ATOM 742  O O   . THR A 1 104 ? 15.966  10.681  -2.943  1.00 27.16 ? 104 THR A O   1 
ATOM 743  C CB  . THR A 1 104 ? 15.958  7.519   -3.944  1.00 27.81 ? 104 THR A CB  1 
ATOM 744  O OG1 . THR A 1 104 ? 16.190  6.183   -3.501  1.00 26.33 ? 104 THR A OG1 1 
ATOM 745  C CG2 . THR A 1 104 ? 17.260  8.099   -4.500  1.00 31.11 ? 104 THR A CG2 1 
ATOM 746  N N   . ALA A 1 105 ? 14.095  9.974   -3.958  1.00 27.07 ? 105 ALA A N   1 
ATOM 747  C CA  . ALA A 1 105 ? 13.732  11.296  -4.467  1.00 27.06 ? 105 ALA A CA  1 
ATOM 748  C C   . ALA A 1 105 ? 13.569  12.283  -3.317  1.00 30.17 ? 105 ALA A C   1 
ATOM 749  O O   . ALA A 1 105 ? 13.964  13.438  -3.415  1.00 27.80 ? 105 ALA A O   1 
ATOM 750  C CB  . ALA A 1 105 ? 12.435  11.208  -5.278  1.00 21.14 ? 105 ALA A CB  1 
ATOM 751  N N   . VAL A 1 106 ? 12.981  11.822  -2.223  1.00 30.83 ? 106 VAL A N   1 
ATOM 752  C CA  . VAL A 1 106 ? 12.781  12.672  -1.058  1.00 29.49 ? 106 VAL A CA  1 
ATOM 753  C C   . VAL A 1 106 ? 14.134  13.029  -0.453  1.00 32.84 ? 106 VAL A C   1 
ATOM 754  O O   . VAL A 1 106 ? 14.358  14.172  -0.059  1.00 37.15 ? 106 VAL A O   1 
ATOM 755  C CB  . VAL A 1 106 ? 11.895  11.951  -0.011  1.00 26.97 ? 106 VAL A CB  1 
ATOM 756  C CG1 . VAL A 1 106 ? 11.807  12.759  1.278   1.00 29.11 ? 106 VAL A CG1 1 
ATOM 757  C CG2 . VAL A 1 106 ? 10.515  11.728  -0.599  1.00 30.92 ? 106 VAL A CG2 1 
ATOM 758  N N   . GLY A 1 107 ? 15.037  12.052  -0.394  1.00 30.28 ? 107 GLY A N   1 
ATOM 759  C CA  . GLY A 1 107 ? 16.361  12.302  0.152   1.00 26.31 ? 107 GLY A CA  1 
ATOM 760  C C   . GLY A 1 107 ? 17.104  13.313  -0.703  1.00 31.08 ? 107 GLY A C   1 
ATOM 761  O O   . GLY A 1 107 ? 17.766  14.209  -0.186  1.00 31.88 ? 107 GLY A O   1 
ATOM 762  N N   . LEU A 1 108 ? 16.997  13.163  -2.021  1.00 26.18 ? 108 LEU A N   1 
ATOM 763  C CA  . LEU A 1 108 ? 17.651  14.072  -2.964  1.00 27.15 ? 108 LEU A CA  1 
ATOM 764  C C   . LEU A 1 108 ? 17.205  15.502  -2.754  1.00 27.88 ? 108 LEU A C   1 
ATOM 765  O O   . LEU A 1 108 ? 18.024  16.416  -2.717  1.00 30.51 ? 108 LEU A O   1 
ATOM 766  C CB  . LEU A 1 108 ? 17.341  13.661  -4.406  1.00 26.01 ? 108 LEU A CB  1 
ATOM 767  C CG  . LEU A 1 108 ? 18.189  12.489  -4.898  1.00 24.89 ? 108 LEU A CG  1 
ATOM 768  C CD1 . LEU A 1 108 ? 17.621  11.919  -6.200  1.00 26.31 ? 108 LEU A CD1 1 
ATOM 769  C CD2 . LEU A 1 108 ? 19.616  12.973  -5.078  1.00 24.10 ? 108 LEU A CD2 1 
ATOM 770  N N   . SER A 1 109 ? 15.896  15.694  -2.623  1.00 27.32 ? 109 SER A N   1 
ATOM 771  C CA  . SER A 1 109 ? 15.339  17.029  -2.410  1.00 27.28 ? 109 SER A CA  1 
ATOM 772  C C   . SER A 1 109 ? 15.754  17.628  -1.077  1.00 30.28 ? 109 SER A C   1 
ATOM 773  O O   . SER A 1 109 ? 16.041  18.821  -0.988  1.00 32.96 ? 109 SER A O   1 
ATOM 774  C CB  . SER A 1 109 ? 13.810  16.987  -2.484  1.00 28.55 ? 109 SER A CB  1 
ATOM 775  O OG  . SER A 1 109 ? 13.381  17.012  -3.831  1.00 34.53 ? 109 SER A OG  1 
ATOM 776  N N   . GLU A 1 110 ? 15.770  16.802  -0.037  1.00 27.29 ? 110 GLU A N   1 
ATOM 777  C CA  . GLU A 1 110 ? 16.164  17.279  1.283   1.00 30.72 ? 110 GLU A CA  1 
ATOM 778  C C   . GLU A 1 110 ? 17.630  17.704  1.276   1.00 31.04 ? 110 GLU A C   1 
ATOM 779  O O   . GLU A 1 110 ? 17.997  18.707  1.882   1.00 28.73 ? 110 GLU A O   1 
ATOM 780  C CB  . GLU A 1 110 ? 15.949  16.182  2.338   1.00 29.74 ? 110 GLU A CB  1 
ATOM 781  C CG  . GLU A 1 110 ? 14.497  15.720  2.452   1.00 32.81 ? 110 GLU A CG  1 
ATOM 782  C CD  . GLU A 1 110 ? 14.309  14.552  3.413   1.00 40.72 ? 110 GLU A CD  1 
ATOM 783  O OE1 . GLU A 1 110 ? 15.147  13.616  3.405   1.00 39.43 ? 110 GLU A OE1 1 
ATOM 784  O OE2 . GLU A 1 110 ? 13.308  14.562  4.165   1.00 41.02 ? 110 GLU A OE2 1 
ATOM 785  N N   . MET A 1 111 ? 18.470  16.942  0.582   1.00 27.63 ? 111 MET A N   1 
ATOM 786  C CA  . MET A 1 111 ? 19.890  17.268  0.541   1.00 28.15 ? 111 MET A CA  1 
ATOM 787  C C   . MET A 1 111 ? 20.101  18.485  -0.336  1.00 28.76 ? 111 MET A C   1 
ATOM 788  O O   . MET A 1 111 ? 21.071  19.224  -0.168  1.00 31.25 ? 111 MET A O   1 
ATOM 789  C CB  . MET A 1 111 ? 20.692  16.098  -0.005  1.00 34.51 ? 111 MET A CB  1 
ATOM 790  C CG  . MET A 1 111 ? 20.602  14.843  0.826   1.00 44.04 ? 111 MET A CG  1 
ATOM 791  S SD  . MET A 1 111 ? 21.531  13.512  0.038   1.00 63.28 ? 111 MET A SD  1 
ATOM 792  C CE  . MET A 1 111 ? 23.202  13.882  0.640   1.00 55.83 ? 111 MET A CE  1 
ATOM 793  N N   . ALA A 1 112 ? 19.182  18.683  -1.277  1.00 23.36 ? 112 ALA A N   1 
ATOM 794  C CA  . ALA A 1 112 ? 19.239  19.826  -2.174  1.00 23.69 ? 112 ALA A CA  1 
ATOM 795  C C   . ALA A 1 112 ? 18.892  21.050  -1.345  1.00 26.81 ? 112 ALA A C   1 
ATOM 796  O O   . ALA A 1 112 ? 19.495  22.121  -1.514  1.00 28.00 ? 112 ALA A O   1 
ATOM 797  C CB  . ALA A 1 112 ? 18.230  19.658  -3.314  1.00 20.03 ? 112 ALA A CB  1 
ATOM 798  N N   . ALA A 1 113 ? 17.917  20.892  -0.446  1.00 24.53 ? 113 ALA A N   1 
ATOM 799  C CA  . ALA A 1 113 ? 17.510  22.004  0.413   1.00 25.95 ? 113 ALA A CA  1 
ATOM 800  C C   . ALA A 1 113 ? 18.661  22.358  1.358   1.00 23.57 ? 113 ALA A C   1 
ATOM 801  O O   . ALA A 1 113 ? 18.934  23.525  1.616   1.00 25.39 ? 113 ALA A O   1 
ATOM 802  C CB  . ALA A 1 113 ? 16.247  21.630  1.214   1.00 20.62 ? 113 ALA A CB  1 
ATOM 803  N N   . GLU A 1 114 ? 19.343  21.337  1.866   1.00 25.43 ? 114 GLU A N   1 
ATOM 804  C CA  . GLU A 1 114 ? 20.476  21.549  2.764   1.00 29.38 ? 114 GLU A CA  1 
ATOM 805  C C   . GLU A 1 114 ? 21.601  22.274  2.022   1.00 31.93 ? 114 GLU A C   1 
ATOM 806  O O   . GLU A 1 114 ? 22.189  23.228  2.535   1.00 39.52 ? 114 GLU A O   1 
ATOM 807  C CB  . GLU A 1 114 ? 20.986  20.203  3.291   1.00 34.66 ? 114 GLU A CB  1 
ATOM 808  C CG  . GLU A 1 114 ? 22.179  20.301  4.236   1.00 46.13 ? 114 GLU A CG  1 
ATOM 809  C CD  . GLU A 1 114 ? 21.876  21.127  5.480   1.00 55.64 ? 114 GLU A CD  1 
ATOM 810  O OE1 . GLU A 1 114 ? 20.885  20.815  6.172   1.00 61.50 ? 114 GLU A OE1 1 
ATOM 811  O OE2 . GLU A 1 114 ? 22.627  22.084  5.771   1.00 62.24 ? 114 GLU A OE2 1 
ATOM 812  N N   . ALA A 1 115 ? 21.907  21.814  0.812   1.00 32.87 ? 115 ALA A N   1 
ATOM 813  C CA  . ALA A 1 115 ? 22.957  22.439  0.007   1.00 27.55 ? 115 ALA A CA  1 
ATOM 814  C C   . ALA A 1 115 ? 22.608  23.903  -0.258  1.00 30.28 ? 115 ALA A C   1 
ATOM 815  O O   . ALA A 1 115 ? 23.456  24.784  -0.159  1.00 32.75 ? 115 ALA A O   1 
ATOM 816  C CB  . ALA A 1 115 ? 23.117  21.691  -1.314  1.00 26.48 ? 115 ALA A CB  1 
ATOM 817  N N   . ALA A 1 116 ? 21.355  24.159  -0.603  1.00 28.49 ? 116 ALA A N   1 
ATOM 818  C CA  . ALA A 1 116 ? 20.911  25.518  -0.869  1.00 30.73 ? 116 ALA A CA  1 
ATOM 819  C C   . ALA A 1 116 ? 21.193  26.391  0.348   1.00 35.82 ? 116 ALA A C   1 
ATOM 820  O O   . ALA A 1 116 ? 21.611  27.543  0.224   1.00 35.18 ? 116 ALA A O   1 
ATOM 821  C CB  . ALA A 1 116 ? 19.423  25.527  -1.189  1.00 26.98 ? 116 ALA A CB  1 
ATOM 822  N N   . TYR A 1 117 ? 20.964  25.828  1.528   1.00 36.11 ? 117 TYR A N   1 
ATOM 823  C CA  . TYR A 1 117 ? 21.185  26.530  2.787   1.00 34.72 ? 117 TYR A CA  1 
ATOM 824  C C   . TYR A 1 117 ? 22.667  26.821  3.022   1.00 34.99 ? 117 TYR A C   1 
ATOM 825  O O   . TYR A 1 117 ? 23.044  27.943  3.355   1.00 34.75 ? 117 TYR A O   1 
ATOM 826  C CB  . TYR A 1 117 ? 20.652  25.686  3.946   1.00 37.61 ? 117 TYR A CB  1 
ATOM 827  C CG  . TYR A 1 117 ? 20.902  26.300  5.305   1.00 43.98 ? 117 TYR A CG  1 
ATOM 828  C CD1 . TYR A 1 117 ? 20.211  27.438  5.713   1.00 45.92 ? 117 TYR A CD1 1 
ATOM 829  C CD2 . TYR A 1 117 ? 21.830  25.742  6.183   1.00 42.73 ? 117 TYR A CD2 1 
ATOM 830  C CE1 . TYR A 1 117 ? 20.436  28.007  6.966   1.00 48.38 ? 117 TYR A CE1 1 
ATOM 831  C CE2 . TYR A 1 117 ? 22.062  26.302  7.438   1.00 44.41 ? 117 TYR A CE2 1 
ATOM 832  C CZ  . TYR A 1 117 ? 21.361  27.432  7.822   1.00 47.22 ? 117 TYR A CZ  1 
ATOM 833  O OH  . TYR A 1 117 ? 21.571  27.984  9.067   1.00 54.01 ? 117 TYR A OH  1 
ATOM 834  N N   . GLN A 1 118 ? 23.497  25.797  2.851   1.00 30.39 ? 118 GLN A N   1 
ATOM 835  C CA  . GLN A 1 118 ? 24.931  25.922  3.066   1.00 31.86 ? 118 GLN A CA  1 
ATOM 836  C C   . GLN A 1 118 ? 25.591  26.944  2.140   1.00 35.51 ? 118 GLN A C   1 
ATOM 837  O O   . GLN A 1 118 ? 26.605  27.542  2.493   1.00 42.53 ? 118 GLN A O   1 
ATOM 838  C CB  . GLN A 1 118 ? 25.600  24.548  2.901   1.00 27.27 ? 118 GLN A CB  1 
ATOM 839  C CG  . GLN A 1 118 ? 25.027  23.489  3.839   1.00 29.66 ? 118 GLN A CG  1 
ATOM 840  C CD  . GLN A 1 118 ? 25.535  22.080  3.553   1.00 31.64 ? 118 GLN A CD  1 
ATOM 841  O OE1 . GLN A 1 118 ? 25.992  21.778  2.448   1.00 32.91 ? 118 GLN A OE1 1 
ATOM 842  N NE2 . GLN A 1 118 ? 25.431  21.200  4.548   1.00 33.54 ? 118 GLN A NE2 1 
ATOM 843  N N   . THR A 1 119 ? 25.013  27.153  0.961   1.00 36.41 ? 119 THR A N   1 
ATOM 844  C CA  . THR A 1 119 ? 25.589  28.106  0.023   1.00 33.21 ? 119 THR A CA  1 
ATOM 845  C C   . THR A 1 119 ? 24.947  29.484  0.128   1.00 30.99 ? 119 THR A C   1 
ATOM 846  O O   . THR A 1 119 ? 25.232  30.371  -0.666  1.00 36.87 ? 119 THR A O   1 
ATOM 847  C CB  . THR A 1 119 ? 25.532  27.562  -1.436  1.00 28.43 ? 119 THR A CB  1 
ATOM 848  O OG1 . THR A 1 119 ? 24.177  27.329  -1.839  1.00 27.44 ? 119 THR A OG1 1 
ATOM 849  C CG2 . THR A 1 119 ? 26.280  26.257  -1.508  1.00 21.85 ? 119 THR A CG2 1 
ATOM 850  N N   . GLY A 1 120 ? 24.095  29.662  1.134   1.00 31.16 ? 120 GLY A N   1 
ATOM 851  C CA  . GLY A 1 120 ? 23.460  30.947  1.351   1.00 32.25 ? 120 GLY A CA  1 
ATOM 852  C C   . GLY A 1 120 ? 22.146  31.182  0.639   1.00 40.74 ? 120 GLY A C   1 
ATOM 853  O O   . GLY A 1 120 ? 21.561  32.256  0.771   1.00 46.08 ? 120 GLY A O   1 
ATOM 854  N N   . ALA A 1 121 ? 21.677  30.203  -0.128  1.00 42.11 ? 121 ALA A N   1 
ATOM 855  C CA  . ALA A 1 121 ? 20.403  30.357  -0.826  1.00 42.88 ? 121 ALA A CA  1 
ATOM 856  C C   . ALA A 1 121 ? 19.264  30.022  0.141   1.00 44.64 ? 121 ALA A C   1 
ATOM 857  O O   . ALA A 1 121 ? 18.380  29.224  -0.167  1.00 48.10 ? 121 ALA A O   1 
ATOM 858  C CB  . ALA A 1 121 ? 20.352  29.446  -2.052  1.00 37.57 ? 121 ALA A CB  1 
ATOM 859  N N   . ASP A 1 122 ? 19.305  30.642  1.317   1.00 48.92 ? 122 ASP A N   1 
ATOM 860  C CA  . ASP A 1 122 ? 18.301  30.438  2.352   1.00 51.03 ? 122 ASP A CA  1 
ATOM 861  C C   . ASP A 1 122 ? 16.861  30.456  1.844   1.00 53.38 ? 122 ASP A C   1 
ATOM 862  O O   . ASP A 1 122 ? 16.016  29.705  2.337   1.00 55.26 ? 122 ASP A O   1 
ATOM 863  C CB  . ASP A 1 122 ? 18.464  31.496  3.445   1.00 53.63 ? 122 ASP A CB  1 
ATOM 864  C CG  . ASP A 1 122 ? 19.482  31.095  4.497   1.00 61.42 ? 122 ASP A CG  1 
ATOM 865  O OD1 . ASP A 1 122 ? 19.195  30.153  5.266   1.00 65.24 ? 122 ASP A OD1 1 
ATOM 866  O OD2 . ASP A 1 122 ? 20.567  31.715  4.558   1.00 62.41 ? 122 ASP A OD2 1 
ATOM 867  N N   . GLN A 1 123 ? 16.583  31.317  0.868   1.00 57.52 ? 123 GLN A N   1 
ATOM 868  C CA  . GLN A 1 123 ? 15.238  31.423  0.309   1.00 55.83 ? 123 GLN A CA  1 
ATOM 869  C C   . GLN A 1 123 ? 14.842  30.091  -0.298  1.00 51.90 ? 123 GLN A C   1 
ATOM 870  O O   . GLN A 1 123 ? 13.930  29.411  0.179   1.00 47.96 ? 123 GLN A O   1 
ATOM 871  C CB  . GLN A 1 123 ? 15.167  32.482  -0.802  1.00 60.25 ? 123 GLN A CB  1 
ATOM 872  C CG  . GLN A 1 123 ? 16.035  33.721  -0.614  1.00 64.10 ? 123 GLN A CG  1 
ATOM 873  C CD  . GLN A 1 123 ? 17.466  33.503  -1.068  1.00 63.02 ? 123 GLN A CD  1 
ATOM 874  O OE1 . GLN A 1 123 ? 17.709  32.987  -2.162  1.00 60.17 ? 123 GLN A OE1 1 
ATOM 875  N NE2 . GLN A 1 123 ? 18.421  33.906  -0.236  1.00 59.50 ? 123 GLN A NE2 1 
ATOM 876  N N   . ALA A 1 124 ? 15.546  29.741  -1.367  1.00 47.07 ? 124 ALA A N   1 
ATOM 877  C CA  . ALA A 1 124 ? 15.303  28.516  -2.100  1.00 47.41 ? 124 ALA A CA  1 
ATOM 878  C C   . ALA A 1 124 ? 15.352  27.295  -1.197  1.00 50.01 ? 124 ALA A C   1 
ATOM 879  O O   . ALA A 1 124 ? 14.879  26.221  -1.570  1.00 53.23 ? 124 ALA A O   1 
ATOM 880  C CB  . ALA A 1 124 ? 16.321  28.378  -3.224  1.00 46.34 ? 124 ALA A CB  1 
ATOM 881  N N   . SER A 1 125 ? 15.922  27.459  -0.010  1.00 47.89 ? 125 SER A N   1 
ATOM 882  C CA  . SER A 1 125 ? 16.040  26.352  0.929   1.00 45.03 ? 125 SER A CA  1 
ATOM 883  C C   . SER A 1 125 ? 14.721  26.132  1.659   1.00 46.89 ? 125 SER A C   1 
ATOM 884  O O   . SER A 1 125 ? 14.196  25.019  1.697   1.00 44.57 ? 125 SER A O   1 
ATOM 885  C CB  . SER A 1 125 ? 17.153  26.637  1.939   1.00 45.21 ? 125 SER A CB  1 
ATOM 886  O OG  . SER A 1 125 ? 17.405  25.514  2.762   1.00 42.28 ? 125 SER A OG  1 
ATOM 887  N N   . ILE A 1 126 ? 14.198  27.206  2.237   1.00 45.88 ? 126 ILE A N   1 
ATOM 888  C CA  . ILE A 1 126 ? 12.942  27.151  2.965   1.00 47.66 ? 126 ILE A CA  1 
ATOM 889  C C   . ILE A 1 126 ? 11.853  26.688  2.016   1.00 49.11 ? 126 ILE A C   1 
ATOM 890  O O   . ILE A 1 126 ? 11.040  25.826  2.355   1.00 50.09 ? 126 ILE A O   1 
ATOM 891  C CB  . ILE A 1 126 ? 12.575  28.537  3.537   1.00 49.99 ? 126 ILE A CB  1 
ATOM 892  C CG1 . ILE A 1 126 ? 13.596  28.931  4.605   1.00 51.98 ? 126 ILE A CG1 1 
ATOM 893  C CG2 . ILE A 1 126 ? 11.165  28.512  4.133   1.00 50.21 ? 126 ILE A CG2 1 
ATOM 894  C CD1 . ILE A 1 126 ? 13.363  30.315  5.202   1.00 60.59 ? 126 ILE A CD1 1 
ATOM 895  N N   . THR A 1 127 ? 11.854  27.259  0.817   1.00 46.57 ? 127 THR A N   1 
ATOM 896  C CA  . THR A 1 127 ? 10.866  26.905  -0.190  1.00 47.09 ? 127 THR A CA  1 
ATOM 897  C C   . THR A 1 127 ? 10.855  25.401  -0.410  1.00 46.08 ? 127 THR A C   1 
ATOM 898  O O   . THR A 1 127 ? 9.816   24.749  -0.321  1.00 49.59 ? 127 THR A O   1 
ATOM 899  C CB  . THR A 1 127 ? 11.179  27.583  -1.541  1.00 47.97 ? 127 THR A CB  1 
ATOM 900  O OG1 . THR A 1 127 ? 11.046  29.003  -1.407  1.00 50.38 ? 127 THR A OG1 1 
ATOM 901  C CG2 . THR A 1 127 ? 10.236  27.086  -2.623  1.00 50.49 ? 127 THR A CG2 1 
ATOM 902  N N   . ALA A 1 128 ? 12.026  24.859  -0.707  1.00 43.48 ? 128 ALA A N   1 
ATOM 903  C CA  . ALA A 1 128 ? 12.160  23.440  -0.961  1.00 41.16 ? 128 ALA A CA  1 
ATOM 904  C C   . ALA A 1 128 ? 11.719  22.625  0.252   1.00 42.66 ? 128 ALA A C   1 
ATOM 905  O O   . ALA A 1 128 ? 11.043  21.609  0.116   1.00 41.65 ? 128 ALA A O   1 
ATOM 906  C CB  . ALA A 1 128 ? 13.605  23.124  -1.320  1.00 40.79 ? 128 ALA A CB  1 
ATOM 907  N N   . ARG A 1 129 ? 12.098  23.083  1.439   1.00 42.16 ? 129 ARG A N   1 
ATOM 908  C CA  . ARG A 1 129 ? 11.752  22.384  2.669   1.00 39.74 ? 129 ARG A CA  1 
ATOM 909  C C   . ARG A 1 129 ? 10.231  22.273  2.809   1.00 38.71 ? 129 ARG A C   1 
ATOM 910  O O   . ARG A 1 129 ? 9.707   21.237  3.227   1.00 36.14 ? 129 ARG A O   1 
ATOM 911  C CB  . ARG A 1 129 ? 12.358  23.121  3.869   1.00 42.48 ? 129 ARG A CB  1 
ATOM 912  C CG  . ARG A 1 129 ? 12.312  22.365  5.206   1.00 48.88 ? 129 ARG A CG  1 
ATOM 913  C CD  . ARG A 1 129 ? 10.957  22.464  5.914   1.00 54.00 ? 129 ARG A CD  1 
ATOM 914  N NE  . ARG A 1 129 ? 10.931  23.456  6.996   1.00 61.00 ? 129 ARG A NE  1 
ATOM 915  C CZ  . ARG A 1 129 ? 10.836  24.775  6.825   1.00 60.27 ? 129 ARG A CZ  1 
ATOM 916  N NH1 . ARG A 1 129 ? 10.752  25.291  5.606   1.00 60.19 ? 129 ARG A NH1 1 
ATOM 917  N NH2 . ARG A 1 129 ? 10.808  25.582  7.877   1.00 58.41 ? 129 ARG A NH2 1 
ATOM 918  N N   . ASN A 1 130 ? 9.526   23.336  2.436   1.00 40.87 ? 130 ASN A N   1 
ATOM 919  C CA  . ASN A 1 130 ? 8.071   23.358  2.537   1.00 42.50 ? 130 ASN A CA  1 
ATOM 920  C C   . ASN A 1 130 ? 7.369   22.456  1.529   1.00 40.16 ? 130 ASN A C   1 
ATOM 921  O O   . ASN A 1 130 ? 6.347   21.860  1.851   1.00 43.11 ? 130 ASN A O   1 
ATOM 922  C CB  . ASN A 1 130 ? 7.546   24.796  2.410   1.00 46.77 ? 130 ASN A CB  1 
ATOM 923  C CG  . ASN A 1 130 ? 7.766   25.614  3.677   1.00 49.08 ? 130 ASN A CG  1 
ATOM 924  O OD1 . ASN A 1 130 ? 7.403   26.793  3.742   1.00 54.43 ? 130 ASN A OD1 1 
ATOM 925  N ND2 . ASN A 1 130 ? 8.360   24.992  4.691   1.00 47.43 ? 130 ASN A ND2 1 
ATOM 926  N N   . HIS A 1 131 ? 7.906   22.353  0.319   1.00 37.78 ? 131 HIS A N   1 
ATOM 927  C CA  . HIS A 1 131 ? 7.297   21.499  -0.700  1.00 39.51 ? 131 HIS A CA  1 
ATOM 928  C C   . HIS A 1 131 ? 7.497   20.030  -0.343  1.00 38.76 ? 131 HIS A C   1 
ATOM 929  O O   . HIS A 1 131 ? 6.643   19.186  -0.627  1.00 39.69 ? 131 HIS A O   1 
ATOM 930  C CB  . HIS A 1 131 ? 7.902   21.789  -2.080  1.00 41.54 ? 131 HIS A CB  1 
ATOM 931  C CG  . HIS A 1 131 ? 7.455   20.841  -3.155  1.00 46.07 ? 131 HIS A CG  1 
ATOM 932  N ND1 . HIS A 1 131 ? 8.269   19.849  -3.661  1.00 48.28 ? 131 HIS A ND1 1 
ATOM 933  C CD2 . HIS A 1 131 ? 6.279   20.735  -3.820  1.00 48.42 ? 131 HIS A CD2 1 
ATOM 934  C CE1 . HIS A 1 131 ? 7.616   19.175  -4.592  1.00 48.26 ? 131 HIS A CE1 1 
ATOM 935  N NE2 . HIS A 1 131 ? 6.405   19.692  -4.707  1.00 51.46 ? 131 HIS A NE2 1 
ATOM 936  N N   . ILE A 1 132 ? 8.638   19.719  0.263   1.00 36.01 ? 132 ILE A N   1 
ATOM 937  C CA  . ILE A 1 132 ? 8.925   18.349  0.672   1.00 29.97 ? 132 ILE A CA  1 
ATOM 938  C C   . ILE A 1 132 ? 7.872   17.963  1.705   1.00 33.06 ? 132 ILE A C   1 
ATOM 939  O O   . ILE A 1 132 ? 7.297   16.875  1.659   1.00 32.70 ? 132 ILE A O   1 
ATOM 940  C CB  . ILE A 1 132 ? 10.342  18.247  1.298   1.00 25.19 ? 132 ILE A CB  1 
ATOM 941  C CG1 . ILE A 1 132 ? 11.400  18.336  0.188   1.00 27.65 ? 132 ILE A CG1 1 
ATOM 942  C CG2 . ILE A 1 132 ? 10.490  16.944  2.082   1.00 25.09 ? 132 ILE A CG2 1 
ATOM 943  C CD1 . ILE A 1 132 ? 12.837  18.475  0.696   1.00 27.71 ? 132 ILE A CD1 1 
ATOM 944  N N   . GLN A 1 133 ? 7.611   18.882  2.626   1.00 31.55 ? 133 GLN A N   1 
ATOM 945  C CA  . GLN A 1 133 ? 6.621   18.653  3.668   1.00 36.60 ? 133 GLN A CA  1 
ATOM 946  C C   . GLN A 1 133 ? 5.251   18.294  3.094   1.00 34.58 ? 133 GLN A C   1 
ATOM 947  O O   . GLN A 1 133 ? 4.660   17.285  3.475   1.00 37.27 ? 133 GLN A O   1 
ATOM 948  C CB  . GLN A 1 133 ? 6.482   19.895  4.542   1.00 43.45 ? 133 GLN A CB  1 
ATOM 949  C CG  . GLN A 1 133 ? 7.735   20.276  5.310   1.00 52.26 ? 133 GLN A CG  1 
ATOM 950  C CD  . GLN A 1 133 ? 7.950   19.433  6.545   1.00 52.76 ? 133 GLN A CD  1 
ATOM 951  O OE1 . GLN A 1 133 ? 8.112   18.214  6.465   1.00 57.74 ? 133 GLN A OE1 1 
ATOM 952  N NE2 . GLN A 1 133 ? 7.957   20.082  7.704   1.00 57.27 ? 133 GLN A NE2 1 
ATOM 953  N N   . LEU A 1 134 ? 4.745   19.125  2.188   1.00 36.34 ? 134 LEU A N   1 
ATOM 954  C CA  . LEU A 1 134 ? 3.431   18.896  1.585   1.00 36.99 ? 134 LEU A CA  1 
ATOM 955  C C   . LEU A 1 134 ? 3.363   17.582  0.818   1.00 36.02 ? 134 LEU A C   1 
ATOM 956  O O   . LEU A 1 134 ? 2.329   16.909  0.804   1.00 39.56 ? 134 LEU A O   1 
ATOM 957  C CB  . LEU A 1 134 ? 3.055   20.061  0.661   1.00 38.60 ? 134 LEU A CB  1 
ATOM 958  C CG  . LEU A 1 134 ? 2.546   21.357  1.310   1.00 42.33 ? 134 LEU A CG  1 
ATOM 959  C CD1 . LEU A 1 134 ? 1.266   21.077  2.097   1.00 43.22 ? 134 LEU A CD1 1 
ATOM 960  C CD2 . LEU A 1 134 ? 3.600   21.943  2.227   1.00 43.54 ? 134 LEU A CD2 1 
ATOM 961  N N   . VAL A 1 135 ? 4.464   17.221  0.173   1.00 33.08 ? 135 VAL A N   1 
ATOM 962  C CA  . VAL A 1 135 ? 4.519   15.971  -0.568  1.00 32.66 ? 135 VAL A CA  1 
ATOM 963  C C   . VAL A 1 135 ? 4.409   14.802  0.416   1.00 35.13 ? 135 VAL A C   1 
ATOM 964  O O   . VAL A 1 135 ? 3.730   13.804  0.147   1.00 36.27 ? 135 VAL A O   1 
ATOM 965  C CB  . VAL A 1 135 ? 5.834   15.887  -1.371  1.00 32.56 ? 135 VAL A CB  1 
ATOM 966  C CG1 . VAL A 1 135 ? 6.028   14.499  -1.935  1.00 35.43 ? 135 VAL A CG1 1 
ATOM 967  C CG2 . VAL A 1 135 ? 5.793   16.910  -2.504  1.00 35.76 ? 135 VAL A CG2 1 
ATOM 968  N N   . LYS A 1 136 ? 5.063   14.938  1.565   1.00 32.45 ? 136 LYS A N   1 
ATOM 969  C CA  . LYS A 1 136 ? 5.018   13.898  2.586   1.00 33.06 ? 136 LYS A CA  1 
ATOM 970  C C   . LYS A 1 136 ? 3.606   13.765  3.143   1.00 32.09 ? 136 LYS A C   1 
ATOM 971  O O   . LYS A 1 136 ? 3.103   12.657  3.287   1.00 32.37 ? 136 LYS A O   1 
ATOM 972  C CB  . LYS A 1 136 ? 6.011   14.209  3.711   1.00 32.33 ? 136 LYS A CB  1 
ATOM 973  C CG  . LYS A 1 136 ? 7.457   13.961  3.290   1.00 43.68 ? 136 LYS A CG  1 
ATOM 974  C CD  . LYS A 1 136 ? 8.475   14.720  4.136   1.00 52.01 ? 136 LYS A CD  1 
ATOM 975  C CE  . LYS A 1 136 ? 8.498   14.255  5.579   1.00 56.18 ? 136 LYS A CE  1 
ATOM 976  N NZ  . LYS A 1 136 ? 9.626   14.885  6.331   1.00 55.55 ? 136 LYS A NZ  1 
ATOM 977  N N   . LEU A 1 137 ? 2.969   14.894  3.447   1.00 28.18 ? 137 LEU A N   1 
ATOM 978  C CA  . LEU A 1 137 ? 1.603   14.876  3.970   1.00 31.79 ? 137 LEU A CA  1 
ATOM 979  C C   . LEU A 1 137 ? 0.683   14.173  2.969   1.00 32.59 ? 137 LEU A C   1 
ATOM 980  O O   . LEU A 1 137 ? -0.165  13.361  3.328   1.00 28.92 ? 137 LEU A O   1 
ATOM 981  C CB  . LEU A 1 137 ? 1.100   16.305  4.186   1.00 33.29 ? 137 LEU A CB  1 
ATOM 982  C CG  . LEU A 1 137 ? -0.362  16.460  4.633   1.00 32.13 ? 137 LEU A CG  1 
ATOM 983  C CD1 . LEU A 1 137 ? -0.549  15.851  6.022   1.00 32.04 ? 137 LEU A CD1 1 
ATOM 984  C CD2 . LEU A 1 137 ? -0.738  17.945  4.661   1.00 31.77 ? 137 LEU A CD2 1 
ATOM 985  N N   . GLN A 1 138 ? 0.870   14.510  1.702   1.00 29.47 ? 138 GLN A N   1 
ATOM 986  C CA  . GLN A 1 138 ? 0.084   13.962  0.612   1.00 36.67 ? 138 GLN A CA  1 
ATOM 987  C C   . GLN A 1 138 ? 0.215   12.438  0.541   1.00 34.62 ? 138 GLN A C   1 
ATOM 988  O O   . GLN A 1 138 ? -0.783  11.724  0.460   1.00 35.82 ? 138 GLN A O   1 
ATOM 989  C CB  . GLN A 1 138 ? 0.561   14.614  -0.681  1.00 40.02 ? 138 GLN A CB  1 
ATOM 990  C CG  . GLN A 1 138 ? -0.324  14.443  -1.885  1.00 41.90 ? 138 GLN A CG  1 
ATOM 991  C CD  . GLN A 1 138 ? 0.118   15.351  -3.016  1.00 44.84 ? 138 GLN A CD  1 
ATOM 992  O OE1 . GLN A 1 138 ? 1.317   15.455  -3.314  1.00 46.59 ? 138 GLN A OE1 1 
ATOM 993  N NE2 . GLN A 1 138 ? -0.841  16.015  -3.657  1.00 46.72 ? 138 GLN A NE2 1 
ATOM 994  N N   . VAL A 1 139 ? 1.452   11.945  0.575   1.00 31.68 ? 139 VAL A N   1 
ATOM 995  C CA  . VAL A 1 139 ? 1.701   10.508  0.524   1.00 32.31 ? 139 VAL A CA  1 
ATOM 996  C C   . VAL A 1 139 ? 1.159   9.811   1.766   1.00 33.92 ? 139 VAL A C   1 
ATOM 997  O O   . VAL A 1 139 ? 0.614   8.715   1.681   1.00 37.51 ? 139 VAL A O   1 
ATOM 998  C CB  . VAL A 1 139 ? 3.220   10.208  0.365   1.00 29.99 ? 139 VAL A CB  1 
ATOM 999  C CG1 . VAL A 1 139 ? 3.505   8.740   0.622   1.00 26.53 ? 139 VAL A CG1 1 
ATOM 1000 C CG2 . VAL A 1 139 ? 3.658   10.558  -1.043  1.00 29.00 ? 139 VAL A CG2 1 
ATOM 1001 N N   . GLU A 1 140 ? 1.305   10.452  2.920   1.00 31.46 ? 140 GLU A N   1 
ATOM 1002 C CA  . GLU A 1 140 ? 0.809   9.873   4.162   1.00 29.78 ? 140 GLU A CA  1 
ATOM 1003 C C   . GLU A 1 140 ? -0.706  9.686   4.127   1.00 32.00 ? 140 GLU A C   1 
ATOM 1004 O O   . GLU A 1 140 ? -1.231  8.733   4.700   1.00 33.56 ? 140 GLU A O   1 
ATOM 1005 C CB  . GLU A 1 140 ? 1.141   10.772  5.346   1.00 31.70 ? 140 GLU A CB  1 
ATOM 1006 C CG  . GLU A 1 140 ? 2.463   10.526  6.034   1.00 44.39 ? 140 GLU A CG  1 
ATOM 1007 C CD  . GLU A 1 140 ? 2.643   11.454  7.229   1.00 49.02 ? 140 GLU A CD  1 
ATOM 1008 O OE1 . GLU A 1 140 ? 2.657   12.680  7.014   1.00 50.83 ? 140 GLU A OE1 1 
ATOM 1009 O OE2 . GLU A 1 140 ? 2.757   10.970  8.380   1.00 54.70 ? 140 GLU A OE2 1 
ATOM 1010 N N   . GLU A 1 141 ? -1.407  10.602  3.461   1.00 29.84 ? 141 GLU A N   1 
ATOM 1011 C CA  . GLU A 1 141 ? -2.866  10.534  3.394   1.00 33.71 ? 141 GLU A CA  1 
ATOM 1012 C C   . GLU A 1 141 ? -3.403  9.436   2.475   1.00 32.94 ? 141 GLU A C   1 
ATOM 1013 O O   . GLU A 1 141 ? -4.402  8.797   2.799   1.00 37.20 ? 141 GLU A O   1 
ATOM 1014 C CB  . GLU A 1 141 ? -3.437  11.894  2.977   1.00 31.24 ? 141 GLU A CB  1 
ATOM 1015 C CG  . GLU A 1 141 ? -3.012  13.022  3.899   1.00 37.08 ? 141 GLU A CG  1 
ATOM 1016 C CD  . GLU A 1 141 ? -3.545  14.376  3.466   1.00 36.27 ? 141 GLU A CD  1 
ATOM 1017 O OE1 . GLU A 1 141 ? -3.479  14.686  2.252   1.00 35.49 ? 141 GLU A OE1 1 
ATOM 1018 O OE2 . GLU A 1 141 ? -4.016  15.136  4.339   1.00 39.46 ? 141 GLU A OE2 1 
ATOM 1019 N N   . VAL A 1 142 ? -2.759  9.219   1.329   1.00 33.56 ? 142 VAL A N   1 
ATOM 1020 C CA  . VAL A 1 142 ? -3.224  8.173   0.428   1.00 31.77 ? 142 VAL A CA  1 
ATOM 1021 C C   . VAL A 1 142 ? -2.854  6.840   1.059   1.00 32.21 ? 142 VAL A C   1 
ATOM 1022 O O   . VAL A 1 142 ? -3.556  5.844   0.907   1.00 33.02 ? 142 VAL A O   1 
ATOM 1023 C CB  . VAL A 1 142 ? -2.596  8.309   -0.980  1.00 28.79 ? 142 VAL A CB  1 
ATOM 1024 C CG1 . VAL A 1 142 ? -2.883  9.710   -1.540  1.00 25.97 ? 142 VAL A CG1 1 
ATOM 1025 C CG2 . VAL A 1 142 ? -1.111  8.069   -0.919  1.00 29.68 ? 142 VAL A CG2 1 
ATOM 1026 N N   . HIS A 1 143 ? -1.755  6.844   1.801   1.00 28.77 ? 143 HIS A N   1 
ATOM 1027 C CA  . HIS A 1 143 ? -1.288  5.655   2.501   1.00 30.65 ? 143 HIS A CA  1 
ATOM 1028 C C   . HIS A 1 143 ? -2.325  5.275   3.557   1.00 34.71 ? 143 HIS A C   1 
ATOM 1029 O O   . HIS A 1 143 ? -2.635  4.097   3.739   1.00 35.92 ? 143 HIS A O   1 
ATOM 1030 C CB  . HIS A 1 143 ? 0.052   5.948   3.181   1.00 33.25 ? 143 HIS A CB  1 
ATOM 1031 C CG  . HIS A 1 143 ? 1.035   4.825   3.084   1.00 40.73 ? 143 HIS A CG  1 
ATOM 1032 N ND1 . HIS A 1 143 ? 0.861   3.622   3.736   1.00 43.46 ? 143 HIS A ND1 1 
ATOM 1033 C CD2 . HIS A 1 143 ? 2.185   4.709   2.377   1.00 41.86 ? 143 HIS A CD2 1 
ATOM 1034 C CE1 . HIS A 1 143 ? 1.860   2.811   3.433   1.00 49.17 ? 143 HIS A CE1 1 
ATOM 1035 N NE2 . HIS A 1 143 ? 2.678   3.446   2.609   1.00 50.60 ? 143 HIS A NE2 1 
ATOM 1036 N N   . GLN A 1 144 ? -2.855  6.281   4.247   1.00 31.16 ? 144 GLN A N   1 
ATOM 1037 C CA  . GLN A 1 144 ? -3.862  6.068   5.280   1.00 31.28 ? 144 GLN A CA  1 
ATOM 1038 C C   . GLN A 1 144 ? -5.167  5.528   4.684   1.00 32.01 ? 144 GLN A C   1 
ATOM 1039 O O   . GLN A 1 144 ? -5.881  4.767   5.329   1.00 31.33 ? 144 GLN A O   1 
ATOM 1040 C CB  . GLN A 1 144 ? -4.126  7.376   6.040   1.00 27.09 ? 144 GLN A CB  1 
ATOM 1041 C CG  . GLN A 1 144 ? -5.258  7.321   7.099   1.00 25.13 ? 144 GLN A CG  1 
ATOM 1042 C CD  . GLN A 1 144 ? -4.855  6.636   8.397   1.00 25.93 ? 144 GLN A CD  1 
ATOM 1043 O OE1 . GLN A 1 144 ? -5.342  6.993   9.474   1.00 29.80 ? 144 GLN A OE1 1 
ATOM 1044 N NE2 . GLN A 1 144 ? -3.969  5.646   8.306   1.00 22.49 ? 144 GLN A NE2 1 
ATOM 1045 N N   . LEU A 1 145 ? -5.479  5.915   3.450   1.00 30.12 ? 145 LEU A N   1 
ATOM 1046 C CA  . LEU A 1 145 ? -6.693  5.418   2.811   1.00 29.56 ? 145 LEU A CA  1 
ATOM 1047 C C   . LEU A 1 145 ? -6.491  3.931   2.542   1.00 30.20 ? 145 LEU A C   1 
ATOM 1048 O O   . LEU A 1 145 ? -7.387  3.108   2.749   1.00 31.23 ? 145 LEU A O   1 
ATOM 1049 C CB  . LEU A 1 145 ? -6.945  6.144   1.489   1.00 32.06 ? 145 LEU A CB  1 
ATOM 1050 C CG  . LEU A 1 145 ? -7.925  7.324   1.483   1.00 40.56 ? 145 LEU A CG  1 
ATOM 1051 C CD1 . LEU A 1 145 ? -7.718  8.177   2.722   1.00 46.00 ? 145 LEU A CD1 1 
ATOM 1052 C CD2 . LEU A 1 145 ? -7.724  8.153   0.220   1.00 39.31 ? 145 LEU A CD2 1 
ATOM 1053 N N   . SER A 1 146 ? -5.296  3.597   2.081   1.00 27.84 ? 146 SER A N   1 
ATOM 1054 C CA  . SER A 1 146 ? -4.970  2.217   1.773   1.00 28.83 ? 146 SER A CA  1 
ATOM 1055 C C   . SER A 1 146 ? -5.027  1.385   3.039   1.00 29.51 ? 146 SER A C   1 
ATOM 1056 O O   . SER A 1 146 ? -5.521  0.257   3.027   1.00 30.18 ? 146 SER A O   1 
ATOM 1057 C CB  . SER A 1 146 ? -3.574  2.129   1.154   1.00 28.59 ? 146 SER A CB  1 
ATOM 1058 O OG  . SER A 1 146 ? -3.320  0.819   0.688   1.00 38.42 ? 146 SER A OG  1 
ATOM 1059 N N   . ARG A 1 147 ? -4.509  1.940   4.127   1.00 25.59 ? 147 ARG A N   1 
ATOM 1060 C CA  . ARG A 1 147 ? -4.512  1.241   5.401   1.00 27.02 ? 147 ARG A CA  1 
ATOM 1061 C C   . ARG A 1 147 ? -5.940  1.012   5.878   1.00 27.48 ? 147 ARG A C   1 
ATOM 1062 O O   . ARG A 1 147 ? -6.237  -0.009  6.491   1.00 24.95 ? 147 ARG A O   1 
ATOM 1063 C CB  . ARG A 1 147 ? -3.706  2.019   6.458   1.00 27.82 ? 147 ARG A CB  1 
ATOM 1064 C CG  . ARG A 1 147 ? -3.682  1.333   7.836   1.00 35.78 ? 147 ARG A CG  1 
ATOM 1065 C CD  . ARG A 1 147 ? -2.468  1.738   8.672   1.00 36.41 ? 147 ARG A CD  1 
ATOM 1066 N NE  . ARG A 1 147 ? -2.199  3.155   8.511   1.00 40.53 ? 147 ARG A NE  1 
ATOM 1067 C CZ  . ARG A 1 147 ? -1.136  3.651   7.892   1.00 37.78 ? 147 ARG A CZ  1 
ATOM 1068 N NH1 . ARG A 1 147 ? -0.213  2.848   7.384   1.00 48.18 ? 147 ARG A NH1 1 
ATOM 1069 N NH2 . ARG A 1 147 ? -1.028  4.959   7.745   1.00 45.66 ? 147 ARG A NH2 1 
ATOM 1070 N N   . LYS A 1 148 ? -6.825  1.955   5.577   1.00 29.39 ? 148 LYS A N   1 
ATOM 1071 C CA  . LYS A 1 148 ? -8.233  1.847   5.949   1.00 30.78 ? 148 LYS A CA  1 
ATOM 1072 C C   . LYS A 1 148 ? -8.845  0.664   5.182   1.00 33.53 ? 148 LYS A C   1 
ATOM 1073 O O   . LYS A 1 148 ? -9.639  -0.099  5.726   1.00 28.98 ? 148 LYS A O   1 
ATOM 1074 C CB  . LYS A 1 148 ? -8.959  3.152   5.599   1.00 32.24 ? 148 LYS A CB  1 
ATOM 1075 C CG  . LYS A 1 148 ? -10.227 3.431   6.409   1.00 42.73 ? 148 LYS A CG  1 
ATOM 1076 C CD  . LYS A 1 148 ? -11.438 2.647   5.898   1.00 53.28 ? 148 LYS A CD  1 
ATOM 1077 C CE  . LYS A 1 148 ? -12.656 2.823   6.813   1.00 55.66 ? 148 LYS A CE  1 
ATOM 1078 N NZ  . LYS A 1 148 ? -13.089 4.245   6.939   1.00 57.58 ? 148 LYS A NZ  1 
ATOM 1079 N N   . ALA A 1 149 ? -8.461  0.512   3.916   1.00 30.28 ? 149 ALA A N   1 
ATOM 1080 C CA  . ALA A 1 149 ? -8.955  -0.590  3.108   1.00 28.10 ? 149 ALA A CA  1 
ATOM 1081 C C   . ALA A 1 149 ? -8.417  -1.918  3.658   1.00 31.53 ? 149 ALA A C   1 
ATOM 1082 O O   . ALA A 1 149 ? -9.138  -2.923  3.710   1.00 32.81 ? 149 ALA A O   1 
ATOM 1083 C CB  . ALA A 1 149 ? -8.512  -0.416  1.663   1.00 18.87 ? 149 ALA A CB  1 
ATOM 1084 N N   . GLU A 1 150 ? -7.149  -1.916  4.064   1.00 27.08 ? 150 GLU A N   1 
ATOM 1085 C CA  . GLU A 1 150 ? -6.521  -3.126  4.598   1.00 28.13 ? 150 GLU A CA  1 
ATOM 1086 C C   . GLU A 1 150 ? -7.225  -3.604  5.858   1.00 30.56 ? 150 GLU A C   1 
ATOM 1087 O O   . GLU A 1 150 ? -7.331  -4.807  6.114   1.00 31.31 ? 150 GLU A O   1 
ATOM 1088 C CB  . GLU A 1 150 ? -5.033  -2.874  4.886   1.00 22.60 ? 150 GLU A CB  1 
ATOM 1089 C CG  . GLU A 1 150 ? -4.171  -2.829  3.622   1.00 28.42 ? 150 GLU A CG  1 
ATOM 1090 C CD  . GLU A 1 150 ? -2.722  -2.433  3.891   1.00 31.72 ? 150 GLU A CD  1 
ATOM 1091 O OE1 . GLU A 1 150 ? -1.858  -2.693  3.030   1.00 30.09 ? 150 GLU A OE1 1 
ATOM 1092 O OE2 . GLU A 1 150 ? -2.439  -1.849  4.949   1.00 31.67 ? 150 GLU A OE2 1 
ATOM 1093 N N   . THR A 1 151 ? -7.709  -2.650  6.640   1.00 29.92 ? 151 THR A N   1 
ATOM 1094 C CA  . THR A 1 151 ? -8.410  -2.946  7.878   1.00 26.33 ? 151 THR A CA  1 
ATOM 1095 C C   . THR A 1 151 ? -9.731  -3.649  7.584   1.00 28.24 ? 151 THR A C   1 
ATOM 1096 O O   . THR A 1 151 ? -10.141 -4.556  8.317   1.00 27.29 ? 151 THR A O   1 
ATOM 1097 C CB  . THR A 1 151 ? -8.665  -1.651  8.664   1.00 24.55 ? 151 THR A CB  1 
ATOM 1098 O OG1 . THR A 1 151 ? -7.407  -1.090  9.061   1.00 23.24 ? 151 THR A OG1 1 
ATOM 1099 C CG2 . THR A 1 151 ? -9.515  -1.916  9.904   1.00 22.60 ? 151 THR A CG2 1 
ATOM 1100 N N   . LYS A 1 152 ? -10.396 -3.231  6.511   1.00 31.06 ? 152 LYS A N   1 
ATOM 1101 C CA  . LYS A 1 152 ? -11.662 -3.835  6.116   1.00 35.19 ? 152 LYS A CA  1 
ATOM 1102 C C   . LYS A 1 152 ? -11.406 -5.228  5.565   1.00 28.21 ? 152 LYS A C   1 
ATOM 1103 O O   . LYS A 1 152 ? -12.198 -6.149  5.768   1.00 29.47 ? 152 LYS A O   1 
ATOM 1104 C CB  . LYS A 1 152 ? -12.348 -2.980  5.048   1.00 39.15 ? 152 LYS A CB  1 
ATOM 1105 C CG  . LYS A 1 152 ? -12.822 -1.615  5.545   1.00 46.71 ? 152 LYS A CG  1 
ATOM 1106 C CD  . LYS A 1 152 ? -13.449 -0.818  4.410   1.00 60.85 ? 152 LYS A CD  1 
ATOM 1107 C CE  . LYS A 1 152 ? -13.994 0.525   4.879   1.00 64.96 ? 152 LYS A CE  1 
ATOM 1108 N NZ  . LYS A 1 152 ? -15.100 0.371   5.860   1.00 67.59 ? 152 LYS A NZ  1 
ATOM 1109 N N   . LEU A 1 153 ? -10.293 -5.377  4.860   1.00 24.62 ? 153 LEU A N   1 
ATOM 1110 C CA  . LEU A 1 153 ? -9.934  -6.665  4.289   1.00 27.61 ? 153 LEU A CA  1 
ATOM 1111 C C   . LEU A 1 153 ? -9.583  -7.653  5.396   1.00 30.72 ? 153 LEU A C   1 
ATOM 1112 O O   . LEU A 1 153 ? -10.004 -8.809  5.371   1.00 29.78 ? 153 LEU A O   1 
ATOM 1113 C CB  . LEU A 1 153 ? -8.744  -6.522  3.343   1.00 27.56 ? 153 LEU A CB  1 
ATOM 1114 C CG  . LEU A 1 153 ? -8.195  -7.880  2.884   1.00 27.36 ? 153 LEU A CG  1 
ATOM 1115 C CD1 . LEU A 1 153 ? -9.290  -8.650  2.134   1.00 27.80 ? 153 LEU A CD1 1 
ATOM 1116 C CD2 . LEU A 1 153 ? -6.986  -7.672  1.998   1.00 17.40 ? 153 LEU A CD2 1 
ATOM 1117 N N   . ALA A 1 154 ? -8.814  -7.185  6.371   1.00 25.83 ? 154 ALA A N   1 
ATOM 1118 C CA  . ALA A 1 154 ? -8.409  -8.028  7.489   1.00 28.53 ? 154 ALA A CA  1 
ATOM 1119 C C   . ALA A 1 154 ? -9.626  -8.483  8.284   1.00 32.05 ? 154 ALA A C   1 
ATOM 1120 O O   . ALA A 1 154 ? -9.703  -9.635  8.700   1.00 30.84 ? 154 ALA A O   1 
ATOM 1121 C CB  . ALA A 1 154 ? -7.445  -7.280  8.392   1.00 21.78 ? 154 ALA A CB  1 
ATOM 1122 N N   . GLU A 1 155 ? -10.580 -7.583  8.497   1.00 31.14 ? 155 GLU A N   1 
ATOM 1123 C CA  . GLU A 1 155 ? -11.770 -7.947  9.243   1.00 35.16 ? 155 GLU A CA  1 
ATOM 1124 C C   . GLU A 1 155 ? -12.557 -9.016  8.485   1.00 33.46 ? 155 GLU A C   1 
ATOM 1125 O O   . GLU A 1 155 ? -13.105 -9.947  9.086   1.00 33.65 ? 155 GLU A O   1 
ATOM 1126 C CB  . GLU A 1 155 ? -12.659 -6.728  9.495   1.00 38.84 ? 155 GLU A CB  1 
ATOM 1127 C CG  . GLU A 1 155 ? -13.970 -7.089  10.172  1.00 49.90 ? 155 GLU A CG  1 
ATOM 1128 C CD  . GLU A 1 155 ? -13.772 -7.896  11.459  1.00 60.30 ? 155 GLU A CD  1 
ATOM 1129 O OE1 . GLU A 1 155 ? -14.758 -8.494  11.949  1.00 64.82 ? 155 GLU A OE1 1 
ATOM 1130 O OE2 . GLU A 1 155 ? -12.639 -7.928  11.987  1.00 62.79 ? 155 GLU A OE2 1 
ATOM 1131 N N   . ALA A 1 156 ? -12.616 -8.875  7.166   1.00 33.32 ? 156 ALA A N   1 
ATOM 1132 C CA  . ALA A 1 156 ? -13.318 -9.845  6.345   1.00 35.97 ? 156 ALA A CA  1 
ATOM 1133 C C   . ALA A 1 156 ? -12.582 -11.194 6.382   1.00 34.40 ? 156 ALA A C   1 
ATOM 1134 O O   . ALA A 1 156 ? -13.215 -12.237 6.478   1.00 35.96 ? 156 ALA A O   1 
ATOM 1135 C CB  . ALA A 1 156 ? -13.439 -9.336  4.908   1.00 29.16 ? 156 ALA A CB  1 
ATOM 1136 N N   . GLN A 1 157 ? -11.251 -11.167 6.319   1.00 34.84 ? 157 GLN A N   1 
ATOM 1137 C CA  . GLN A 1 157 ? -10.462 -12.403 6.365   1.00 34.19 ? 157 GLN A CA  1 
ATOM 1138 C C   . GLN A 1 157 ? -10.659 -13.079 7.718   1.00 35.63 ? 157 GLN A C   1 
ATOM 1139 O O   . GLN A 1 157 ? -10.789 -14.301 7.803   1.00 38.97 ? 157 GLN A O   1 
ATOM 1140 C CB  . GLN A 1 157 ? -8.968  -12.113 6.139   1.00 29.80 ? 157 GLN A CB  1 
ATOM 1141 C CG  . GLN A 1 157 ? -8.623  -11.687 4.710   1.00 37.12 ? 157 GLN A CG  1 
ATOM 1142 C CD  . GLN A 1 157 ? -7.162  -11.270 4.532   1.00 42.03 ? 157 GLN A CD  1 
ATOM 1143 O OE1 . GLN A 1 157 ? -6.588  -11.421 3.449   1.00 43.01 ? 157 GLN A OE1 1 
ATOM 1144 N NE2 . GLN A 1 157 ? -6.565  -10.726 5.589   1.00 45.59 ? 157 GLN A NE2 1 
ATOM 1145 N N   . ILE A 1 158 ? -10.689 -12.275 8.775   1.00 37.64 ? 158 ILE A N   1 
ATOM 1146 C CA  . ILE A 1 158 ? -10.887 -12.802 10.118  1.00 35.54 ? 158 ILE A CA  1 
ATOM 1147 C C   . ILE A 1 158 ? -12.266 -13.461 10.239  1.00 35.78 ? 158 ILE A C   1 
ATOM 1148 O O   . ILE A 1 158 ? -12.374 -14.581 10.741  1.00 32.87 ? 158 ILE A O   1 
ATOM 1149 C CB  . ILE A 1 158 ? -10.726 -11.682 11.181  1.00 35.65 ? 158 ILE A CB  1 
ATOM 1150 C CG1 . ILE A 1 158 ? -9.243  -11.295 11.290  1.00 35.04 ? 158 ILE A CG1 1 
ATOM 1151 C CG2 . ILE A 1 158 ? -11.284 -12.141 12.539  1.00 31.83 ? 158 ILE A CG2 1 
ATOM 1152 C CD1 . ILE A 1 158 ? -8.961  -10.072 12.157  1.00 32.31 ? 158 ILE A CD1 1 
ATOM 1153 N N   . GLU A 1 159 ? -13.309 -12.780 9.769   1.00 35.12 ? 159 GLU A N   1 
ATOM 1154 C CA  . GLU A 1 159 ? -14.665 -13.329 9.835   1.00 40.42 ? 159 GLU A CA  1 
ATOM 1155 C C   . GLU A 1 159 ? -14.779 -14.636 9.060   1.00 37.47 ? 159 GLU A C   1 
ATOM 1156 O O   . GLU A 1 159 ? -15.465 -15.565 9.486   1.00 33.01 ? 159 GLU A O   1 
ATOM 1157 C CB  . GLU A 1 159 ? -15.687 -12.321 9.294   1.00 43.32 ? 159 GLU A CB  1 
ATOM 1158 C CG  . GLU A 1 159 ? -16.079 -11.233 10.288  1.00 62.85 ? 159 GLU A CG  1 
ATOM 1159 C CD  . GLU A 1 159 ? -16.811 -11.780 11.517  1.00 72.19 ? 159 GLU A CD  1 
ATOM 1160 O OE1 . GLU A 1 159 ? -17.061 -10.995 12.460  1.00 77.95 ? 159 GLU A OE1 1 
ATOM 1161 O OE2 . GLU A 1 159 ? -17.143 -12.987 11.543  1.00 76.65 ? 159 GLU A OE2 1 
ATOM 1162 N N   . GLU A 1 160 ? -14.101 -14.692 7.919   1.00 33.18 ? 160 GLU A N   1 
ATOM 1163 C CA  . GLU A 1 160 ? -14.093 -15.872 7.075   1.00 31.46 ? 160 GLU A CA  1 
ATOM 1164 C C   . GLU A 1 160 ? -13.431 -17.038 7.810   1.00 32.82 ? 160 GLU A C   1 
ATOM 1165 O O   . GLU A 1 160 ? -13.911 -18.173 7.760   1.00 31.69 ? 160 GLU A O   1 
ATOM 1166 C CB  . GLU A 1 160 ? -13.331 -15.559 5.786   1.00 33.10 ? 160 GLU A CB  1 
ATOM 1167 C CG  . GLU A 1 160 ? -13.336 -16.651 4.733   1.00 36.84 ? 160 GLU A CG  1 
ATOM 1168 C CD  . GLU A 1 160 ? -12.310 -17.733 4.984   1.00 36.40 ? 160 GLU A CD  1 
ATOM 1169 O OE1 . GLU A 1 160 ? -11.153 -17.403 5.329   1.00 39.58 ? 160 GLU A OE1 1 
ATOM 1170 O OE2 . GLU A 1 160 ? -12.658 -18.919 4.810   1.00 38.08 ? 160 GLU A OE2 1 
ATOM 1171 N N   . LEU A 1 161 ? -12.324 -16.744 8.495   1.00 31.93 ? 161 LEU A N   1 
ATOM 1172 C CA  . LEU A 1 161 ? -11.592 -17.764 9.237   1.00 30.24 ? 161 LEU A CA  1 
ATOM 1173 C C   . LEU A 1 161 ? -12.413 -18.202 10.436  1.00 28.64 ? 161 LEU A C   1 
ATOM 1174 O O   . LEU A 1 161 ? -12.410 -19.373 10.806  1.00 29.33 ? 161 LEU A O   1 
ATOM 1175 C CB  . LEU A 1 161 ? -10.241 -17.221 9.714   1.00 28.24 ? 161 LEU A CB  1 
ATOM 1176 C CG  . LEU A 1 161 ? -9.003  -17.986 9.254   1.00 29.25 ? 161 LEU A CG  1 
ATOM 1177 C CD1 . LEU A 1 161 ? -7.867  -17.683 10.197  1.00 23.40 ? 161 LEU A CD1 1 
ATOM 1178 C CD2 . LEU A 1 161 ? -9.262  -19.482 9.220   1.00 31.02 ? 161 LEU A CD2 1 
ATOM 1179 N N   . LYS A 1 162 ? -13.105 -17.240 11.038  1.00 31.26 ? 162 LYS A N   1 
ATOM 1180 C CA  . LYS A 1 162 ? -13.981 -17.477 12.185  1.00 33.36 ? 162 LYS A CA  1 
ATOM 1181 C C   . LYS A 1 162 ? -15.001 -18.536 11.759  1.00 35.38 ? 162 LYS A C   1 
ATOM 1182 O O   . LYS A 1 162 ? -15.111 -19.605 12.361  1.00 37.69 ? 162 LYS A O   1 
ATOM 1183 C CB  . LYS A 1 162 ? -14.753 -16.200 12.520  1.00 33.97 ? 162 LYS A CB  1 
ATOM 1184 C CG  . LYS A 1 162 ? -14.773 -15.763 13.975  1.00 39.73 ? 162 LYS A CG  1 
ATOM 1185 C CD  . LYS A 1 162 ? -13.621 -14.814 14.252  1.00 40.79 ? 162 LYS A CD  1 
ATOM 1186 C CE  . LYS A 1 162 ? -13.800 -14.068 15.557  1.00 41.06 ? 162 LYS A CE  1 
ATOM 1187 N NZ  . LYS A 1 162 ? -14.237 -12.648 15.357  1.00 43.85 ? 162 LYS A NZ  1 
ATOM 1188 N N   . GLN A 1 163 ? -15.751 -18.208 10.712  1.00 35.92 ? 163 GLN A N   1 
ATOM 1189 C CA  . GLN A 1 163 ? -16.779 -19.089 10.190  1.00 37.21 ? 163 GLN A CA  1 
ATOM 1190 C C   . GLN A 1 163 ? -16.216 -20.435 9.757   1.00 32.22 ? 163 GLN A C   1 
ATOM 1191 O O   . GLN A 1 163 ? -16.723 -21.474 10.161  1.00 30.73 ? 163 GLN A O   1 
ATOM 1192 C CB  . GLN A 1 163 ? -17.487 -18.436 9.002   1.00 40.80 ? 163 GLN A CB  1 
ATOM 1193 C CG  . GLN A 1 163 ? -18.141 -17.101 9.301   1.00 51.95 ? 163 GLN A CG  1 
ATOM 1194 C CD  . GLN A 1 163 ? -19.369 -17.231 10.175  1.00 58.16 ? 163 GLN A CD  1 
ATOM 1195 O OE1 . GLN A 1 163 ? -19.280 -17.607 11.343  1.00 59.40 ? 163 GLN A OE1 1 
ATOM 1196 N NE2 . GLN A 1 163 ? -20.530 -16.925 9.607   1.00 64.63 ? 163 GLN A NE2 1 
ATOM 1197 N N   . LYS A 1 164 ? -15.165 -20.419 8.944   1.00 32.14 ? 164 LYS A N   1 
ATOM 1198 C CA  . LYS A 1 164 ? -14.579 -21.662 8.462   1.00 36.10 ? 164 LYS A CA  1 
ATOM 1199 C C   . LYS A 1 164 ? -14.128 -22.575 9.593   1.00 37.38 ? 164 LYS A C   1 
ATOM 1200 O O   . LYS A 1 164 ? -14.431 -23.761 9.582   1.00 38.20 ? 164 LYS A O   1 
ATOM 1201 C CB  . LYS A 1 164 ? -13.404 -21.390 7.515   1.00 38.26 ? 164 LYS A CB  1 
ATOM 1202 C CG  . LYS A 1 164 ? -12.924 -22.641 6.767   1.00 45.75 ? 164 LYS A CG  1 
ATOM 1203 C CD  . LYS A 1 164 ? -11.762 -22.336 5.811   1.00 52.47 ? 164 LYS A CD  1 
ATOM 1204 C CE  . LYS A 1 164 ? -11.196 -23.611 5.173   1.00 52.90 ? 164 LYS A CE  1 
ATOM 1205 N NZ  . LYS A 1 164 ? -9.937  -23.391 4.384   1.00 53.92 ? 164 LYS A NZ  1 
ATOM 1206 N N   . THR A 1 165 ? -13.397 -22.036 10.563  1.00 38.76 ? 165 THR A N   1 
ATOM 1207 C CA  . THR A 1 165 ? -12.942 -22.863 11.673  1.00 37.56 ? 165 THR A CA  1 
ATOM 1208 C C   . THR A 1 165 ? -14.149 -23.423 12.434  1.00 40.04 ? 165 THR A C   1 
ATOM 1209 O O   . THR A 1 165 ? -14.128 -24.566 12.891  1.00 40.29 ? 165 THR A O   1 
ATOM 1210 C CB  . THR A 1 165 ? -12.052 -22.070 12.638  1.00 37.39 ? 165 THR A CB  1 
ATOM 1211 O OG1 . THR A 1 165 ? -12.786 -20.959 13.169  1.00 34.99 ? 165 THR A OG1 1 
ATOM 1212 C CG2 . THR A 1 165 ? -10.815 -21.565 11.911  1.00 29.53 ? 165 THR A CG2 1 
ATOM 1213 N N   . GLN A 1 166 ? -15.200 -22.617 12.552  1.00 38.02 ? 166 GLN A N   1 
ATOM 1214 C CA  . GLN A 1 166 ? -16.420 -23.038 13.232  1.00 40.61 ? 166 GLN A CA  1 
ATOM 1215 C C   . GLN A 1 166 ? -17.076 -24.205 12.489  1.00 40.43 ? 166 GLN A C   1 
ATOM 1216 O O   . GLN A 1 166 ? -17.408 -25.234 13.091  1.00 37.61 ? 166 GLN A O   1 
ATOM 1217 C CB  . GLN A 1 166 ? -17.405 -21.873 13.304  1.00 44.84 ? 166 GLN A CB  1 
ATOM 1218 C CG  . GLN A 1 166 ? -18.794 -22.262 13.784  1.00 58.58 ? 166 GLN A CG  1 
ATOM 1219 C CD  . GLN A 1 166 ? -19.857 -21.251 13.388  1.00 71.47 ? 166 GLN A CD  1 
ATOM 1220 O OE1 . GLN A 1 166 ? -21.052 -21.491 13.570  1.00 76.59 ? 166 GLN A OE1 1 
ATOM 1221 N NE2 . GLN A 1 166 ? -19.427 -20.114 12.841  1.00 73.75 ? 166 GLN A NE2 1 
ATOM 1222 N N   . GLU A 1 167 ? -17.263 -24.042 11.183  1.00 40.69 ? 167 GLU A N   1 
ATOM 1223 C CA  . GLU A 1 167 ? -17.889 -25.085 10.377  1.00 47.93 ? 167 GLU A CA  1 
ATOM 1224 C C   . GLU A 1 167 ? -17.011 -26.331 10.410  1.00 46.37 ? 167 GLU A C   1 
ATOM 1225 O O   . GLU A 1 167 ? -17.512 -27.453 10.416  1.00 47.49 ? 167 GLU A O   1 
ATOM 1226 C CB  . GLU A 1 167 ? -18.090 -24.607 8.932   1.00 51.21 ? 167 GLU A CB  1 
ATOM 1227 C CG  . GLU A 1 167 ? -18.671 -23.189 8.805   1.00 66.86 ? 167 GLU A CG  1 
ATOM 1228 C CD  . GLU A 1 167 ? -20.050 -23.021 9.446   1.00 74.33 ? 167 GLU A CD  1 
ATOM 1229 O OE1 . GLU A 1 167 ? -20.490 -21.859 9.620   1.00 70.32 ? 167 GLU A OE1 1 
ATOM 1230 O OE2 . GLU A 1 167 ? -20.693 -24.042 9.768   1.00 78.02 ? 167 GLU A OE2 1 
ATOM 1231 N N   . GLU A 1 168 ? -15.698 -26.119 10.449  1.00 45.36 ? 168 GLU A N   1 
ATOM 1232 C CA  . GLU A 1 168 ? -14.740 -27.216 10.504  1.00 45.27 ? 168 GLU A CA  1 
ATOM 1233 C C   . GLU A 1 168 ? -14.939 -28.015 11.775  1.00 44.22 ? 168 GLU A C   1 
ATOM 1234 O O   . GLU A 1 168 ? -15.048 -29.236 11.732  1.00 49.27 ? 168 GLU A O   1 
ATOM 1235 C CB  . GLU A 1 168 ? -13.310 -26.672 10.464  1.00 50.41 ? 168 GLU A CB  1 
ATOM 1236 C CG  . GLU A 1 168 ? -12.613 -26.854 9.126   1.00 53.59 ? 168 GLU A CG  1 
ATOM 1237 C CD  . GLU A 1 168 ? -11.491 -25.850 8.900   1.00 59.02 ? 168 GLU A CD  1 
ATOM 1238 O OE1 . GLU A 1 168 ? -10.617 -25.694 9.785   1.00 56.33 ? 168 GLU A OE1 1 
ATOM 1239 O OE2 . GLU A 1 168 ? -11.487 -25.218 7.823   1.00 60.13 ? 168 GLU A OE2 1 
ATOM 1240 N N   . GLY A 1 169 ? -14.972 -27.320 12.908  1.00 40.35 ? 169 GLY A N   1 
ATOM 1241 C CA  . GLY A 1 169 ? -15.165 -27.994 14.180  1.00 43.79 ? 169 GLY A CA  1 
ATOM 1242 C C   . GLY A 1 169 ? -16.474 -28.763 14.250  1.00 41.03 ? 169 GLY A C   1 
ATOM 1243 O O   . GLY A 1 169 ? -16.523 -29.864 14.784  1.00 38.70 ? 169 GLY A O   1 
ATOM 1244 N N   . GLU A 1 170 ? -17.535 -28.191 13.693  1.00 39.96 ? 170 GLU A N   1 
ATOM 1245 C CA  . GLU A 1 170 ? -18.848 -28.826 13.710  1.00 43.58 ? 170 GLU A CA  1 
ATOM 1246 C C   . GLU A 1 170 ? -18.929 -30.066 12.824  1.00 45.48 ? 170 GLU A C   1 
ATOM 1247 O O   . GLU A 1 170 ? -19.547 -31.068 13.197  1.00 48.60 ? 170 GLU A O   1 
ATOM 1248 C CB  . GLU A 1 170 ? -19.918 -27.806 13.306  1.00 42.63 ? 170 GLU A CB  1 
ATOM 1249 C CG  . GLU A 1 170 ? -19.861 -26.544 14.166  1.00 39.14 ? 170 GLU A CG  1 
ATOM 1250 C CD  . GLU A 1 170 ? -20.949 -25.545 13.852  1.00 42.52 ? 170 GLU A CD  1 
ATOM 1251 O OE1 . GLU A 1 170 ? -21.553 -25.647 12.765  1.00 43.58 ? 170 GLU A OE1 1 
ATOM 1252 O OE2 . GLU A 1 170 ? -21.190 -24.645 14.692  1.00 42.18 ? 170 GLU A OE2 1 
ATOM 1253 N N   . GLU A 1 171 ? -18.311 -30.006 11.651  1.00 45.40 ? 171 GLU A N   1 
ATOM 1254 C CA  . GLU A 1 171 ? -18.326 -31.149 10.750  1.00 46.30 ? 171 GLU A CA  1 
ATOM 1255 C C   . GLU A 1 171 ? -17.462 -32.259 11.340  1.00 44.27 ? 171 GLU A C   1 
ATOM 1256 O O   . GLU A 1 171 ? -17.762 -33.442 11.187  1.00 48.51 ? 171 GLU A O   1 
ATOM 1257 C CB  . GLU A 1 171 ? -17.783 -30.749 9.379   1.00 48.59 ? 171 GLU A CB  1 
ATOM 1258 C CG  . GLU A 1 171 ? -18.538 -29.612 8.726   1.00 55.87 ? 171 GLU A CG  1 
ATOM 1259 C CD  . GLU A 1 171 ? -17.945 -29.214 7.387   1.00 60.55 ? 171 GLU A CD  1 
ATOM 1260 O OE1 . GLU A 1 171 ? -16.719 -28.968 7.327   1.00 65.36 ? 171 GLU A OE1 1 
ATOM 1261 O OE2 . GLU A 1 171 ? -18.706 -29.144 6.399   1.00 63.16 ? 171 GLU A OE2 1 
ATOM 1262 N N   . ARG A 1 172 ? -16.402 -31.857 12.031  1.00 39.69 ? 172 ARG A N   1 
ATOM 1263 C CA  . ARG A 1 172 ? -15.462 -32.782 12.643  1.00 36.24 ? 172 ARG A CA  1 
ATOM 1264 C C   . ARG A 1 172 ? -16.015 -33.426 13.915  1.00 37.86 ? 172 ARG A C   1 
ATOM 1265 O O   . ARG A 1 172 ? -15.710 -34.583 14.223  1.00 34.63 ? 172 ARG A O   1 
ATOM 1266 C CB  . ARG A 1 172 ? -14.168 -32.038 12.955  1.00 39.24 ? 172 ARG A CB  1 
ATOM 1267 C CG  . ARG A 1 172 ? -12.901 -32.847 12.744  1.00 43.28 ? 172 ARG A CG  1 
ATOM 1268 C CD  . ARG A 1 172 ? -12.596 -33.700 13.951  1.00 50.19 ? 172 ARG A CD  1 
ATOM 1269 N NE  . ARG A 1 172 ? -11.299 -34.353 13.820  1.00 55.99 ? 172 ARG A NE  1 
ATOM 1270 C CZ  . ARG A 1 172 ? -10.396 -34.407 14.794  1.00 58.61 ? 172 ARG A CZ  1 
ATOM 1271 N NH1 . ARG A 1 172 ? -10.650 -33.843 15.973  1.00 57.44 ? 172 ARG A NH1 1 
ATOM 1272 N NH2 . ARG A 1 172 ? -9.237  -35.022 14.587  1.00 60.27 ? 172 ARG A NH2 1 
ATOM 1273 N N   . ALA A 1 173 ? -16.813 -32.674 14.667  1.00 37.16 ? 173 ALA A N   1 
ATOM 1274 C CA  . ALA A 1 173 ? -17.410 -33.214 15.881  1.00 37.88 ? 173 ALA A CA  1 
ATOM 1275 C C   . ALA A 1 173 ? -18.402 -34.283 15.432  1.00 38.64 ? 173 ALA A C   1 
ATOM 1276 O O   . ALA A 1 173 ? -18.525 -35.338 16.056  1.00 37.57 ? 173 ALA A O   1 
ATOM 1277 C CB  . ALA A 1 173 ? -18.139 -32.103 16.664  1.00 30.57 ? 173 ALA A CB  1 
ATOM 1278 N N   . GLU A 1 174 ? -19.098 -33.995 14.336  1.00 37.81 ? 174 GLU A N   1 
ATOM 1279 C CA  . GLU A 1 174 ? -20.077 -34.907 13.764  1.00 43.79 ? 174 GLU A CA  1 
ATOM 1280 C C   . GLU A 1 174 ? -19.443 -36.233 13.377  1.00 46.56 ? 174 GLU A C   1 
ATOM 1281 O O   . GLU A 1 174 ? -19.927 -37.301 13.758  1.00 48.55 ? 174 GLU A O   1 
ATOM 1282 C CB  . GLU A 1 174 ? -20.720 -34.296 12.519  1.00 46.05 ? 174 GLU A CB  1 
ATOM 1283 C CG  . GLU A 1 174 ? -22.049 -33.619 12.755  1.00 57.44 ? 174 GLU A CG  1 
ATOM 1284 C CD  . GLU A 1 174 ? -22.638 -33.074 11.470  1.00 67.20 ? 174 GLU A CD  1 
ATOM 1285 O OE1 . GLU A 1 174 ? -22.042 -32.133 10.901  1.00 72.42 ? 174 GLU A OE1 1 
ATOM 1286 O OE2 . GLU A 1 174 ? -23.689 -33.591 11.026  1.00 71.37 ? 174 GLU A OE2 1 
ATOM 1287 N N   . SER A 1 175 ? -18.367 -36.158 12.603  1.00 45.85 ? 175 SER A N   1 
ATOM 1288 C CA  . SER A 1 175 ? -17.669 -37.356 12.151  1.00 47.13 ? 175 SER A CA  1 
ATOM 1289 C C   . SER A 1 175 ? -17.146 -38.159 13.333  1.00 44.97 ? 175 SER A C   1 
ATOM 1290 O O   . SER A 1 175 ? -17.106 -39.384 13.291  1.00 45.19 ? 175 SER A O   1 
ATOM 1291 C CB  . SER A 1 175 ? -16.507 -36.968 11.234  1.00 46.06 ? 175 SER A CB  1 
ATOM 1292 O OG  . SER A 1 175 ? -16.947 -36.037 10.259  1.00 55.19 ? 175 SER A OG  1 
ATOM 1293 N N   . GLU A 1 176 ? -16.743 -37.459 14.387  1.00 42.85 ? 176 GLU A N   1 
ATOM 1294 C CA  . GLU A 1 176 ? -16.223 -38.121 15.572  1.00 43.70 ? 176 GLU A CA  1 
ATOM 1295 C C   . GLU A 1 176 ? -17.357 -38.777 16.344  1.00 42.73 ? 176 GLU A C   1 
ATOM 1296 O O   . GLU A 1 176 ? -17.208 -39.886 16.873  1.00 42.51 ? 176 GLU A O   1 
ATOM 1297 C CB  . GLU A 1 176 ? -15.498 -37.119 16.468  1.00 52.81 ? 176 GLU A CB  1 
ATOM 1298 C CG  . GLU A 1 176 ? -13.995 -37.342 16.550  1.00 63.56 ? 176 GLU A CG  1 
ATOM 1299 C CD  . GLU A 1 176 ? -13.355 -37.509 15.180  1.00 68.08 ? 176 GLU A CD  1 
ATOM 1300 O OE1 . GLU A 1 176 ? -13.542 -36.618 14.324  1.00 72.06 ? 176 GLU A OE1 1 
ATOM 1301 O OE2 . GLU A 1 176 ? -12.666 -38.532 14.961  1.00 69.02 ? 176 GLU A OE2 1 
ATOM 1302 N N   . GLN A 1 177 ? -18.491 -38.087 16.408  1.00 36.33 ? 177 GLN A N   1 
ATOM 1303 C CA  . GLN A 1 177 ? -19.642 -38.623 17.111  1.00 37.17 ? 177 GLN A CA  1 
ATOM 1304 C C   . GLN A 1 177 ? -20.157 -39.849 16.365  1.00 39.43 ? 177 GLN A C   1 
ATOM 1305 O O   . GLN A 1 177 ? -20.464 -40.874 16.980  1.00 33.73 ? 177 GLN A O   1 
ATOM 1306 C CB  . GLN A 1 177 ? -20.727 -37.545 17.239  1.00 35.95 ? 177 GLN A CB  1 
ATOM 1307 C CG  . GLN A 1 177 ? -20.331 -36.457 18.234  1.00 36.16 ? 177 GLN A CG  1 
ATOM 1308 C CD  . GLN A 1 177 ? -21.119 -35.167 18.085  1.00 35.96 ? 177 GLN A CD  1 
ATOM 1309 O OE1 . GLN A 1 177 ? -22.046 -35.069 17.278  1.00 30.15 ? 177 GLN A OE1 1 
ATOM 1310 N NE2 . GLN A 1 177 ? -20.747 -34.167 18.869  1.00 39.34 ? 177 GLN A NE2 1 
ATOM 1311 N N   . GLU A 1 178 ? -20.221 -39.751 15.037  1.00 42.35 ? 178 GLU A N   1 
ATOM 1312 C CA  . GLU A 1 178 ? -20.694 -40.861 14.216  1.00 43.69 ? 178 GLU A CA  1 
ATOM 1313 C C   . GLU A 1 178 ? -19.742 -42.048 14.325  1.00 44.76 ? 178 GLU A C   1 
ATOM 1314 O O   . GLU A 1 178 ? -20.173 -43.207 14.293  1.00 43.21 ? 178 GLU A O   1 
ATOM 1315 C CB  . GLU A 1 178 ? -20.834 -40.424 12.760  1.00 44.07 ? 178 GLU A CB  1 
ATOM 1316 C CG  . GLU A 1 178 ? -21.946 -39.406 12.559  1.00 51.89 ? 178 GLU A CG  1 
ATOM 1317 C CD  . GLU A 1 178 ? -22.043 -38.902 11.135  1.00 59.13 ? 178 GLU A CD  1 
ATOM 1318 O OE1 . GLU A 1 178 ? -21.038 -38.362 10.621  1.00 64.08 ? 178 GLU A OE1 1 
ATOM 1319 O OE2 . GLU A 1 178 ? -23.129 -39.047 10.532  1.00 63.94 ? 178 GLU A OE2 1 
ATOM 1320 N N   . ALA A 1 179 ? -18.450 -41.755 14.467  1.00 41.80 ? 179 ALA A N   1 
ATOM 1321 C CA  . ALA A 1 179 ? -17.447 -42.802 14.596  1.00 43.70 ? 179 ALA A CA  1 
ATOM 1322 C C   . ALA A 1 179 ? -17.567 -43.437 15.983  1.00 43.91 ? 179 ALA A C   1 
ATOM 1323 O O   . ALA A 1 179 ? -17.306 -44.631 16.155  1.00 46.19 ? 179 ALA A O   1 
ATOM 1324 C CB  . ALA A 1 179 ? -16.053 -42.229 14.387  1.00 42.51 ? 179 ALA A CB  1 
ATOM 1325 N N   . TYR A 1 180 ? -17.974 -42.636 16.965  1.00 43.04 ? 180 TYR A N   1 
ATOM 1326 C CA  . TYR A 1 180 ? -18.159 -43.115 18.335  1.00 42.88 ? 180 TYR A CA  1 
ATOM 1327 C C   . TYR A 1 180 ? -19.315 -44.115 18.371  1.00 45.42 ? 180 TYR A C   1 
ATOM 1328 O O   . TYR A 1 180 ? -19.253 -45.133 19.060  1.00 42.67 ? 180 TYR A O   1 
ATOM 1329 C CB  . TYR A 1 180 ? -18.481 -41.941 19.265  1.00 37.67 ? 180 TYR A CB  1 
ATOM 1330 C CG  . TYR A 1 180 ? -18.688 -42.312 20.730  1.00 30.30 ? 180 TYR A CG  1 
ATOM 1331 C CD1 . TYR A 1 180 ? -17.611 -42.705 21.536  1.00 30.70 ? 180 TYR A CD1 1 
ATOM 1332 C CD2 . TYR A 1 180 ? -19.957 -42.236 21.318  1.00 27.83 ? 180 TYR A CD2 1 
ATOM 1333 C CE1 . TYR A 1 180 ? -17.792 -43.005 22.897  1.00 30.12 ? 180 TYR A CE1 1 
ATOM 1334 C CE2 . TYR A 1 180 ? -20.148 -42.536 22.680  1.00 31.99 ? 180 TYR A CE2 1 
ATOM 1335 C CZ  . TYR A 1 180 ? -19.060 -42.915 23.460  1.00 33.30 ? 180 TYR A CZ  1 
ATOM 1336 O OH  . TYR A 1 180 ? -19.234 -43.156 24.809  1.00 33.74 ? 180 TYR A OH  1 
ATOM 1337 N N   . LEU A 1 181 ? -20.374 -43.815 17.631  1.00 50.12 ? 181 LEU A N   1 
ATOM 1338 C CA  . LEU A 1 181 ? -21.535 -44.689 17.588  1.00 54.10 ? 181 LEU A CA  1 
ATOM 1339 C C   . LEU A 1 181 ? -21.266 -45.969 16.794  1.00 56.54 ? 181 LEU A C   1 
ATOM 1340 O O   . LEU A 1 181 ? -21.904 -46.996 17.028  1.00 59.80 ? 181 LEU A O   1 
ATOM 1341 C CB  . LEU A 1 181 ? -22.734 -43.931 17.016  1.00 51.19 ? 181 LEU A CB  1 
ATOM 1342 C CG  . LEU A 1 181 ? -23.282 -42.847 17.950  1.00 50.97 ? 181 LEU A CG  1 
ATOM 1343 C CD1 . LEU A 1 181 ? -24.425 -42.102 17.279  1.00 52.03 ? 181 LEU A CD1 1 
ATOM 1344 C CD2 . LEU A 1 181 ? -23.762 -43.491 19.241  1.00 49.78 ? 181 LEU A CD2 1 
ATOM 1345 N N   . ARG A 1 182 ? -20.322 -45.907 15.859  1.00 57.82 ? 182 ARG A N   1 
ATOM 1346 C CA  . ARG A 1 182 ? -19.953 -47.081 15.071  1.00 58.51 ? 182 ARG A CA  1 
ATOM 1347 C C   . ARG A 1 182 ? -19.192 -48.044 15.988  1.00 58.86 ? 182 ARG A C   1 
ATOM 1348 O O   . ARG A 1 182 ? -18.319 -48.789 15.546  1.00 58.02 ? 182 ARG A O   1 
ATOM 1349 C CB  . ARG A 1 182 ? -19.076 -46.678 13.876  1.00 63.59 ? 182 ARG A CB  1 
ATOM 1350 C CG  . ARG A 1 182 ? -19.851 -46.224 12.636  1.00 66.74 ? 182 ARG A CG  1 
ATOM 1351 C CD  . ARG A 1 182 ? -18.907 -45.761 11.522  1.00 68.90 ? 182 ARG A CD  1 
ATOM 1352 N NE  . ARG A 1 182 ? -18.481 -44.374 11.695  1.00 78.82 ? 182 ARG A NE  1 
ATOM 1353 C CZ  . ARG A 1 182 ? -17.370 -43.857 11.181  1.00 83.12 ? 182 ARG A CZ  1 
ATOM 1354 N NH1 . ARG A 1 182 ? -16.556 -44.611 10.459  1.00 80.10 ? 182 ARG A NH1 1 
ATOM 1355 N NH2 . ARG A 1 182 ? -17.072 -42.583 11.389  1.00 81.45 ? 182 ARG A NH2 1 
ATOM 1356 N N   . GLU A 1 183 ? -19.548 -47.993 17.271  1.00 64.79 ? 183 GLU A N   1 
ATOM 1357 C CA  . GLU A 1 183 ? -18.984 -48.813 18.342  1.00 72.27 ? 183 GLU A CA  1 
ATOM 1358 C C   . GLU A 1 183 ? -17.734 -48.268 19.005  1.00 76.35 ? 183 GLU A C   1 
ATOM 1359 O O   . GLU A 1 183 ? -16.614 -48.509 18.557  1.00 77.06 ? 183 GLU A O   1 
ATOM 1360 C CB  . GLU A 1 183 ? -18.742 -50.250 17.870  1.00 75.15 ? 183 GLU A CB  1 
ATOM 1361 C CG  . GLU A 1 183 ? -19.941 -51.151 18.119  1.00 77.08 ? 183 GLU A CG  1 
ATOM 1362 C CD  . GLU A 1 183 ? -20.404 -51.095 19.569  1.00 79.29 ? 183 GLU A CD  1 
ATOM 1363 O OE1 . GLU A 1 183 ? -19.657 -51.567 20.453  1.00 79.97 ? 183 GLU A OE1 1 
ATOM 1364 O OE2 . GLU A 1 183 ? -21.510 -50.567 19.823  1.00 76.70 ? 183 GLU A OE2 1 
ATOM 1365 N N   . ASP A 1 184 ? -17.958 -47.538 20.094  1.00 82.67 ? 184 ASP A N   1 
ATOM 1366 C CA  . ASP A 1 184 ? -16.900 -46.925 20.891  1.00 85.40 ? 184 ASP A CA  1 
ATOM 1367 C C   . ASP A 1 184 ? -17.416 -46.722 22.319  1.00 86.14 ? 184 ASP A C   1 
ATOM 1368 O O   . ASP A 1 184 ? -16.666 -47.035 23.270  1.00 86.92 ? 184 ASP A O   1 
ATOM 1369 C CB  . ASP A 1 184 ? -16.483 -45.573 20.296  1.00 87.49 ? 184 ASP A CB  1 
ATOM 1370 C CG  . ASP A 1 184 ? -15.337 -45.691 19.303  1.00 88.78 ? 184 ASP A CG  1 
ATOM 1371 O OD1 . ASP A 1 184 ? -15.484 -46.406 18.288  1.00 86.27 ? 184 ASP A OD1 1 
ATOM 1372 O OD2 . ASP A 1 184 ? -14.286 -45.058 19.542  1.00 90.45 ? 184 ASP A OD2 1 
ATOM 1373 O OXT . ASP A 1 184 ? -18.564 -46.247 22.466  1.00 82.90 ? 184 ASP A OXT 1 
# 
